data_9AVG
#
_entry.id   9AVG
#
_cell.length_a   1.00
_cell.length_b   1.00
_cell.length_c   1.00
_cell.angle_alpha   90.00
_cell.angle_beta   90.00
_cell.angle_gamma   90.00
#
_symmetry.space_group_name_H-M   'P 1'
#
loop_
_entity.id
_entity.type
_entity.pdbx_description
1 polymer 'Isoform 1 of Extracellular calcium-sensing receptor'
2 polymer 'Chimeric mini guanine nucleotide-binding protein G(i)(s) subunit alpha'
3 polymer 'Guanine nucleotide-binding protein G(I)/G(S)/G(T) subunit beta-1'
4 polymer 'Guanine nucleotide-binding protein G(I)/G(S)/G(O) subunit gamma-2'
5 branched 2-acetamido-2-deoxy-beta-D-glucopyranose-(1-4)-2-acetamido-2-deoxy-beta-D-glucopyranose
6 non-polymer 2-acetamido-2-deoxy-beta-D-glucopyranose
7 non-polymer CYCLOMETHYLTRYPTOPHAN
8 non-polymer 'PHOSPHATE ION'
9 non-polymer 'CALCIUM ION'
10 non-polymer 3-(2-chlorophenyl)-N-[(1R)-1-(3-methoxyphenyl)ethyl]propan-1-amine
11 non-polymer 'CHOLESTEROL HEMISUCCINATE'
12 non-polymer '(19R,22S,25R)-22,25,26-trihydroxy-16,22-dioxo-17,21,23-trioxa-22lambda~5~-phosphahexacosan-19-yl (9Z)-octadec-9-enoate'
#
loop_
_entity_poly.entity_id
_entity_poly.type
_entity_poly.pdbx_seq_one_letter_code
_entity_poly.pdbx_strand_id
1 'polypeptide(L)'
;MAFYSCCWVLLALTWHTSADYKDDDDKYGPDQRAQKKGDIILGGLFPIHFGVAAKDQDLKSRPESVECIRYNFRGFRWLQ
AMIFAIEEINSSPALLPNLTLGYRIFDTCNTVSKALEATLSFVAQNKIDSLNLDEFCNCSEHIPSTIAVVGATGSGVSTA
VANLLGLFYIPQVSYASSSRLLSNKNQFKSFLRTIPNDEHQATAMADIIEYFRWNWVGTIAADDDYGRPGIEKFREEAEE
RDICIDFSELISQYSDEEEIQHVVEVIQNSTAKVIVVFSSGPDLEPLIKEIVRRNITGKIWLASEAWASSSLIAMPQYFH
VVGGTIGFALKAGQIPGFREFLKKVHPRKSVHNGFAKEFWEETFNCHLQEGAKGPLPVDTFLRGHEESGDRFSNSSTAFR
PLCTGDENISSVETPYIDYTHLRISYNVYLAVYSIAHALQDIYTCLPGRGLFTNGSCADIKKVEAWQVLKHLRHLNFTNN
MGEQVTFDECGDLVGNYSIINWHLSPEDGSIVFKEVGYYNVYAKKGERLFINEEKILWSGFSREVPFSNCSRDCLAGTRK
GIIEGEPTCCFECVECPDGEYSDETDASACNKCPDDFWSNENHTSCIAKEIEFLSWTEPFGIALTLFAVLGIFLTAFVLG
VFIKFRNTPIVKATNRELSYLLLFSLLCCFSSSLFFIGEPQDWTCRLRQPAFGISFVLCISCILVKTNRVLLVFEAKIPT
SFHRKWWGLNLQFLLVFLCTFMQIVICVIWLYTAPPSSYRNQELEDEIIFITCHEGSLMALGFLIGYTCLLAAICFFFAF
KSRKLPENFNEAKFITFSMLIFFIVWISFIPAYASTYGKFVSAVEVIAILAASFGLLACIFFNKIYIILFKPSRNTIEEV
RCSTAAHAFKVAARATLRRSNVSRKRSSSLG
;
Q,R
2 'polypeptide(L)'
;MGCTLSAEDKAAVERSKMIEKQLQKDKQVYRATHRLLLLGADNSGKSTIVKQMRILHGGSGGSGGTSGIFETKFQVDKVN
FHMFDVGGQRDERRKWIQCFNDVTAIIFVVDSSDYNRLQEALNDFKSIWNNRWLRTISVILFLNKQDLLAEKVLAGKSKI
EDYFPEFARYTTPEDATPEPGEDPRVTRAKYFIRDEFLRISTASGDGRHYCYPHFTCAVDTENARRIFNDCRDIIQRMHL
RQYELL
;
A
3 'polypeptide(L)'
;MDYKDDDDKSELDQLRQEAEQLKNQIRDARKACADATLSQITNNIDPVGRIQMRTRRTLRGHLAKIYAMHWGTDSRLLVS
ASQDGKLIIWDSYTTNKVHAIPLRSSWVMTCAYAPSGNYVACGGLDNICSIYNLKTREGNVRVSRELAGHTGYLSCCRFL
DDNQIVTSSGDTTCALWDIETGQQTTTFTGHTGDVMSLSLAPDTRLFVSGACDASAKLWDVREGMCRQTFTGHESDINAI
CFFPNGNAFATGSDDATCRLFDLRADQELMTYSHDNIICGITSVSFSKSGRLLLAGYDDFNCNVWDALKADRAGVLAGHD
NRVSCLGVTDDGMAVATGSWDSFLKIWN
;
B
4 'polypeptide(L)' MASNNTASIAQARKLVEQLKMEANIDRIKVSKAAADLMAYCEAHAKEDPLLTPVPASENPFREKKFFCAIL G
#
# COMPACT_ATOMS: atom_id res chain seq x y z
N GLY A 29 -88.30 -1.15 -27.46
CA GLY A 29 -87.31 -1.95 -26.79
C GLY A 29 -87.51 -2.00 -25.29
N PRO A 30 -86.63 -1.34 -24.55
CA PRO A 30 -86.79 -1.30 -23.09
C PRO A 30 -88.11 -0.67 -22.69
N ASP A 31 -88.75 -1.26 -21.69
CA ASP A 31 -90.04 -0.74 -21.22
C ASP A 31 -89.87 0.57 -20.47
N GLN A 32 -88.90 0.63 -19.56
CA GLN A 32 -88.63 1.85 -18.83
C GLN A 32 -87.88 2.82 -19.72
N ARG A 33 -88.43 4.02 -19.90
CA ARG A 33 -87.94 4.94 -20.92
C ARG A 33 -88.47 6.34 -20.60
N ALA A 34 -87.92 7.31 -21.33
CA ALA A 34 -88.38 8.69 -21.26
C ALA A 34 -88.79 9.11 -22.67
N GLN A 35 -90.09 9.21 -22.91
CA GLN A 35 -90.61 9.44 -24.25
C GLN A 35 -91.45 10.70 -24.27
N LYS A 36 -91.30 11.48 -25.34
CA LYS A 36 -92.18 12.62 -25.59
C LYS A 36 -92.24 12.83 -27.09
N LYS A 37 -93.44 12.89 -27.63
CA LYS A 37 -93.63 13.02 -29.07
C LYS A 37 -93.21 14.40 -29.56
N GLY A 38 -92.91 14.49 -30.84
CA GLY A 38 -92.58 15.73 -31.47
C GLY A 38 -92.56 15.56 -32.98
N ASP A 39 -92.17 16.64 -33.65
CA ASP A 39 -92.01 16.58 -35.10
C ASP A 39 -90.74 15.86 -35.52
N ILE A 40 -89.68 15.97 -34.72
CA ILE A 40 -88.39 15.36 -35.03
C ILE A 40 -87.89 14.69 -33.75
N ILE A 41 -87.84 13.37 -33.75
CA ILE A 41 -87.50 12.59 -32.55
C ILE A 41 -85.99 12.52 -32.42
N LEU A 42 -85.49 12.73 -31.20
CA LEU A 42 -84.07 12.65 -30.90
C LEU A 42 -83.82 11.48 -29.95
N GLY A 43 -82.90 10.60 -30.32
CA GLY A 43 -82.58 9.49 -29.45
C GLY A 43 -81.61 9.88 -28.35
N GLY A 44 -81.73 9.19 -27.22
CA GLY A 44 -80.85 9.44 -26.10
C GLY A 44 -80.49 8.19 -25.34
N LEU A 45 -79.23 8.06 -24.95
CA LEU A 45 -78.74 6.91 -24.19
C LEU A 45 -78.00 7.42 -22.97
N PHE A 46 -78.43 7.01 -21.78
CA PHE A 46 -77.84 7.48 -20.55
C PHE A 46 -77.75 6.35 -19.54
N PRO A 47 -76.72 6.36 -18.70
CA PRO A 47 -76.53 5.29 -17.70
C PRO A 47 -77.28 5.55 -16.39
N ILE A 48 -78.59 5.36 -16.43
CA ILE A 48 -79.41 5.55 -15.24
C ILE A 48 -79.05 4.54 -14.17
N HIS A 49 -78.53 3.38 -14.56
CA HIS A 49 -78.02 2.37 -13.64
C HIS A 49 -76.53 2.15 -13.93
N PHE A 50 -75.77 1.81 -12.90
CA PHE A 50 -74.33 1.65 -13.08
C PHE A 50 -73.97 0.36 -13.79
N GLY A 51 -74.80 -0.68 -13.63
CA GLY A 51 -74.49 -1.94 -14.27
C GLY A 51 -75.67 -2.88 -14.18
N VAL A 52 -75.42 -4.13 -14.55
CA VAL A 52 -76.46 -5.15 -14.57
C VAL A 52 -76.25 -6.11 -13.41
N ALA A 53 -77.22 -6.99 -13.18
CA ALA A 53 -77.11 -7.97 -12.12
C ALA A 53 -75.99 -8.97 -12.43
N ALA A 54 -75.46 -9.58 -11.37
CA ALA A 54 -74.33 -10.50 -11.49
C ALA A 54 -74.73 -11.90 -11.89
N LYS A 55 -76.03 -12.16 -12.07
CA LYS A 55 -76.49 -13.49 -12.47
C LYS A 55 -75.87 -13.89 -13.81
N ASP A 56 -75.12 -14.99 -13.80
CA ASP A 56 -74.51 -15.53 -15.00
C ASP A 56 -75.42 -16.63 -15.54
N GLN A 57 -75.83 -16.50 -16.80
CA GLN A 57 -76.77 -17.45 -17.38
C GLN A 57 -76.11 -18.81 -17.56
N ASP A 58 -76.75 -19.84 -17.03
CA ASP A 58 -76.38 -21.22 -17.29
C ASP A 58 -77.11 -21.80 -18.49
N LEU A 59 -78.06 -21.07 -19.05
CA LEU A 59 -78.88 -21.47 -20.19
C LEU A 59 -79.69 -22.73 -19.93
N LYS A 60 -79.99 -23.05 -18.67
CA LYS A 60 -80.89 -24.15 -18.39
C LYS A 60 -82.32 -23.78 -18.76
N SER A 61 -82.67 -22.51 -18.69
CA SER A 61 -83.98 -22.02 -19.10
C SER A 61 -83.77 -20.89 -20.09
N ARG A 62 -84.86 -20.49 -20.74
CA ARG A 62 -84.81 -19.40 -21.71
C ARG A 62 -84.19 -18.17 -21.04
N PRO A 63 -83.10 -17.63 -21.60
CA PRO A 63 -82.46 -16.47 -20.98
C PRO A 63 -83.43 -15.32 -20.84
N GLU A 64 -83.44 -14.73 -19.65
CA GLU A 64 -84.35 -13.64 -19.33
C GLU A 64 -83.64 -12.32 -19.64
N SER A 65 -84.32 -11.19 -19.43
CA SER A 65 -83.70 -9.88 -19.59
C SER A 65 -83.01 -9.51 -18.28
N VAL A 66 -81.75 -9.10 -18.40
CA VAL A 66 -80.95 -8.85 -17.21
C VAL A 66 -81.47 -7.62 -16.47
N GLU A 67 -81.31 -7.63 -15.16
CA GLU A 67 -81.79 -6.58 -14.27
C GLU A 67 -80.65 -5.63 -13.94
N CYS A 68 -80.96 -4.34 -13.96
CA CYS A 68 -79.96 -3.29 -13.78
C CYS A 68 -79.82 -2.93 -12.31
N ILE A 69 -78.62 -2.49 -11.92
CA ILE A 69 -78.22 -2.36 -10.53
C ILE A 69 -77.61 -0.96 -10.33
N ARG A 70 -77.61 -0.52 -9.06
CA ARG A 70 -76.87 0.66 -8.65
C ARG A 70 -77.35 1.92 -9.38
N TYR A 71 -78.56 2.37 -9.08
CA TYR A 71 -79.11 3.57 -9.67
C TYR A 71 -78.10 4.71 -9.63
N ASN A 72 -77.98 5.42 -10.75
CA ASN A 72 -76.97 6.45 -10.95
C ASN A 72 -77.67 7.80 -11.03
N PHE A 73 -77.57 8.58 -9.96
CA PHE A 73 -78.22 9.89 -9.93
C PHE A 73 -77.57 10.86 -10.91
N ARG A 74 -76.25 10.75 -11.10
CA ARG A 74 -75.55 11.59 -12.06
C ARG A 74 -76.04 11.31 -13.49
N GLY A 75 -76.26 10.04 -13.81
CA GLY A 75 -76.83 9.72 -15.11
C GLY A 75 -78.24 10.26 -15.28
N PHE A 76 -79.03 10.24 -14.19
CA PHE A 76 -80.35 10.85 -14.25
C PHE A 76 -80.26 12.35 -14.47
N ARG A 77 -79.26 13.00 -13.88
CA ARG A 77 -79.07 14.42 -14.14
C ARG A 77 -78.67 14.66 -15.60
N TRP A 78 -77.87 13.77 -16.18
CA TRP A 78 -77.54 13.88 -17.59
C TRP A 78 -78.79 13.76 -18.47
N LEU A 79 -79.65 12.79 -18.15
CA LEU A 79 -80.91 12.66 -18.87
C LEU A 79 -81.78 13.90 -18.71
N GLN A 80 -81.83 14.45 -17.50
CA GLN A 80 -82.56 15.68 -17.26
C GLN A 80 -81.96 16.84 -18.05
N ALA A 81 -80.64 16.84 -18.23
CA ALA A 81 -80.01 17.86 -19.06
C ALA A 81 -80.48 17.76 -20.50
N MET A 82 -80.54 16.54 -21.04
CA MET A 82 -81.07 16.35 -22.39
C MET A 82 -82.52 16.84 -22.50
N ILE A 83 -83.35 16.46 -21.52
CA ILE A 83 -84.76 16.83 -21.57
C ILE A 83 -84.92 18.35 -21.43
N PHE A 84 -84.13 18.95 -20.54
CA PHE A 84 -84.18 20.40 -20.34
C PHE A 84 -83.75 21.13 -21.61
N ALA A 85 -82.69 20.66 -22.27
CA ALA A 85 -82.26 21.28 -23.50
C ALA A 85 -83.35 21.20 -24.56
N ILE A 86 -83.97 20.02 -24.71
CA ILE A 86 -85.02 19.86 -25.70
C ILE A 86 -86.21 20.76 -25.38
N GLU A 87 -86.59 20.83 -24.11
CA GLU A 87 -87.73 21.67 -23.71
C GLU A 87 -87.44 23.14 -23.96
N GLU A 88 -86.22 23.58 -23.68
CA GLU A 88 -85.88 24.99 -23.85
C GLU A 88 -85.78 25.34 -25.34
N ILE A 89 -85.36 24.39 -26.17
CA ILE A 89 -85.40 24.62 -27.61
C ILE A 89 -86.84 24.69 -28.11
N ASN A 90 -87.72 23.83 -27.57
CA ASN A 90 -89.11 23.84 -27.98
C ASN A 90 -89.89 25.06 -27.51
N SER A 91 -89.36 25.79 -26.52
CA SER A 91 -90.03 26.98 -26.00
C SER A 91 -89.36 28.27 -26.47
N SER A 92 -88.36 28.19 -27.34
CA SER A 92 -87.61 29.36 -27.75
C SER A 92 -87.97 29.72 -29.19
N PRO A 93 -88.58 30.88 -29.43
CA PRO A 93 -88.86 31.33 -30.79
C PRO A 93 -87.63 31.89 -31.51
N ALA A 94 -86.49 31.23 -31.30
CA ALA A 94 -85.26 31.63 -31.97
C ALA A 94 -84.48 30.41 -32.44
N LEU A 95 -85.05 29.21 -32.39
CA LEU A 95 -84.38 27.99 -32.81
C LEU A 95 -85.47 26.95 -33.09
N LEU A 96 -85.53 26.50 -34.34
CA LEU A 96 -86.51 25.51 -34.80
C LEU A 96 -87.94 25.98 -34.50
N PRO A 97 -88.40 27.05 -35.15
CA PRO A 97 -89.77 27.50 -34.93
C PRO A 97 -90.78 26.60 -35.63
N ASN A 98 -91.96 26.49 -35.00
CA ASN A 98 -93.09 25.69 -35.47
C ASN A 98 -92.81 24.20 -35.51
N LEU A 99 -91.62 23.75 -35.08
CA LEU A 99 -91.31 22.34 -34.96
C LEU A 99 -91.05 22.03 -33.50
N THR A 100 -91.73 21.01 -32.98
CA THR A 100 -91.40 20.49 -31.66
C THR A 100 -90.38 19.37 -31.80
N LEU A 101 -89.42 19.35 -30.89
CA LEU A 101 -88.42 18.30 -30.84
C LEU A 101 -88.87 17.22 -29.88
N GLY A 102 -89.01 16.00 -30.38
CA GLY A 102 -89.36 14.86 -29.54
C GLY A 102 -88.11 14.13 -29.07
N TYR A 103 -88.32 13.21 -28.14
CA TYR A 103 -87.22 12.40 -27.65
C TYR A 103 -87.69 11.03 -27.22
N ARG A 104 -86.81 10.04 -27.37
CA ARG A 104 -86.97 8.68 -26.88
C ARG A 104 -85.65 8.30 -26.22
N ILE A 105 -85.57 8.50 -24.92
CA ILE A 105 -84.34 8.31 -24.16
C ILE A 105 -84.44 7.00 -23.40
N PHE A 106 -83.37 6.20 -23.46
CA PHE A 106 -83.32 4.90 -22.84
C PHE A 106 -82.18 4.82 -21.83
N ASP A 107 -82.18 3.72 -21.08
CA ASP A 107 -81.13 3.41 -20.12
C ASP A 107 -80.18 2.40 -20.75
N THR A 108 -78.88 2.65 -20.61
CA THR A 108 -77.87 1.73 -21.10
C THR A 108 -77.33 0.81 -20.01
N CYS A 109 -77.39 1.24 -18.74
CA CYS A 109 -76.83 0.48 -17.63
C CYS A 109 -75.35 0.19 -17.86
N ASN A 110 -74.67 1.12 -18.52
CA ASN A 110 -73.26 0.99 -18.90
C ASN A 110 -72.97 -0.32 -19.60
N THR A 111 -73.94 -0.84 -20.34
CA THR A 111 -73.86 -2.17 -20.92
C THR A 111 -74.17 -2.09 -22.41
N VAL A 112 -73.45 -2.89 -23.19
CA VAL A 112 -73.63 -2.87 -24.63
C VAL A 112 -75.00 -3.42 -25.02
N SER A 113 -75.48 -4.43 -24.31
CA SER A 113 -76.73 -5.10 -24.72
C SER A 113 -77.93 -4.17 -24.60
N LYS A 114 -78.03 -3.43 -23.48
CA LYS A 114 -79.16 -2.52 -23.31
C LYS A 114 -79.13 -1.41 -24.35
N ALA A 115 -77.95 -0.86 -24.60
CA ALA A 115 -77.80 0.17 -25.62
C ALA A 115 -78.16 -0.37 -27.00
N LEU A 116 -77.82 -1.62 -27.28
CA LEU A 116 -78.14 -2.19 -28.59
C LEU A 116 -79.62 -2.47 -28.74
N GLU A 117 -80.30 -2.88 -27.67
CA GLU A 117 -81.75 -2.99 -27.72
C GLU A 117 -82.37 -1.63 -28.04
N ALA A 118 -81.92 -0.59 -27.33
CA ALA A 118 -82.44 0.76 -27.61
C ALA A 118 -82.14 1.18 -29.04
N THR A 119 -80.94 0.87 -29.53
CA THR A 119 -80.53 1.24 -30.88
C THR A 119 -81.36 0.51 -31.93
N LEU A 120 -81.69 -0.76 -31.69
CA LEU A 120 -82.64 -1.46 -32.53
C LEU A 120 -84.02 -0.82 -32.49
N SER A 121 -84.39 -0.21 -31.37
CA SER A 121 -85.57 0.63 -31.32
C SER A 121 -85.36 2.00 -31.96
N PHE A 122 -84.12 2.36 -32.29
CA PHE A 122 -83.83 3.61 -32.98
C PHE A 122 -83.79 3.46 -34.49
N VAL A 123 -83.38 2.30 -34.99
CA VAL A 123 -83.22 2.06 -36.41
C VAL A 123 -84.35 1.18 -36.96
N ALA A 124 -85.48 1.10 -36.27
CA ALA A 124 -86.53 0.17 -36.66
C ALA A 124 -87.04 0.46 -38.07
N GLN A 125 -87.42 1.70 -38.34
CA GLN A 125 -87.87 2.06 -39.68
C GLN A 125 -86.74 1.94 -40.69
N ASN A 126 -85.54 2.36 -40.31
CA ASN A 126 -84.41 2.30 -41.22
C ASN A 126 -84.07 0.85 -41.58
N LYS A 127 -84.05 -0.04 -40.58
CA LYS A 127 -83.70 -1.43 -40.85
C LYS A 127 -84.83 -2.16 -41.57
N ILE A 128 -86.08 -1.76 -41.34
CA ILE A 128 -87.18 -2.29 -42.14
C ILE A 128 -87.00 -1.89 -43.60
N ASP A 129 -86.59 -0.64 -43.84
CA ASP A 129 -86.30 -0.21 -45.20
C ASP A 129 -85.14 -1.01 -45.79
N SER A 130 -84.11 -1.28 -44.98
CA SER A 130 -82.95 -2.01 -45.48
C SER A 130 -83.29 -3.46 -45.79
N LEU A 131 -84.06 -4.11 -44.91
CA LEU A 131 -84.41 -5.51 -45.11
C LEU A 131 -85.66 -5.66 -45.96
N ILE A 143 -94.08 3.82 -36.01
CA ILE A 143 -92.81 4.04 -35.34
C ILE A 143 -92.12 5.28 -35.89
N PRO A 144 -91.95 6.31 -35.05
CA PRO A 144 -91.27 7.51 -35.51
C PRO A 144 -89.80 7.25 -35.78
N SER A 145 -89.25 8.01 -36.71
CA SER A 145 -87.85 7.89 -37.08
C SER A 145 -87.00 8.83 -36.23
N THR A 146 -86.01 8.26 -35.55
CA THR A 146 -85.06 9.05 -34.78
C THR A 146 -84.05 9.70 -35.72
N ILE A 147 -83.85 11.02 -35.56
CA ILE A 147 -83.03 11.74 -36.52
C ILE A 147 -81.58 11.77 -36.06
N ALA A 148 -81.35 11.68 -34.76
CA ALA A 148 -80.01 11.71 -34.19
C ALA A 148 -80.08 11.12 -32.80
N VAL A 149 -78.94 10.63 -32.32
CA VAL A 149 -78.85 10.02 -31.00
C VAL A 149 -77.83 10.77 -30.16
N VAL A 150 -78.22 11.10 -28.93
CA VAL A 150 -77.32 11.67 -27.94
C VAL A 150 -76.86 10.53 -27.04
N GLY A 151 -75.61 10.13 -27.18
CA GLY A 151 -75.08 9.02 -26.41
C GLY A 151 -74.02 8.27 -27.19
N ALA A 152 -73.33 7.39 -26.50
CA ALA A 152 -73.58 7.11 -25.10
C ALA A 152 -72.37 7.47 -24.25
N THR A 153 -72.40 7.09 -22.98
CA THR A 153 -71.34 7.41 -22.02
C THR A 153 -70.08 6.59 -22.25
N GLY A 154 -70.18 5.26 -22.15
CA GLY A 154 -69.00 4.42 -22.30
C GLY A 154 -68.59 4.31 -23.75
N SER A 155 -67.28 4.12 -23.95
CA SER A 155 -66.76 4.08 -25.31
C SER A 155 -67.04 2.75 -25.99
N GLY A 156 -67.08 1.65 -25.24
CA GLY A 156 -67.49 0.38 -25.84
C GLY A 156 -68.96 0.38 -26.21
N VAL A 157 -69.80 0.93 -25.31
CA VAL A 157 -71.22 1.10 -25.60
C VAL A 157 -71.39 1.99 -26.83
N SER A 158 -70.68 3.11 -26.86
CA SER A 158 -70.78 4.01 -28.00
C SER A 158 -70.23 3.38 -29.27
N THR A 159 -69.24 2.50 -29.15
CA THR A 159 -68.69 1.82 -30.32
C THR A 159 -69.73 0.88 -30.93
N ALA A 160 -70.40 0.10 -30.09
CA ALA A 160 -71.46 -0.77 -30.58
C ALA A 160 -72.62 0.02 -31.17
N VAL A 161 -73.04 1.08 -30.48
CA VAL A 161 -74.15 1.90 -30.97
C VAL A 161 -73.76 2.59 -32.27
N ALA A 162 -72.52 3.05 -32.40
CA ALA A 162 -72.08 3.69 -33.63
C ALA A 162 -71.98 2.70 -34.76
N ASN A 163 -71.55 1.47 -34.46
CA ASN A 163 -71.57 0.43 -35.48
C ASN A 163 -72.98 0.23 -36.02
N LEU A 164 -73.97 0.19 -35.13
CA LEU A 164 -75.34 0.00 -35.59
C LEU A 164 -75.90 1.23 -36.29
N LEU A 165 -75.51 2.44 -35.86
CA LEU A 165 -76.11 3.66 -36.36
C LEU A 165 -75.47 4.15 -37.66
N GLY A 166 -74.19 3.84 -37.90
CA GLY A 166 -73.56 4.28 -39.12
C GLY A 166 -74.00 3.49 -40.34
N LEU A 167 -74.68 2.37 -40.11
CA LEU A 167 -75.31 1.66 -41.23
C LEU A 167 -76.33 2.54 -41.92
N PHE A 168 -77.13 3.26 -41.15
CA PHE A 168 -78.21 4.08 -41.66
C PHE A 168 -77.87 5.57 -41.63
N TYR A 169 -76.63 5.90 -41.32
CA TYR A 169 -76.14 7.28 -41.30
C TYR A 169 -76.99 8.15 -40.38
N ILE A 170 -77.35 7.61 -39.22
CA ILE A 170 -78.00 8.36 -38.16
C ILE A 170 -76.92 9.02 -37.33
N PRO A 171 -76.86 10.35 -37.26
CA PRO A 171 -75.83 11.00 -36.44
C PRO A 171 -75.93 10.57 -34.98
N GLN A 172 -74.77 10.38 -34.37
CA GLN A 172 -74.69 10.02 -32.96
C GLN A 172 -73.69 10.93 -32.30
N VAL A 173 -74.17 11.86 -31.48
CA VAL A 173 -73.31 12.80 -30.77
C VAL A 173 -73.19 12.33 -29.34
N SER A 174 -72.04 11.77 -29.00
CA SER A 174 -71.78 11.33 -27.64
C SER A 174 -71.43 12.52 -26.76
N TYR A 175 -71.68 12.35 -25.47
CA TYR A 175 -71.36 13.37 -24.48
C TYR A 175 -70.23 12.95 -23.54
N ALA A 176 -69.86 11.67 -23.51
CA ALA A 176 -68.85 11.22 -22.58
C ALA A 176 -67.89 10.18 -23.15
N SER A 177 -68.01 9.83 -24.43
CA SER A 177 -67.16 8.82 -25.03
C SER A 177 -65.90 9.48 -25.60
N SER A 178 -64.80 9.39 -24.86
CA SER A 178 -63.57 10.09 -25.18
C SER A 178 -62.51 9.19 -25.81
N SER A 179 -62.87 7.98 -26.19
CA SER A 179 -61.90 7.07 -26.80
C SER A 179 -61.40 7.61 -28.13
N ARG A 180 -60.12 7.37 -28.40
CA ARG A 180 -59.55 7.74 -29.69
C ARG A 180 -60.02 6.83 -30.82
N LEU A 181 -60.45 5.62 -30.50
CA LEU A 181 -60.89 4.69 -31.52
C LEU A 181 -62.13 5.18 -32.25
N LEU A 182 -62.93 6.04 -31.63
CA LEU A 182 -64.13 6.59 -32.22
C LEU A 182 -63.84 7.80 -33.11
N SER A 183 -62.57 8.11 -33.34
CA SER A 183 -62.17 9.14 -34.30
C SER A 183 -61.88 8.56 -35.67
N ASN A 184 -62.04 7.26 -35.84
CA ASN A 184 -61.86 6.60 -37.13
C ASN A 184 -63.17 6.72 -37.90
N LYS A 185 -63.25 7.71 -38.79
CA LYS A 185 -64.49 7.94 -39.52
C LYS A 185 -64.68 6.97 -40.67
N ASN A 186 -63.67 6.16 -41.01
CA ASN A 186 -63.90 5.06 -41.93
C ASN A 186 -64.81 4.02 -41.32
N GLN A 187 -64.63 3.73 -40.03
CA GLN A 187 -65.44 2.75 -39.33
C GLN A 187 -66.64 3.38 -38.64
N PHE A 188 -66.50 4.58 -38.09
CA PHE A 188 -67.58 5.29 -37.42
C PHE A 188 -67.90 6.53 -38.25
N LYS A 189 -68.77 6.33 -39.24
CA LYS A 189 -69.05 7.39 -40.20
C LYS A 189 -69.92 8.50 -39.62
N SER A 190 -70.85 8.17 -38.73
CA SER A 190 -71.82 9.14 -38.24
C SER A 190 -71.63 9.46 -36.77
N PHE A 191 -70.40 9.40 -36.27
CA PHE A 191 -70.12 9.65 -34.86
C PHE A 191 -69.51 11.04 -34.67
N LEU A 192 -70.06 11.77 -33.70
CA LEU A 192 -69.53 13.05 -33.25
C LEU A 192 -69.47 13.01 -31.74
N ARG A 193 -68.70 13.91 -31.15
CA ARG A 193 -68.58 13.94 -29.70
C ARG A 193 -68.42 15.38 -29.22
N THR A 194 -69.10 15.72 -28.13
CA THR A 194 -68.92 17.00 -27.48
C THR A 194 -67.91 16.95 -26.35
N ILE A 195 -67.34 15.78 -26.08
CA ILE A 195 -66.25 15.61 -25.12
C ILE A 195 -64.95 15.57 -25.92
N PRO A 196 -63.84 16.08 -25.38
CA PRO A 196 -62.57 15.94 -26.10
C PRO A 196 -62.03 14.52 -26.09
N ASN A 197 -61.23 14.23 -27.12
CA ASN A 197 -60.52 12.97 -27.21
C ASN A 197 -59.47 12.86 -26.10
N ASP A 198 -59.05 11.63 -25.82
CA ASP A 198 -58.16 11.33 -24.72
C ASP A 198 -56.68 11.40 -25.06
N GLU A 199 -56.32 11.78 -26.28
CA GLU A 199 -54.91 11.95 -26.62
C GLU A 199 -54.27 13.00 -25.74
N HIS A 200 -54.89 14.18 -25.66
CA HIS A 200 -54.36 15.26 -24.85
C HIS A 200 -54.31 14.88 -23.37
N GLN A 201 -55.26 14.07 -22.92
CA GLN A 201 -55.30 13.72 -21.50
C GLN A 201 -54.16 12.77 -21.13
N ALA A 202 -53.89 11.78 -21.97
CA ALA A 202 -52.75 10.90 -21.73
C ALA A 202 -51.44 11.66 -21.80
N THR A 203 -51.30 12.53 -22.81
CA THR A 203 -50.11 13.36 -22.87
C THR A 203 -50.01 14.29 -21.66
N ALA A 204 -51.15 14.68 -21.09
CA ALA A 204 -51.15 15.54 -19.92
C ALA A 204 -50.71 14.79 -18.67
N MET A 205 -51.13 13.53 -18.54
CA MET A 205 -50.60 12.71 -17.44
C MET A 205 -49.10 12.52 -17.59
N ALA A 206 -48.63 12.35 -18.82
CA ALA A 206 -47.18 12.30 -19.05
C ALA A 206 -46.51 13.60 -18.63
N ASP A 207 -47.11 14.74 -18.98
CA ASP A 207 -46.55 16.04 -18.60
C ASP A 207 -46.56 16.24 -17.09
N ILE A 208 -47.56 15.70 -16.40
CA ILE A 208 -47.61 15.81 -14.96
C ILE A 208 -46.53 14.96 -14.30
N ILE A 209 -46.32 13.74 -14.82
CA ILE A 209 -45.26 12.90 -14.26
C ILE A 209 -43.89 13.50 -14.54
N GLU A 210 -43.70 14.12 -15.71
CA GLU A 210 -42.46 14.82 -15.99
C GLU A 210 -42.30 16.05 -15.09
N TYR A 211 -43.39 16.74 -14.80
CA TYR A 211 -43.32 17.98 -14.04
C TYR A 211 -42.79 17.76 -12.63
N PHE A 212 -43.21 16.67 -11.99
CA PHE A 212 -42.75 16.35 -10.64
C PHE A 212 -41.51 15.49 -10.64
N ARG A 213 -40.89 15.29 -11.82
CA ARG A 213 -39.60 14.61 -11.95
C ARG A 213 -39.68 13.16 -11.52
N TRP A 214 -40.84 12.53 -11.66
CA TRP A 214 -40.92 11.09 -11.46
C TRP A 214 -40.47 10.37 -12.74
N ASN A 215 -39.96 9.15 -12.55
CA ASN A 215 -39.63 8.29 -13.67
C ASN A 215 -40.02 6.84 -13.44
N TRP A 216 -40.64 6.50 -12.32
CA TRP A 216 -40.93 5.14 -11.93
C TRP A 216 -42.41 5.09 -11.55
N VAL A 217 -43.26 4.75 -12.53
CA VAL A 217 -44.70 4.79 -12.37
C VAL A 217 -45.29 3.44 -12.75
N GLY A 218 -46.52 3.22 -12.31
CA GLY A 218 -47.29 2.06 -12.72
C GLY A 218 -48.58 2.45 -13.40
N THR A 219 -49.13 1.57 -14.23
CA THR A 219 -50.33 1.88 -14.99
C THR A 219 -51.40 0.82 -14.75
N ILE A 220 -52.62 1.28 -14.49
CA ILE A 220 -53.79 0.42 -14.43
C ILE A 220 -54.81 0.95 -15.43
N ALA A 221 -55.21 0.11 -16.36
CA ALA A 221 -56.17 0.50 -17.39
C ALA A 221 -57.40 -0.39 -17.30
N ALA A 222 -58.55 0.21 -17.59
CA ALA A 222 -59.78 -0.56 -17.73
C ALA A 222 -59.72 -1.35 -19.02
N ASP A 223 -60.09 -2.63 -18.93
CA ASP A 223 -60.00 -3.54 -20.08
C ASP A 223 -61.20 -3.28 -21.00
N ASP A 224 -61.19 -2.11 -21.62
CA ASP A 224 -62.27 -1.69 -22.49
C ASP A 224 -61.72 -0.73 -23.53
N ASP A 225 -62.60 -0.26 -24.41
CA ASP A 225 -62.23 0.69 -25.45
C ASP A 225 -61.87 2.06 -24.90
N TYR A 226 -61.94 2.25 -23.59
CA TYR A 226 -61.51 3.49 -22.94
C TYR A 226 -60.12 3.36 -22.35
N GLY A 227 -59.91 2.38 -21.46
CA GLY A 227 -58.65 2.29 -20.76
C GLY A 227 -57.49 1.93 -21.66
N ARG A 228 -57.69 0.97 -22.56
CA ARG A 228 -56.58 0.47 -23.37
C ARG A 228 -55.98 1.52 -24.29
N PRO A 229 -56.74 2.22 -25.16
CA PRO A 229 -56.09 3.20 -26.03
C PRO A 229 -55.43 4.34 -25.27
N GLY A 230 -56.08 4.81 -24.21
CA GLY A 230 -55.49 5.86 -23.40
C GLY A 230 -54.19 5.42 -22.74
N ILE A 231 -54.15 4.18 -22.25
CA ILE A 231 -52.94 3.72 -21.58
C ILE A 231 -51.83 3.49 -22.60
N GLU A 232 -52.18 3.10 -23.83
CA GLU A 232 -51.13 2.97 -24.86
C GLU A 232 -50.58 4.33 -25.25
N LYS A 233 -51.45 5.33 -25.41
CA LYS A 233 -50.96 6.67 -25.70
C LYS A 233 -50.08 7.20 -24.58
N PHE A 234 -50.49 6.95 -23.33
CA PHE A 234 -49.65 7.35 -22.20
C PHE A 234 -48.33 6.60 -22.21
N ARG A 235 -48.35 5.33 -22.61
CA ARG A 235 -47.11 4.57 -22.67
C ARG A 235 -46.14 5.19 -23.67
N GLU A 236 -46.65 5.56 -24.85
CA GLU A 236 -45.80 6.22 -25.84
C GLU A 236 -45.24 7.53 -25.29
N GLU A 237 -46.10 8.34 -24.69
CA GLU A 237 -45.64 9.64 -24.19
C GLU A 237 -44.64 9.49 -23.06
N ALA A 238 -44.86 8.51 -22.17
CA ALA A 238 -43.95 8.30 -21.05
C ALA A 238 -42.61 7.78 -21.51
N GLU A 239 -42.60 6.80 -22.41
CA GLU A 239 -41.33 6.31 -22.92
C GLU A 239 -40.60 7.40 -23.70
N GLU A 240 -41.35 8.34 -24.29
CA GLU A 240 -40.70 9.50 -24.90
C GLU A 240 -40.01 10.36 -23.86
N ARG A 241 -40.61 10.50 -22.68
CA ARG A 241 -40.10 11.36 -21.63
C ARG A 241 -39.19 10.64 -20.64
N ASP A 242 -38.68 9.46 -21.00
CA ASP A 242 -37.79 8.69 -20.13
C ASP A 242 -38.46 8.36 -18.81
N ILE A 243 -39.74 8.00 -18.87
CA ILE A 243 -40.51 7.55 -17.71
C ILE A 243 -40.65 6.04 -17.81
N CYS A 244 -40.12 5.33 -16.83
CA CYS A 244 -40.11 3.88 -16.85
C CYS A 244 -41.35 3.36 -16.12
N ILE A 245 -42.23 2.69 -16.85
CA ILE A 245 -43.42 2.08 -16.27
C ILE A 245 -43.03 0.72 -15.72
N ASP A 246 -43.32 0.49 -14.43
CA ASP A 246 -42.97 -0.76 -13.79
C ASP A 246 -43.99 -1.85 -14.08
N PHE A 247 -45.27 -1.56 -13.93
CA PHE A 247 -46.31 -2.55 -14.17
C PHE A 247 -47.42 -1.94 -15.01
N SER A 248 -48.11 -2.81 -15.75
CA SER A 248 -49.22 -2.39 -16.61
C SER A 248 -50.31 -3.46 -16.49
N GLU A 249 -51.28 -3.21 -15.62
CA GLU A 249 -52.33 -4.16 -15.34
C GLU A 249 -53.66 -3.68 -15.93
N LEU A 250 -54.47 -4.65 -16.36
CA LEU A 250 -55.78 -4.40 -16.93
C LEU A 250 -56.85 -4.86 -15.95
N ILE A 251 -57.82 -3.99 -15.69
CA ILE A 251 -58.89 -4.29 -14.74
C ILE A 251 -60.23 -4.15 -15.45
N SER A 252 -61.26 -4.70 -14.82
CA SER A 252 -62.62 -4.58 -15.28
C SER A 252 -63.54 -4.73 -14.08
N GLN A 253 -64.76 -4.20 -14.21
CA GLN A 253 -65.71 -4.33 -13.11
C GLN A 253 -66.15 -5.77 -12.93
N TYR A 254 -66.16 -6.54 -14.01
CA TYR A 254 -66.42 -7.97 -13.95
C TYR A 254 -65.11 -8.76 -13.99
N SER A 255 -64.31 -8.56 -12.95
CA SER A 255 -63.05 -9.26 -12.77
C SER A 255 -63.17 -10.24 -11.61
N ASP A 256 -62.64 -11.44 -11.81
CA ASP A 256 -62.68 -12.45 -10.77
C ASP A 256 -61.72 -12.06 -9.64
N GLU A 257 -61.97 -12.62 -8.46
CA GLU A 257 -61.23 -12.19 -7.27
C GLU A 257 -59.75 -12.52 -7.38
N GLU A 258 -59.39 -13.56 -8.14
CA GLU A 258 -57.98 -13.85 -8.35
C GLU A 258 -57.32 -12.76 -9.19
N GLU A 259 -58.03 -12.22 -10.18
CA GLU A 259 -57.47 -11.14 -10.99
C GLU A 259 -57.20 -9.91 -10.15
N ILE A 260 -58.14 -9.56 -9.28
CA ILE A 260 -57.94 -8.41 -8.40
C ILE A 260 -56.79 -8.68 -7.42
N GLN A 261 -56.71 -9.91 -6.91
CA GLN A 261 -55.62 -10.27 -6.03
C GLN A 261 -54.28 -10.09 -6.73
N HIS A 262 -54.18 -10.54 -7.98
CA HIS A 262 -52.94 -10.39 -8.73
C HIS A 262 -52.59 -8.93 -8.96
N VAL A 263 -53.59 -8.11 -9.30
CA VAL A 263 -53.32 -6.69 -9.55
C VAL A 263 -52.86 -6.01 -8.26
N VAL A 264 -53.51 -6.31 -7.14
CA VAL A 264 -53.10 -5.71 -5.87
C VAL A 264 -51.71 -6.16 -5.48
N GLU A 265 -51.40 -7.45 -5.69
CA GLU A 265 -50.05 -7.93 -5.43
C GLU A 265 -49.03 -7.17 -6.26
N VAL A 266 -49.30 -7.04 -7.57
CA VAL A 266 -48.39 -6.34 -8.46
C VAL A 266 -48.20 -4.90 -8.01
N ILE A 267 -49.27 -4.25 -7.55
CA ILE A 267 -49.15 -2.91 -7.00
C ILE A 267 -48.25 -2.90 -5.77
N GLN A 268 -48.35 -3.94 -4.94
CA GLN A 268 -47.58 -4.02 -3.70
C GLN A 268 -46.18 -4.61 -3.91
N ASN A 269 -45.93 -5.29 -5.02
CA ASN A 269 -44.60 -5.75 -5.40
C ASN A 269 -43.72 -4.62 -5.94
N SER A 270 -44.26 -3.41 -6.04
CA SER A 270 -43.61 -2.37 -6.81
C SER A 270 -43.11 -1.27 -5.90
N THR A 271 -41.97 -0.70 -6.26
CA THR A 271 -41.38 0.44 -5.59
C THR A 271 -41.95 1.75 -6.11
N ALA A 272 -42.79 1.69 -7.14
CA ALA A 272 -43.41 2.86 -7.74
C ALA A 272 -44.59 3.31 -6.90
N LYS A 273 -44.56 4.57 -6.45
CA LYS A 273 -45.64 5.15 -5.69
C LYS A 273 -46.69 5.82 -6.56
N VAL A 274 -46.30 6.32 -7.72
CA VAL A 274 -47.21 6.99 -8.64
C VAL A 274 -47.84 5.95 -9.54
N ILE A 275 -49.17 5.91 -9.56
CA ILE A 275 -49.92 4.97 -10.38
C ILE A 275 -50.86 5.76 -11.28
N VAL A 276 -50.79 5.51 -12.57
CA VAL A 276 -51.67 6.14 -13.55
C VAL A 276 -52.82 5.19 -13.82
N VAL A 277 -54.03 5.65 -13.52
CA VAL A 277 -55.24 4.87 -13.75
C VAL A 277 -56.03 5.54 -14.86
N PHE A 278 -56.32 4.78 -15.90
CA PHE A 278 -57.10 5.26 -17.03
C PHE A 278 -58.31 4.35 -17.09
N SER A 279 -59.35 4.71 -16.35
CA SER A 279 -60.47 3.81 -16.11
C SER A 279 -61.68 4.63 -15.69
N SER A 280 -62.81 3.95 -15.60
CA SER A 280 -64.04 4.55 -15.09
C SER A 280 -64.29 4.09 -13.66
N GLY A 281 -65.27 4.70 -13.03
CA GLY A 281 -65.60 4.41 -11.65
C GLY A 281 -66.00 2.97 -11.40
N PRO A 282 -66.98 2.44 -12.15
CA PRO A 282 -67.39 1.05 -11.94
C PRO A 282 -66.29 0.03 -12.15
N ASP A 283 -65.39 0.25 -13.12
CA ASP A 283 -64.30 -0.70 -13.37
C ASP A 283 -63.18 -0.60 -12.35
N LEU A 284 -62.91 0.59 -11.82
CA LEU A 284 -61.91 0.75 -10.78
C LEU A 284 -62.43 0.37 -9.41
N GLU A 285 -63.75 0.33 -9.23
CA GLU A 285 -64.32 0.13 -7.89
C GLU A 285 -63.87 -1.15 -7.20
N PRO A 286 -63.89 -2.34 -7.84
CA PRO A 286 -63.43 -3.54 -7.12
C PRO A 286 -62.00 -3.43 -6.64
N LEU A 287 -61.11 -2.92 -7.49
CA LEU A 287 -59.72 -2.76 -7.11
C LEU A 287 -59.57 -1.81 -5.94
N ILE A 288 -60.31 -0.71 -5.95
CA ILE A 288 -60.23 0.25 -4.85
C ILE A 288 -60.73 -0.40 -3.56
N LYS A 289 -61.83 -1.16 -3.63
CA LYS A 289 -62.33 -1.82 -2.44
C LYS A 289 -61.30 -2.79 -1.86
N GLU A 290 -60.64 -3.58 -2.72
CA GLU A 290 -59.71 -4.57 -2.19
C GLU A 290 -58.39 -3.93 -1.76
N ILE A 291 -58.06 -2.75 -2.28
CA ILE A 291 -56.90 -2.03 -1.76
C ILE A 291 -57.23 -1.36 -0.44
N VAL A 292 -58.47 -0.93 -0.25
CA VAL A 292 -58.90 -0.42 1.06
C VAL A 292 -58.87 -1.54 2.08
N ARG A 293 -59.37 -2.72 1.71
CA ARG A 293 -59.36 -3.86 2.63
C ARG A 293 -57.94 -4.20 3.06
N ARG A 294 -56.99 -4.08 2.15
CA ARG A 294 -55.59 -4.37 2.46
C ARG A 294 -54.85 -3.16 2.99
N ASN A 295 -55.51 -2.00 3.01
CA ASN A 295 -54.98 -0.75 3.56
C ASN A 295 -53.58 -0.46 3.05
N ILE A 296 -53.50 -0.25 1.73
CA ILE A 296 -52.27 0.20 1.09
C ILE A 296 -52.33 1.72 0.99
N THR A 297 -51.29 2.39 1.47
CA THR A 297 -51.25 3.85 1.49
C THR A 297 -50.02 4.33 0.74
N GLY A 298 -49.84 5.66 0.73
CA GLY A 298 -48.68 6.27 0.12
C GLY A 298 -48.69 6.27 -1.39
N LYS A 299 -49.76 5.79 -2.02
CA LYS A 299 -49.82 5.73 -3.47
C LYS A 299 -50.32 7.05 -4.03
N ILE A 300 -49.74 7.46 -5.15
CA ILE A 300 -50.11 8.69 -5.83
C ILE A 300 -50.90 8.29 -7.07
N TRP A 301 -52.22 8.43 -7.01
CA TRP A 301 -53.09 8.05 -8.10
C TRP A 301 -53.27 9.22 -9.06
N LEU A 302 -52.94 9.01 -10.32
CA LEU A 302 -53.31 9.96 -11.38
C LEU A 302 -54.59 9.47 -12.03
N ALA A 303 -55.64 10.26 -11.90
CA ALA A 303 -56.98 9.87 -12.32
C ALA A 303 -57.33 10.47 -13.67
N SER A 304 -57.87 9.63 -14.55
CA SER A 304 -58.46 10.11 -15.78
C SER A 304 -59.82 10.73 -15.48
N GLU A 305 -60.36 11.45 -16.46
CA GLU A 305 -61.62 12.17 -16.25
C GLU A 305 -62.77 11.26 -15.85
N ALA A 306 -62.72 9.98 -16.23
CA ALA A 306 -63.86 9.11 -16.00
C ALA A 306 -64.07 8.81 -14.52
N TRP A 307 -62.99 8.69 -13.75
CA TRP A 307 -63.11 8.40 -12.33
C TRP A 307 -62.54 9.48 -11.43
N ALA A 308 -61.97 10.55 -11.98
CA ALA A 308 -61.47 11.63 -11.15
C ALA A 308 -62.57 12.37 -10.42
N SER A 309 -63.82 12.22 -10.84
CA SER A 309 -64.95 12.88 -10.20
C SER A 309 -66.09 11.85 -10.03
N SER A 310 -65.75 10.68 -9.52
CA SER A 310 -66.69 9.58 -9.39
C SER A 310 -67.04 9.37 -7.93
N SER A 311 -68.34 9.39 -7.63
CA SER A 311 -68.77 9.15 -6.26
C SER A 311 -68.55 7.71 -5.85
N LEU A 312 -68.42 6.80 -6.81
CA LEU A 312 -68.11 5.41 -6.49
C LEU A 312 -66.72 5.27 -5.88
N ILE A 313 -65.77 6.08 -6.34
CA ILE A 313 -64.40 6.03 -5.85
C ILE A 313 -64.13 7.08 -4.79
N ALA A 314 -64.62 8.31 -5.00
CA ALA A 314 -64.34 9.43 -4.11
C ALA A 314 -65.24 9.35 -2.88
N MET A 315 -65.00 8.32 -2.07
CA MET A 315 -65.67 8.13 -0.80
C MET A 315 -64.75 8.52 0.35
N PRO A 316 -65.29 9.14 1.41
CA PRO A 316 -64.44 9.47 2.56
C PRO A 316 -63.81 8.24 3.20
N GLN A 317 -64.53 7.13 3.24
CA GLN A 317 -63.98 5.91 3.82
C GLN A 317 -62.78 5.40 3.04
N TYR A 318 -62.62 5.84 1.79
CA TYR A 318 -61.49 5.46 0.97
C TYR A 318 -60.33 6.46 1.04
N PHE A 319 -60.49 7.55 1.80
CA PHE A 319 -59.49 8.62 1.73
C PHE A 319 -58.14 8.18 2.26
N HIS A 320 -58.07 7.05 2.96
CA HIS A 320 -56.78 6.55 3.44
C HIS A 320 -55.96 5.91 2.33
N VAL A 321 -56.55 5.65 1.17
CA VAL A 321 -55.80 5.07 0.05
C VAL A 321 -55.85 5.97 -1.17
N VAL A 322 -57.03 6.49 -1.49
CA VAL A 322 -57.23 7.31 -2.68
C VAL A 322 -57.19 8.80 -2.37
N GLY A 323 -56.89 9.16 -1.12
CA GLY A 323 -56.79 10.56 -0.78
C GLY A 323 -55.62 11.22 -1.49
N GLY A 324 -55.80 12.49 -1.85
CA GLY A 324 -54.77 13.22 -2.55
C GLY A 324 -54.65 12.89 -4.02
N THR A 325 -55.63 12.21 -4.60
CA THR A 325 -55.58 11.83 -6.00
C THR A 325 -55.53 13.07 -6.89
N ILE A 326 -54.58 13.08 -7.83
CA ILE A 326 -54.48 14.14 -8.82
C ILE A 326 -55.19 13.65 -10.09
N GLY A 327 -56.18 14.42 -10.54
CA GLY A 327 -57.01 13.94 -11.63
C GLY A 327 -57.42 15.05 -12.57
N PHE A 328 -58.10 14.65 -13.63
CA PHE A 328 -58.52 15.57 -14.68
C PHE A 328 -60.03 15.75 -14.67
N ALA A 329 -60.47 16.97 -14.94
CA ALA A 329 -61.89 17.26 -15.09
C ALA A 329 -62.07 18.13 -16.32
N LEU A 330 -63.24 18.03 -16.93
CA LEU A 330 -63.53 18.83 -18.12
C LEU A 330 -63.81 20.28 -17.70
N LYS A 331 -63.91 21.15 -18.70
CA LYS A 331 -64.23 22.54 -18.44
C LYS A 331 -65.70 22.66 -18.09
N ALA A 332 -65.98 23.20 -16.92
CA ALA A 332 -67.36 23.35 -16.47
C ALA A 332 -68.10 24.37 -17.33
N GLY A 333 -69.36 24.06 -17.64
CA GLY A 333 -70.24 24.98 -18.31
C GLY A 333 -71.36 25.39 -17.39
N GLN A 334 -72.11 26.40 -17.84
CA GLN A 334 -73.24 26.92 -17.09
C GLN A 334 -74.52 26.68 -17.88
N ILE A 335 -75.53 26.14 -17.20
CA ILE A 335 -76.86 25.98 -17.76
C ILE A 335 -77.84 26.72 -16.86
N PRO A 336 -78.13 27.99 -17.15
CA PRO A 336 -79.11 28.72 -16.34
C PRO A 336 -80.47 28.06 -16.36
N GLY A 337 -81.10 27.99 -15.20
CA GLY A 337 -82.39 27.35 -15.04
C GLY A 337 -82.35 25.85 -14.95
N PHE A 338 -81.16 25.25 -14.99
CA PHE A 338 -81.08 23.79 -14.97
C PHE A 338 -81.33 23.22 -13.58
N ARG A 339 -80.83 23.87 -12.53
CA ARG A 339 -81.02 23.36 -11.19
C ARG A 339 -82.50 23.39 -10.81
N GLU A 340 -83.20 24.45 -11.20
CA GLU A 340 -84.64 24.53 -10.93
C GLU A 340 -85.39 23.41 -11.65
N PHE A 341 -85.02 23.15 -12.91
CA PHE A 341 -85.64 22.06 -13.64
C PHE A 341 -85.34 20.71 -12.97
N LEU A 342 -84.13 20.55 -12.46
CA LEU A 342 -83.79 19.33 -11.73
C LEU A 342 -84.68 19.20 -10.51
N LYS A 343 -84.90 20.30 -9.80
CA LYS A 343 -85.73 20.29 -8.61
C LYS A 343 -87.20 20.06 -8.92
N LYS A 344 -87.64 20.36 -10.14
CA LYS A 344 -89.03 20.13 -10.53
C LYS A 344 -89.35 18.68 -10.85
N VAL A 345 -88.42 17.75 -10.64
CA VAL A 345 -88.74 16.35 -10.85
C VAL A 345 -89.79 15.91 -9.83
N HIS A 346 -90.75 15.10 -10.28
CA HIS A 346 -91.79 14.64 -9.39
C HIS A 346 -92.32 13.38 -10.02
N PRO A 347 -92.54 12.31 -9.24
CA PRO A 347 -92.79 11.00 -9.85
C PRO A 347 -94.04 10.93 -10.72
N ARG A 348 -95.08 11.73 -10.43
CA ARG A 348 -96.31 11.68 -11.22
C ARG A 348 -96.41 12.84 -12.19
N LYS A 349 -95.92 14.03 -11.81
CA LYS A 349 -95.98 15.17 -12.72
C LYS A 349 -95.11 14.93 -13.95
N SER A 350 -93.97 14.26 -13.78
CA SER A 350 -93.11 13.89 -14.88
C SER A 350 -93.75 12.71 -15.61
N VAL A 351 -94.78 13.03 -16.38
CA VAL A 351 -95.49 11.99 -17.14
C VAL A 351 -94.61 11.44 -18.26
N HIS A 352 -93.85 12.32 -18.91
CA HIS A 352 -93.02 11.89 -20.03
C HIS A 352 -91.77 11.15 -19.57
N ASN A 353 -91.27 11.45 -18.37
CA ASN A 353 -90.08 10.80 -17.84
C ASN A 353 -90.50 9.56 -17.05
N GLY A 354 -90.27 8.39 -17.62
CA GLY A 354 -90.52 7.15 -16.93
C GLY A 354 -89.42 6.71 -16.00
N PHE A 355 -88.31 7.44 -15.97
CA PHE A 355 -87.23 7.18 -15.03
C PHE A 355 -87.41 7.93 -13.71
N ALA A 356 -88.44 8.75 -13.59
CA ALA A 356 -88.64 9.54 -12.38
C ALA A 356 -89.16 8.72 -11.22
N LYS A 357 -89.90 7.63 -11.49
CA LYS A 357 -90.43 6.80 -10.41
C LYS A 357 -89.31 6.10 -9.65
N GLU A 358 -88.42 5.42 -10.37
CA GLU A 358 -87.30 4.76 -9.70
C GLU A 358 -86.36 5.78 -9.07
N PHE A 359 -86.21 6.94 -9.71
CA PHE A 359 -85.42 8.01 -9.10
C PHE A 359 -86.01 8.40 -7.74
N TRP A 360 -87.32 8.60 -7.69
CA TRP A 360 -87.97 8.96 -6.42
C TRP A 360 -87.79 7.85 -5.40
N GLU A 361 -87.96 6.61 -5.82
CA GLU A 361 -87.88 5.48 -4.90
C GLU A 361 -86.48 5.38 -4.29
N GLU A 362 -85.44 5.51 -5.11
CA GLU A 362 -84.08 5.42 -4.59
C GLU A 362 -83.70 6.66 -3.80
N THR A 363 -84.22 7.83 -4.19
CA THR A 363 -83.91 9.05 -3.46
C THR A 363 -84.48 9.01 -2.05
N PHE A 364 -85.72 8.53 -1.90
CA PHE A 364 -86.40 8.59 -0.63
C PHE A 364 -86.58 7.21 0.02
N ASN A 365 -85.91 6.19 -0.51
CA ASN A 365 -85.89 4.85 0.07
C ASN A 365 -87.29 4.27 0.23
N CYS A 366 -88.26 4.79 -0.51
CA CYS A 366 -89.65 4.37 -0.39
C CYS A 366 -90.09 3.64 -1.66
N HIS A 367 -91.37 3.29 -1.72
CA HIS A 367 -91.96 2.62 -2.87
C HIS A 367 -93.29 3.29 -3.20
N LEU A 368 -93.55 3.47 -4.48
CA LEU A 368 -94.78 4.15 -4.90
C LEU A 368 -95.57 3.32 -5.89
N ARG A 400 -89.83 -1.22 2.81
CA ARG A 400 -89.74 0.22 2.64
C ARG A 400 -91.11 0.87 2.65
N PRO A 401 -91.20 2.11 3.12
CA PRO A 401 -92.50 2.78 3.22
C PRO A 401 -93.04 3.20 1.86
N LEU A 402 -94.17 3.92 1.87
CA LEU A 402 -94.82 4.37 0.65
C LEU A 402 -94.47 5.83 0.40
N CYS A 403 -94.23 6.16 -0.87
CA CYS A 403 -93.86 7.52 -1.27
C CYS A 403 -95.13 8.35 -1.32
N THR A 404 -95.30 9.22 -0.33
CA THR A 404 -96.47 10.09 -0.30
C THR A 404 -96.45 11.08 -1.46
N GLY A 405 -95.27 11.38 -2.00
CA GLY A 405 -95.14 12.35 -3.07
C GLY A 405 -94.95 13.78 -2.61
N ASP A 406 -95.04 14.05 -1.31
CA ASP A 406 -94.85 15.38 -0.76
C ASP A 406 -93.44 15.59 -0.23
N GLU A 407 -92.55 14.62 -0.45
CA GLU A 407 -91.17 14.73 0.02
C GLU A 407 -90.42 15.79 -0.79
N ASN A 408 -89.31 16.26 -0.22
CA ASN A 408 -88.46 17.27 -0.84
C ASN A 408 -87.14 16.62 -1.21
N ILE A 409 -86.77 16.71 -2.49
CA ILE A 409 -85.52 16.10 -2.95
C ILE A 409 -84.32 16.84 -2.38
N SER A 410 -84.48 18.13 -2.07
CA SER A 410 -83.40 18.88 -1.44
C SER A 410 -83.07 18.37 -0.04
N SER A 411 -83.99 17.65 0.59
CA SER A 411 -83.71 17.08 1.91
C SER A 411 -82.67 15.97 1.81
N VAL A 412 -82.79 15.11 0.79
CA VAL A 412 -81.85 14.02 0.60
C VAL A 412 -80.64 14.53 -0.18
N GLU A 413 -79.47 14.00 0.16
CA GLU A 413 -78.22 14.34 -0.51
C GLU A 413 -77.86 13.20 -1.45
N THR A 414 -78.03 13.41 -2.74
CA THR A 414 -77.65 12.50 -3.81
C THR A 414 -76.87 13.28 -4.85
N PRO A 415 -76.08 12.60 -5.68
CA PRO A 415 -75.36 13.30 -6.76
C PRO A 415 -76.27 14.04 -7.72
N TYR A 416 -77.59 13.89 -7.60
CA TYR A 416 -78.51 14.55 -8.52
C TYR A 416 -78.39 16.07 -8.42
N ILE A 417 -78.47 16.61 -7.21
CA ILE A 417 -78.35 18.04 -6.97
C ILE A 417 -77.15 18.40 -6.13
N ASP A 418 -76.41 17.41 -5.62
CA ASP A 418 -75.17 17.67 -4.89
C ASP A 418 -74.04 17.66 -5.91
N TYR A 419 -73.99 18.70 -6.72
CA TYR A 419 -72.94 18.89 -7.70
C TYR A 419 -72.44 20.32 -7.62
N THR A 420 -71.17 20.50 -7.92
CA THR A 420 -70.57 21.83 -7.95
C THR A 420 -70.42 22.36 -9.37
N HIS A 421 -70.12 21.49 -10.34
CA HIS A 421 -69.89 21.91 -11.71
C HIS A 421 -70.66 21.01 -12.67
N LEU A 422 -71.01 21.58 -13.81
CA LEU A 422 -71.73 20.87 -14.86
C LEU A 422 -70.75 20.65 -16.01
N ARG A 423 -70.19 19.44 -16.09
CA ARG A 423 -69.17 19.13 -17.09
C ARG A 423 -69.70 18.15 -18.12
N ILE A 424 -70.16 16.97 -17.71
CA ILE A 424 -70.77 16.05 -18.66
C ILE A 424 -72.21 16.44 -18.93
N SER A 425 -72.90 17.03 -17.96
CA SER A 425 -74.22 17.59 -18.20
C SER A 425 -74.15 18.69 -19.24
N TYR A 426 -73.14 19.54 -19.15
CA TYR A 426 -72.94 20.56 -20.17
C TYR A 426 -72.62 19.94 -21.52
N ASN A 427 -71.97 18.77 -21.53
CA ASN A 427 -71.74 18.08 -22.79
C ASN A 427 -73.03 17.54 -23.38
N VAL A 428 -73.95 17.07 -22.55
CA VAL A 428 -75.27 16.66 -23.01
C VAL A 428 -76.01 17.86 -23.60
N TYR A 429 -75.96 18.99 -22.89
CA TYR A 429 -76.57 20.22 -23.37
C TYR A 429 -76.00 20.61 -24.73
N LEU A 430 -74.67 20.52 -24.88
CA LEU A 430 -74.02 20.83 -26.16
C LEU A 430 -74.45 19.86 -27.25
N ALA A 431 -74.58 18.57 -26.94
CA ALA A 431 -74.98 17.63 -27.99
C ALA A 431 -76.40 17.92 -28.48
N VAL A 432 -77.32 18.17 -27.56
CA VAL A 432 -78.70 18.46 -27.97
C VAL A 432 -78.75 19.76 -28.76
N TYR A 433 -78.04 20.78 -28.30
CA TYR A 433 -78.05 22.04 -29.05
C TYR A 433 -77.31 21.94 -30.37
N SER A 434 -76.30 21.08 -30.48
CA SER A 434 -75.65 20.88 -31.76
C SER A 434 -76.58 20.23 -32.77
N ILE A 435 -77.35 19.24 -32.33
CA ILE A 435 -78.35 18.65 -33.21
C ILE A 435 -79.40 19.68 -33.60
N ALA A 436 -79.85 20.49 -32.64
CA ALA A 436 -80.85 21.51 -32.94
C ALA A 436 -80.31 22.55 -33.92
N HIS A 437 -79.05 22.96 -33.78
CA HIS A 437 -78.50 23.95 -34.68
C HIS A 437 -78.25 23.36 -36.07
N ALA A 438 -77.91 22.08 -36.13
CA ALA A 438 -77.85 21.41 -37.43
C ALA A 438 -79.21 21.44 -38.12
N LEU A 439 -80.26 21.10 -37.38
CA LEU A 439 -81.62 21.17 -37.92
C LEU A 439 -81.97 22.59 -38.31
N GLN A 440 -81.52 23.58 -37.55
CA GLN A 440 -81.80 24.97 -37.88
C GLN A 440 -81.13 25.38 -39.19
N ASP A 441 -79.88 24.97 -39.39
CA ASP A 441 -79.22 25.20 -40.67
C ASP A 441 -80.00 24.54 -41.80
N ILE A 442 -80.49 23.32 -41.57
CA ILE A 442 -81.31 22.65 -42.57
C ILE A 442 -82.56 23.47 -42.88
N TYR A 443 -83.23 23.99 -41.85
CA TYR A 443 -84.43 24.80 -42.02
C TYR A 443 -84.11 26.17 -42.62
N THR A 444 -83.15 26.88 -42.02
CA THR A 444 -82.75 28.20 -42.50
C THR A 444 -81.63 28.04 -43.53
N CYS A 445 -82.05 27.76 -44.76
CA CYS A 445 -81.13 27.51 -45.87
C CYS A 445 -81.59 28.28 -47.09
N LEU A 446 -80.71 29.12 -47.62
CA LEU A 446 -81.01 29.83 -48.86
C LEU A 446 -80.96 28.85 -50.02
N PRO A 447 -82.02 28.76 -50.85
CA PRO A 447 -82.14 27.65 -51.80
C PRO A 447 -80.94 27.45 -52.69
N GLY A 448 -80.31 28.53 -53.14
CA GLY A 448 -79.13 28.41 -53.99
C GLY A 448 -77.87 28.06 -53.23
N ARG A 449 -77.89 28.16 -51.90
CA ARG A 449 -76.70 27.94 -51.07
C ARG A 449 -76.83 26.68 -50.24
N GLY A 450 -77.46 25.64 -50.77
CA GLY A 450 -77.58 24.39 -50.04
C GLY A 450 -76.30 23.59 -50.02
N LEU A 451 -76.24 22.61 -49.14
CA LEU A 451 -75.07 21.76 -49.00
C LEU A 451 -75.10 20.53 -49.90
N PHE A 452 -76.22 20.27 -50.58
CA PHE A 452 -76.43 19.05 -51.31
C PHE A 452 -76.25 19.28 -52.82
N THR A 453 -76.63 18.30 -53.62
CA THR A 453 -76.37 18.30 -55.06
C THR A 453 -76.79 19.61 -55.71
N ASN A 454 -75.86 20.20 -56.45
CA ASN A 454 -76.06 21.48 -57.14
C ASN A 454 -76.50 22.57 -56.16
N GLY A 455 -75.91 22.54 -54.97
CA GLY A 455 -76.23 23.52 -53.95
C GLY A 455 -77.66 23.51 -53.49
N SER A 456 -78.30 22.34 -53.47
CA SER A 456 -79.69 22.25 -53.07
C SER A 456 -79.81 22.15 -51.55
N CYS A 457 -80.83 22.80 -51.01
CA CYS A 457 -81.12 22.72 -49.59
C CYS A 457 -81.93 21.46 -49.29
N ALA A 458 -82.21 21.25 -48.00
CA ALA A 458 -82.99 20.12 -47.54
C ALA A 458 -84.38 20.56 -47.09
N ASP A 459 -85.28 19.60 -47.03
CA ASP A 459 -86.66 19.84 -46.60
C ASP A 459 -86.76 19.52 -45.11
N ILE A 460 -86.96 20.55 -44.30
CA ILE A 460 -87.04 20.39 -42.86
C ILE A 460 -88.32 19.68 -42.48
N LYS A 461 -89.25 19.57 -43.44
CA LYS A 461 -90.49 18.84 -43.23
C LYS A 461 -90.34 17.35 -43.53
N LYS A 462 -89.37 16.98 -44.35
CA LYS A 462 -89.09 15.60 -44.72
C LYS A 462 -87.61 15.32 -44.58
N VAL A 463 -87.03 15.72 -43.45
CA VAL A 463 -85.60 15.63 -43.24
C VAL A 463 -85.22 14.20 -42.85
N GLU A 464 -84.15 13.70 -43.44
CA GLU A 464 -83.61 12.38 -43.14
C GLU A 464 -82.36 12.52 -42.28
N ALA A 465 -81.93 11.38 -41.72
CA ALA A 465 -80.83 11.39 -40.76
C ALA A 465 -79.53 11.86 -41.40
N TRP A 466 -79.23 11.41 -42.62
CA TRP A 466 -77.96 11.75 -43.25
C TRP A 466 -77.85 13.23 -43.58
N GLN A 467 -78.97 13.91 -43.84
CA GLN A 467 -78.92 15.36 -44.05
C GLN A 467 -78.49 16.07 -42.78
N VAL A 468 -79.04 15.68 -41.64
CA VAL A 468 -78.61 16.23 -40.35
C VAL A 468 -77.15 15.88 -40.10
N LEU A 469 -76.74 14.68 -40.48
CA LEU A 469 -75.36 14.27 -40.29
C LEU A 469 -74.40 15.16 -41.06
N LYS A 470 -74.72 15.46 -42.32
CA LYS A 470 -73.88 16.36 -43.09
C LYS A 470 -73.91 17.77 -42.52
N HIS A 471 -75.09 18.25 -42.12
CA HIS A 471 -75.14 19.58 -41.50
C HIS A 471 -74.46 19.63 -40.14
N LEU A 472 -74.14 18.48 -39.56
CA LEU A 472 -73.34 18.43 -38.34
C LEU A 472 -71.85 18.51 -38.62
N ARG A 473 -71.39 17.93 -39.72
CA ARG A 473 -69.99 18.01 -40.10
C ARG A 473 -69.58 19.41 -40.53
N HIS A 474 -70.54 20.28 -40.82
CA HIS A 474 -70.26 21.67 -41.17
C HIS A 474 -70.81 22.62 -40.11
N LEU A 475 -71.17 22.11 -38.95
CA LEU A 475 -71.81 22.91 -37.92
C LEU A 475 -70.80 23.86 -37.29
N ASN A 476 -71.20 25.11 -37.10
CA ASN A 476 -70.37 26.11 -36.46
C ASN A 476 -71.31 27.12 -35.80
N PHE A 477 -71.56 26.93 -34.51
CA PHE A 477 -72.52 27.79 -33.80
C PHE A 477 -71.91 28.26 -32.49
N THR A 478 -72.72 28.99 -31.71
CA THR A 478 -72.25 29.64 -30.50
C THR A 478 -73.04 29.13 -29.29
N ASN A 479 -72.35 29.01 -28.16
CA ASN A 479 -72.94 28.48 -26.94
C ASN A 479 -73.59 29.59 -26.11
N ASN A 480 -74.28 29.16 -25.05
CA ASN A 480 -74.66 30.04 -23.97
C ASN A 480 -73.45 30.57 -23.21
N MET A 481 -72.32 29.88 -23.29
CA MET A 481 -71.06 30.37 -22.74
C MET A 481 -70.33 31.31 -23.69
N GLY A 482 -70.84 31.50 -24.90
CA GLY A 482 -70.25 32.39 -25.87
C GLY A 482 -69.21 31.75 -26.77
N GLU A 483 -68.69 30.58 -26.41
CA GLU A 483 -67.69 29.94 -27.24
C GLU A 483 -68.34 29.31 -28.47
N GLN A 484 -67.52 29.05 -29.48
CA GLN A 484 -67.99 28.59 -30.78
C GLN A 484 -67.76 27.10 -30.91
N VAL A 485 -68.84 26.32 -30.91
CA VAL A 485 -68.77 24.88 -31.09
C VAL A 485 -68.74 24.56 -32.58
N THR A 486 -67.73 23.80 -32.99
CA THR A 486 -67.63 23.20 -34.30
C THR A 486 -66.96 21.83 -34.13
N PHE A 487 -67.15 20.96 -35.11
CA PHE A 487 -66.59 19.63 -35.11
C PHE A 487 -65.62 19.48 -36.26
N ASP A 488 -64.46 18.88 -36.00
CA ASP A 488 -63.43 18.74 -37.02
C ASP A 488 -63.77 17.56 -37.94
N GLU A 489 -62.80 17.16 -38.77
CA GLU A 489 -63.03 16.08 -39.72
C GLU A 489 -63.35 14.76 -39.05
N CYS A 490 -62.92 14.56 -37.80
CA CYS A 490 -63.18 13.34 -37.06
C CYS A 490 -64.38 13.48 -36.12
N GLY A 491 -65.09 14.59 -36.18
CA GLY A 491 -66.23 14.80 -35.31
C GLY A 491 -65.86 14.93 -33.85
N ASP A 492 -64.75 15.60 -33.55
CA ASP A 492 -64.29 15.78 -32.18
C ASP A 492 -64.36 17.25 -31.79
N LEU A 493 -64.36 17.50 -30.49
CA LEU A 493 -64.50 18.84 -29.95
C LEU A 493 -63.38 19.02 -28.92
N VAL A 494 -62.28 19.64 -29.34
CA VAL A 494 -61.14 19.81 -28.45
C VAL A 494 -61.49 20.78 -27.32
N GLY A 495 -61.04 20.46 -26.13
CA GLY A 495 -61.35 21.27 -24.97
C GLY A 495 -60.27 21.19 -23.93
N ASN A 496 -60.25 22.20 -23.06
CA ASN A 496 -59.26 22.29 -22.00
C ASN A 496 -59.48 21.20 -20.95
N TYR A 497 -58.55 21.12 -20.02
CA TYR A 497 -58.71 20.27 -18.84
C TYR A 497 -58.38 21.09 -17.60
N SER A 498 -58.92 20.65 -16.46
CA SER A 498 -58.57 21.21 -15.17
C SER A 498 -58.05 20.09 -14.29
N ILE A 499 -56.84 20.26 -13.77
CA ILE A 499 -56.27 19.30 -12.84
C ILE A 499 -56.75 19.63 -11.43
N ILE A 500 -57.34 18.63 -10.79
CA ILE A 500 -57.95 18.76 -9.47
C ILE A 500 -57.28 17.77 -8.53
N ASN A 501 -57.47 18.01 -7.23
CA ASN A 501 -56.88 17.18 -6.19
C ASN A 501 -57.97 16.76 -5.21
N TRP A 502 -57.86 15.54 -4.70
CA TRP A 502 -58.87 15.00 -3.79
C TRP A 502 -58.52 15.43 -2.38
N HIS A 503 -59.21 16.46 -1.89
CA HIS A 503 -58.98 17.02 -0.56
C HIS A 503 -60.13 16.60 0.34
N LEU A 504 -59.80 16.19 1.56
CA LEU A 504 -60.81 15.84 2.54
C LEU A 504 -61.46 17.11 3.07
N SER A 505 -62.79 17.15 3.04
CA SER A 505 -63.50 18.31 3.55
C SER A 505 -63.33 18.38 5.06
N PRO A 506 -62.79 19.47 5.60
CA PRO A 506 -62.65 19.58 7.06
C PRO A 506 -63.98 19.71 7.79
N GLU A 507 -65.05 20.10 7.11
CA GLU A 507 -66.34 20.29 7.78
C GLU A 507 -67.27 19.11 7.55
N ASP A 508 -67.56 18.81 6.27
CA ASP A 508 -68.51 17.74 5.96
C ASP A 508 -67.90 16.37 6.21
N GLY A 509 -66.63 16.20 5.87
CA GLY A 509 -65.96 14.91 5.94
C GLY A 509 -65.88 14.19 4.61
N SER A 510 -66.56 14.69 3.57
CA SER A 510 -66.51 14.10 2.25
C SER A 510 -65.26 14.56 1.51
N ILE A 511 -65.19 14.25 0.22
CA ILE A 511 -64.02 14.57 -0.59
C ILE A 511 -64.32 15.81 -1.41
N VAL A 512 -63.42 16.79 -1.36
CA VAL A 512 -63.51 18.01 -2.14
C VAL A 512 -62.49 17.95 -3.26
N PHE A 513 -62.94 18.20 -4.49
CA PHE A 513 -62.05 18.27 -5.65
C PHE A 513 -61.60 19.71 -5.80
N LYS A 514 -60.43 20.02 -5.27
CA LYS A 514 -59.88 21.37 -5.35
C LYS A 514 -59.13 21.57 -6.66
N GLU A 515 -59.44 22.67 -7.34
CA GLU A 515 -58.81 23.02 -8.60
C GLU A 515 -57.37 23.43 -8.32
N VAL A 516 -56.41 22.57 -8.67
CA VAL A 516 -55.02 22.82 -8.37
C VAL A 516 -54.21 23.10 -9.64
N GLY A 517 -54.86 23.14 -10.79
CA GLY A 517 -54.17 23.55 -12.00
C GLY A 517 -55.05 23.35 -13.21
N TYR A 518 -54.45 23.60 -14.38
CA TYR A 518 -55.16 23.42 -15.64
C TYR A 518 -54.20 22.90 -16.70
N TYR A 519 -54.78 22.32 -17.74
CA TYR A 519 -54.05 21.85 -18.90
C TYR A 519 -54.66 22.50 -20.13
N ASN A 520 -53.85 23.26 -20.85
CA ASN A 520 -54.31 24.09 -21.96
C ASN A 520 -53.94 23.39 -23.26
N VAL A 521 -54.93 22.78 -23.91
CA VAL A 521 -54.68 21.98 -25.11
C VAL A 521 -54.35 22.82 -26.33
N TYR A 522 -54.55 24.14 -26.25
CA TYR A 522 -54.29 25.02 -27.38
C TYR A 522 -52.87 25.57 -27.41
N ALA A 523 -52.15 25.51 -26.30
CA ALA A 523 -50.78 26.00 -26.26
C ALA A 523 -49.85 25.00 -26.95
N LYS A 524 -48.68 25.50 -27.35
CA LYS A 524 -47.67 24.64 -27.94
C LYS A 524 -47.17 23.64 -26.91
N LYS A 525 -46.68 22.50 -27.41
CA LYS A 525 -46.26 21.41 -26.53
C LYS A 525 -45.18 21.87 -25.56
N GLY A 526 -45.33 21.46 -24.30
CA GLY A 526 -44.42 21.81 -23.24
C GLY A 526 -44.90 22.95 -22.36
N GLU A 527 -45.82 23.77 -22.85
CA GLU A 527 -46.43 24.83 -22.04
C GLU A 527 -47.92 24.59 -21.82
N ARG A 528 -48.41 23.40 -22.14
CA ARG A 528 -49.83 23.09 -22.01
C ARG A 528 -50.27 22.84 -20.57
N LEU A 529 -49.34 22.66 -19.64
CA LEU A 529 -49.66 22.30 -18.27
C LEU A 529 -49.29 23.43 -17.33
N PHE A 530 -50.16 23.69 -16.36
CA PHE A 530 -49.85 24.60 -15.26
C PHE A 530 -50.41 24.00 -14.00
N ILE A 531 -49.58 23.85 -12.97
CA ILE A 531 -50.00 23.27 -11.70
C ILE A 531 -49.52 24.17 -10.57
N ASN A 532 -50.44 24.51 -9.67
CA ASN A 532 -50.10 25.21 -8.43
C ASN A 532 -49.76 24.15 -7.39
N GLU A 533 -48.47 23.98 -7.10
CA GLU A 533 -48.07 22.90 -6.20
C GLU A 533 -48.51 23.14 -4.77
N GLU A 534 -48.54 24.41 -4.32
CA GLU A 534 -48.88 24.69 -2.94
C GLU A 534 -50.34 24.35 -2.61
N LYS A 535 -51.17 24.12 -3.63
CA LYS A 535 -52.55 23.70 -3.41
C LYS A 535 -52.72 22.19 -3.42
N ILE A 536 -51.65 21.43 -3.56
CA ILE A 536 -51.71 19.97 -3.64
C ILE A 536 -51.38 19.40 -2.27
N LEU A 537 -52.32 18.66 -1.69
CA LEU A 537 -52.08 17.87 -0.50
C LEU A 537 -51.85 16.43 -0.93
N TRP A 538 -50.59 16.01 -0.93
CA TRP A 538 -50.26 14.66 -1.37
C TRP A 538 -50.76 13.64 -0.36
N SER A 539 -51.35 12.56 -0.87
CA SER A 539 -51.95 11.50 -0.07
C SER A 539 -52.99 12.05 0.92
N GLY A 540 -53.47 13.27 0.68
CA GLY A 540 -54.47 13.89 1.52
C GLY A 540 -53.92 14.60 2.73
N PHE A 541 -52.65 14.39 3.10
CA PHE A 541 -52.14 14.96 4.34
C PHE A 541 -50.70 15.47 4.23
N SER A 542 -50.15 15.65 3.03
CA SER A 542 -48.73 15.96 2.89
C SER A 542 -48.55 17.24 2.09
N ARG A 543 -47.44 17.93 2.40
CA ARG A 543 -47.04 19.13 1.68
C ARG A 543 -45.74 18.93 0.91
N GLU A 544 -45.14 17.75 0.98
CA GLU A 544 -43.87 17.45 0.35
C GLU A 544 -44.09 16.56 -0.85
N VAL A 545 -43.42 16.87 -1.96
CA VAL A 545 -43.55 16.10 -3.19
C VAL A 545 -43.04 14.68 -2.92
N PRO A 546 -43.86 13.65 -3.14
CA PRO A 546 -43.43 12.29 -2.83
C PRO A 546 -42.35 11.83 -3.81
N PHE A 547 -41.60 10.82 -3.38
CA PHE A 547 -40.51 10.25 -4.17
C PHE A 547 -41.01 9.00 -4.87
N SER A 548 -41.04 9.04 -6.21
CA SER A 548 -41.32 7.86 -7.01
C SER A 548 -40.25 7.76 -8.11
N ASN A 549 -39.10 7.20 -7.75
CA ASN A 549 -38.01 6.89 -8.66
C ASN A 549 -37.54 5.48 -8.37
N CYS A 550 -37.03 4.80 -9.39
CA CYS A 550 -36.55 3.44 -9.18
C CYS A 550 -35.25 3.38 -8.42
N SER A 551 -34.47 4.46 -8.42
CA SER A 551 -33.21 4.50 -7.69
C SER A 551 -33.00 5.89 -7.12
N ARG A 552 -32.19 5.96 -6.09
CA ARG A 552 -31.79 7.24 -5.51
C ARG A 552 -30.71 7.86 -6.36
N ASP A 553 -30.74 9.18 -6.49
CA ASP A 553 -29.85 9.87 -7.41
C ASP A 553 -28.39 9.64 -7.04
N CYS A 554 -27.58 9.28 -8.02
CA CYS A 554 -26.15 9.13 -7.81
C CYS A 554 -25.52 10.49 -7.61
N LEU A 555 -24.83 10.67 -6.49
CA LEU A 555 -24.21 11.95 -6.19
C LEU A 555 -22.99 12.17 -7.06
N ALA A 556 -22.49 13.41 -7.05
CA ALA A 556 -21.27 13.72 -7.77
C ALA A 556 -20.10 12.90 -7.24
N GLY A 557 -19.18 12.56 -8.13
CA GLY A 557 -18.14 11.61 -7.80
C GLY A 557 -18.56 10.16 -7.91
N THR A 558 -19.68 9.90 -8.58
CA THR A 558 -20.25 8.57 -8.70
C THR A 558 -20.97 8.49 -10.05
N ARG A 559 -21.12 7.28 -10.57
CA ARG A 559 -21.73 7.07 -11.87
C ARG A 559 -22.80 6.00 -11.79
N LYS A 560 -23.61 5.93 -12.84
CA LYS A 560 -24.71 4.97 -12.90
C LYS A 560 -24.24 3.69 -13.57
N GLY A 561 -24.65 2.56 -13.03
CA GLY A 561 -24.33 1.26 -13.60
C GLY A 561 -25.56 0.42 -13.82
N ILE A 562 -25.62 -0.26 -14.96
CA ILE A 562 -26.81 -1.01 -15.33
C ILE A 562 -27.00 -2.18 -14.37
N ILE A 563 -28.23 -2.40 -13.96
CA ILE A 563 -28.62 -3.63 -13.28
C ILE A 563 -29.16 -4.58 -14.33
N GLU A 564 -28.79 -5.85 -14.22
CA GLU A 564 -29.19 -6.84 -15.22
C GLU A 564 -30.70 -7.04 -15.18
N GLY A 565 -31.33 -6.93 -16.35
CA GLY A 565 -32.75 -7.16 -16.47
C GLY A 565 -33.64 -6.03 -16.00
N GLU A 566 -33.08 -4.90 -15.59
CA GLU A 566 -33.86 -3.82 -15.04
C GLU A 566 -33.75 -2.58 -15.93
N PRO A 567 -34.78 -1.75 -16.01
CA PRO A 567 -34.79 -0.65 -16.98
C PRO A 567 -33.79 0.43 -16.64
N THR A 568 -33.70 1.40 -17.55
CA THR A 568 -32.69 2.46 -17.43
C THR A 568 -32.87 3.27 -16.16
N CYS A 569 -34.12 3.46 -15.72
CA CYS A 569 -34.38 4.24 -14.53
C CYS A 569 -33.77 3.61 -13.28
N CYS A 570 -33.55 2.30 -13.31
CA CYS A 570 -32.95 1.59 -12.19
C CYS A 570 -31.47 1.38 -12.45
N PHE A 571 -30.63 1.83 -11.52
CA PHE A 571 -29.19 1.79 -11.71
C PHE A 571 -28.52 1.77 -10.35
N GLU A 572 -27.30 1.24 -10.32
CA GLU A 572 -26.49 1.18 -9.11
C GLU A 572 -25.46 2.29 -9.13
N CYS A 573 -25.21 2.90 -7.98
CA CYS A 573 -24.24 3.98 -7.89
C CYS A 573 -22.86 3.40 -7.65
N VAL A 574 -21.94 3.62 -8.58
CA VAL A 574 -20.59 3.10 -8.52
C VAL A 574 -19.62 4.27 -8.46
N GLU A 575 -18.77 4.29 -7.44
CA GLU A 575 -17.85 5.40 -7.25
C GLU A 575 -16.89 5.49 -8.43
N CYS A 576 -16.53 6.72 -8.79
CA CYS A 576 -15.70 6.95 -9.95
C CYS A 576 -14.31 6.32 -9.76
N PRO A 577 -13.77 5.70 -10.80
CA PRO A 577 -12.38 5.22 -10.73
C PRO A 577 -11.41 6.34 -10.42
N ASP A 578 -10.23 5.96 -9.95
CA ASP A 578 -9.18 6.93 -9.67
C ASP A 578 -8.72 7.60 -10.95
N GLY A 579 -8.47 8.90 -10.88
CA GLY A 579 -8.06 9.66 -12.04
C GLY A 579 -9.20 10.35 -12.75
N GLU A 580 -10.35 9.67 -12.86
CA GLU A 580 -11.53 10.27 -13.43
C GLU A 580 -12.36 10.96 -12.36
N TYR A 581 -13.24 11.87 -12.79
CA TYR A 581 -14.07 12.65 -11.88
C TYR A 581 -15.46 12.79 -12.46
N SER A 582 -16.42 13.12 -11.60
CA SER A 582 -17.79 13.41 -12.00
C SER A 582 -18.25 14.67 -11.31
N ASP A 583 -18.47 15.73 -12.09
CA ASP A 583 -18.92 17.00 -11.53
C ASP A 583 -20.44 17.10 -11.49
N GLU A 584 -21.11 16.78 -12.58
CA GLU A 584 -22.56 16.84 -12.61
C GLU A 584 -23.15 15.59 -11.96
N THR A 585 -24.25 15.79 -11.23
CA THR A 585 -24.96 14.66 -10.64
C THR A 585 -25.73 13.91 -11.71
N ASP A 586 -25.97 12.63 -11.44
CA ASP A 586 -26.63 11.71 -12.37
C ASP A 586 -25.90 11.66 -13.70
N ALA A 587 -24.61 11.34 -13.62
CA ALA A 587 -23.77 11.16 -14.78
C ALA A 587 -23.71 9.69 -15.15
N SER A 588 -23.93 9.40 -16.43
CA SER A 588 -23.93 8.03 -16.92
C SER A 588 -22.54 7.47 -17.17
N ALA A 589 -21.51 8.32 -17.11
CA ALA A 589 -20.16 7.88 -17.36
C ALA A 589 -19.19 8.76 -16.61
N CYS A 590 -17.96 8.27 -16.46
CA CYS A 590 -16.89 8.99 -15.78
C CYS A 590 -16.07 9.77 -16.78
N ASN A 591 -15.66 10.97 -16.40
CA ASN A 591 -14.84 11.83 -17.25
C ASN A 591 -13.42 11.86 -16.72
N LYS A 592 -12.47 11.45 -17.57
CA LYS A 592 -11.06 11.49 -17.19
C LYS A 592 -10.63 12.92 -16.93
N CYS A 593 -9.88 13.12 -15.83
CA CYS A 593 -9.31 14.44 -15.59
C CYS A 593 -8.35 14.78 -16.71
N PRO A 594 -8.29 16.05 -17.13
CA PRO A 594 -7.41 16.41 -18.25
C PRO A 594 -5.95 16.27 -17.86
N ASP A 595 -5.09 16.40 -18.87
CA ASP A 595 -3.65 16.37 -18.65
C ASP A 595 -3.27 17.51 -17.71
N ASP A 596 -2.26 17.28 -16.87
CA ASP A 596 -1.80 18.17 -15.81
C ASP A 596 -2.74 18.17 -14.61
N PHE A 597 -3.87 17.48 -14.69
CA PHE A 597 -4.86 17.48 -13.62
C PHE A 597 -5.18 16.05 -13.21
N TRP A 598 -5.59 15.87 -11.96
CA TRP A 598 -5.87 14.56 -11.39
C TRP A 598 -7.13 14.63 -10.54
N SER A 599 -7.71 13.46 -10.31
CA SER A 599 -8.92 13.37 -9.49
C SER A 599 -8.62 13.75 -8.05
N ASN A 600 -9.62 14.34 -7.40
CA ASN A 600 -9.48 14.70 -5.99
C ASN A 600 -9.85 13.51 -5.11
N GLU A 601 -10.02 13.75 -3.81
CA GLU A 601 -10.37 12.70 -2.88
C GLU A 601 -11.82 12.25 -3.01
N ASN A 602 -12.71 13.11 -3.49
CA ASN A 602 -14.12 12.76 -3.66
C ASN A 602 -14.48 12.43 -5.10
N HIS A 603 -13.50 12.40 -6.01
CA HIS A 603 -13.73 12.15 -7.43
C HIS A 603 -14.71 13.14 -8.03
N THR A 604 -14.72 14.37 -7.52
CA THR A 604 -15.64 15.40 -7.99
C THR A 604 -14.97 16.56 -8.70
N SER A 605 -13.68 16.80 -8.45
CA SER A 605 -13.01 17.98 -8.97
C SER A 605 -11.71 17.57 -9.66
N CYS A 606 -11.01 18.57 -10.19
CA CYS A 606 -9.75 18.39 -10.91
C CYS A 606 -8.66 19.16 -10.16
N ILE A 607 -7.95 18.46 -9.27
CA ILE A 607 -6.84 19.09 -8.57
C ILE A 607 -5.59 19.04 -9.44
N ALA A 608 -4.91 20.18 -9.56
CA ALA A 608 -3.65 20.23 -10.30
C ALA A 608 -2.66 19.26 -9.69
N LYS A 609 -2.07 18.42 -10.53
CA LYS A 609 -1.15 17.41 -10.03
C LYS A 609 0.07 18.07 -9.40
N GLU A 610 0.54 17.51 -8.29
CA GLU A 610 1.67 18.08 -7.58
C GLU A 610 2.91 18.12 -8.46
N ILE A 611 3.59 19.26 -8.46
CA ILE A 611 4.82 19.44 -9.22
C ILE A 611 6.00 19.18 -8.30
N GLU A 612 6.83 18.20 -8.66
CA GLU A 612 7.96 17.80 -7.83
C GLU A 612 9.28 18.18 -8.49
N PHE A 613 10.09 18.91 -7.74
CA PHE A 613 11.46 19.27 -8.07
C PHE A 613 12.16 19.59 -6.75
N LEU A 614 13.48 19.61 -6.78
CA LEU A 614 14.23 19.94 -5.58
C LEU A 614 13.98 21.40 -5.22
N SER A 615 13.21 21.62 -4.16
CA SER A 615 12.76 22.94 -3.79
C SER A 615 13.81 23.67 -2.96
N TRP A 616 13.80 25.00 -3.04
CA TRP A 616 14.64 25.81 -2.19
C TRP A 616 14.17 25.83 -0.74
N THR A 617 12.88 25.60 -0.50
CA THR A 617 12.34 25.52 0.85
C THR A 617 12.28 24.11 1.39
N GLU A 618 12.51 23.10 0.57
CA GLU A 618 12.61 21.74 1.07
C GLU A 618 13.80 21.63 2.00
N PRO A 619 13.72 20.82 3.07
CA PRO A 619 14.84 20.69 4.00
C PRO A 619 16.15 20.35 3.31
N PHE A 620 16.11 19.48 2.30
CA PHE A 620 17.31 19.20 1.53
C PHE A 620 17.81 20.44 0.80
N GLY A 621 16.88 21.21 0.22
CA GLY A 621 17.28 22.43 -0.47
C GLY A 621 17.93 23.44 0.45
N ILE A 622 17.32 23.67 1.61
CA ILE A 622 17.87 24.61 2.58
C ILE A 622 19.24 24.14 3.06
N ALA A 623 19.36 22.84 3.38
CA ALA A 623 20.62 22.32 3.90
C ALA A 623 21.73 22.41 2.87
N LEU A 624 21.45 22.02 1.62
CA LEU A 624 22.49 22.03 0.60
C LEU A 624 22.85 23.45 0.20
N THR A 625 21.88 24.38 0.20
CA THR A 625 22.21 25.78 -0.01
C THR A 625 23.08 26.30 1.11
N LEU A 626 22.78 25.91 2.36
CA LEU A 626 23.61 26.31 3.48
C LEU A 626 25.05 25.84 3.31
N PHE A 627 25.22 24.58 2.90
CA PHE A 627 26.57 24.04 2.76
C PHE A 627 27.29 24.66 1.57
N ALA A 628 26.58 24.91 0.47
CA ALA A 628 27.22 25.57 -0.67
C ALA A 628 27.63 27.00 -0.32
N VAL A 629 26.79 27.70 0.45
CA VAL A 629 27.14 29.04 0.90
C VAL A 629 28.33 28.99 1.85
N LEU A 630 28.40 27.95 2.68
CA LEU A 630 29.57 27.76 3.53
C LEU A 630 30.83 27.58 2.70
N GLY A 631 30.74 26.80 1.63
CA GLY A 631 31.88 26.63 0.75
C GLY A 631 32.28 27.93 0.07
N ILE A 632 31.30 28.71 -0.38
CA ILE A 632 31.59 30.01 -0.99
C ILE A 632 32.29 30.91 0.01
N PHE A 633 31.79 30.96 1.24
CA PHE A 633 32.39 31.79 2.27
C PHE A 633 33.82 31.35 2.58
N LEU A 634 34.05 30.03 2.66
CA LEU A 634 35.38 29.53 2.94
C LEU A 634 36.35 29.85 1.81
N THR A 635 35.90 29.72 0.56
CA THR A 635 36.76 30.07 -0.56
C THR A 635 37.09 31.55 -0.57
N ALA A 636 36.09 32.40 -0.30
CA ALA A 636 36.36 33.83 -0.18
C ALA A 636 37.31 34.11 0.96
N PHE A 637 37.19 33.38 2.07
CA PHE A 637 38.09 33.54 3.20
C PHE A 637 39.53 33.25 2.79
N VAL A 638 39.74 32.11 2.12
CA VAL A 638 41.09 31.74 1.72
C VAL A 638 41.65 32.72 0.71
N LEU A 639 40.82 33.16 -0.24
CA LEU A 639 41.26 34.13 -1.24
C LEU A 639 41.64 35.46 -0.58
N GLY A 640 40.83 35.91 0.38
CA GLY A 640 41.15 37.13 1.09
C GLY A 640 42.39 37.01 1.94
N VAL A 641 42.65 35.80 2.48
CA VAL A 641 43.88 35.60 3.25
C VAL A 641 45.10 35.65 2.34
N PHE A 642 45.04 34.98 1.18
CA PHE A 642 46.13 35.14 0.23
C PHE A 642 46.25 36.54 -0.33
N ILE A 643 45.19 37.35 -0.34
CA ILE A 643 45.27 38.73 -0.79
C ILE A 643 45.91 39.62 0.27
N LYS A 644 45.48 39.47 1.53
CA LYS A 644 46.03 40.27 2.62
C LYS A 644 47.52 40.01 2.80
N PHE A 645 47.90 38.74 2.92
CA PHE A 645 49.31 38.36 2.92
C PHE A 645 49.73 37.94 1.52
N ARG A 646 49.66 38.89 0.58
CA ARG A 646 49.94 38.59 -0.82
C ARG A 646 51.38 38.15 -1.04
N ASN A 647 52.33 38.88 -0.45
CA ASN A 647 53.74 38.67 -0.75
C ASN A 647 54.49 37.90 0.32
N THR A 648 53.79 37.24 1.24
CA THR A 648 54.48 36.38 2.19
C THR A 648 55.12 35.20 1.45
N PRO A 649 56.22 34.67 1.97
CA PRO A 649 56.94 33.62 1.24
C PRO A 649 56.11 32.40 0.87
N ILE A 650 55.18 31.99 1.73
CA ILE A 650 54.38 30.80 1.43
C ILE A 650 53.45 31.06 0.27
N VAL A 651 52.76 32.21 0.28
CA VAL A 651 51.90 32.58 -0.83
C VAL A 651 52.71 32.83 -2.09
N LYS A 652 53.96 33.29 -1.93
CA LYS A 652 54.79 33.59 -3.08
C LYS A 652 55.33 32.32 -3.74
N ALA A 653 55.63 31.29 -2.94
CA ALA A 653 56.28 30.10 -3.46
C ALA A 653 55.39 29.38 -4.48
N THR A 654 54.24 28.89 -4.03
CA THR A 654 53.23 28.44 -4.98
C THR A 654 52.75 29.61 -5.80
N ASN A 655 52.59 29.41 -7.11
CA ASN A 655 52.25 30.52 -8.00
C ASN A 655 50.94 31.15 -7.56
N ARG A 656 51.01 32.38 -7.07
CA ARG A 656 49.84 32.99 -6.44
C ARG A 656 48.77 33.37 -7.44
N GLU A 657 49.15 33.67 -8.68
CA GLU A 657 48.14 33.92 -9.71
C GLU A 657 47.34 32.66 -9.98
N LEU A 658 48.02 31.51 -10.01
CA LEU A 658 47.32 30.24 -10.06
C LEU A 658 46.47 30.01 -8.82
N SER A 659 46.91 30.50 -7.66
CA SER A 659 46.11 30.33 -6.45
C SER A 659 44.81 31.10 -6.55
N TYR A 660 44.86 32.34 -7.03
CA TYR A 660 43.65 33.12 -7.23
C TYR A 660 42.75 32.47 -8.29
N LEU A 661 43.36 31.98 -9.38
CA LEU A 661 42.57 31.29 -10.41
C LEU A 661 41.88 30.06 -9.83
N LEU A 662 42.60 29.28 -9.03
CA LEU A 662 42.05 28.07 -8.44
C LEU A 662 40.94 28.40 -7.46
N LEU A 663 41.10 29.47 -6.68
CA LEU A 663 40.07 29.83 -5.72
C LEU A 663 38.83 30.36 -6.43
N PHE A 664 39.00 31.12 -7.51
CA PHE A 664 37.86 31.52 -8.32
C PHE A 664 37.16 30.31 -8.91
N SER A 665 37.94 29.33 -9.37
CA SER A 665 37.37 28.11 -9.92
C SER A 665 36.63 27.32 -8.87
N LEU A 666 37.13 27.30 -7.63
CA LEU A 666 36.42 26.63 -6.54
C LEU A 666 35.13 27.36 -6.20
N LEU A 667 35.15 28.69 -6.26
CA LEU A 667 33.91 29.44 -6.11
C LEU A 667 32.90 29.04 -7.19
N CYS A 668 33.37 28.90 -8.42
CA CYS A 668 32.49 28.45 -9.50
C CYS A 668 31.96 27.04 -9.25
N CYS A 669 32.82 26.15 -8.76
CA CYS A 669 32.39 24.78 -8.45
C CYS A 669 31.32 24.78 -7.38
N PHE A 670 31.53 25.53 -6.31
CA PHE A 670 30.53 25.60 -5.24
C PHE A 670 29.24 26.20 -5.74
N SER A 671 29.32 27.25 -6.58
CA SER A 671 28.13 27.90 -7.08
C SER A 671 27.41 27.08 -8.14
N SER A 672 28.10 26.12 -8.75
CA SER A 672 27.47 25.28 -9.76
C SER A 672 26.43 24.35 -9.14
N SER A 673 26.59 24.01 -7.86
CA SER A 673 25.61 23.14 -7.21
C SER A 673 24.28 23.85 -7.06
N LEU A 674 24.30 25.19 -6.97
CA LEU A 674 23.06 25.94 -6.84
C LEU A 674 22.20 25.81 -8.08
N PHE A 675 22.78 25.47 -9.22
CA PHE A 675 22.02 25.28 -10.45
C PHE A 675 21.30 23.93 -10.45
N PHE A 676 21.34 23.22 -9.33
CA PHE A 676 20.62 21.97 -9.19
C PHE A 676 19.47 22.04 -8.20
N ILE A 677 19.30 23.16 -7.50
CA ILE A 677 18.20 23.35 -6.56
C ILE A 677 17.23 24.35 -7.16
N GLY A 678 15.96 23.98 -7.22
CA GLY A 678 14.93 24.79 -7.81
C GLY A 678 14.25 24.08 -8.96
N GLU A 679 13.30 24.78 -9.57
CA GLU A 679 12.58 24.22 -10.71
C GLU A 679 13.47 24.25 -11.95
N PRO A 680 13.77 23.11 -12.55
CA PRO A 680 14.67 23.09 -13.70
C PRO A 680 14.13 23.85 -14.89
N GLN A 681 14.83 24.90 -15.30
CA GLN A 681 14.52 25.63 -16.52
C GLN A 681 15.40 25.13 -17.65
N ASP A 682 15.06 25.53 -18.87
CA ASP A 682 15.80 25.08 -20.04
C ASP A 682 17.24 25.55 -19.98
N TRP A 683 17.46 26.83 -19.64
CA TRP A 683 18.82 27.33 -19.54
C TRP A 683 19.55 26.72 -18.34
N THR A 684 18.82 26.48 -17.24
CA THR A 684 19.43 25.81 -16.09
C THR A 684 19.91 24.42 -16.46
N CYS A 685 19.08 23.65 -17.16
CA CYS A 685 19.47 22.30 -17.55
C CYS A 685 20.57 22.34 -18.60
N ARG A 686 20.60 23.39 -19.41
CA ARG A 686 21.68 23.55 -20.38
C ARG A 686 22.98 23.92 -19.70
N LEU A 687 22.91 24.52 -18.51
CA LEU A 687 24.10 25.05 -17.84
C LEU A 687 24.64 24.12 -16.76
N ARG A 688 23.82 23.20 -16.24
CA ARG A 688 24.20 22.43 -15.06
C ARG A 688 25.51 21.67 -15.20
N GLN A 689 25.54 20.67 -16.07
CA GLN A 689 26.72 19.82 -16.23
C GLN A 689 27.91 20.61 -16.78
N PRO A 690 27.72 21.46 -17.84
CA PRO A 690 28.85 22.25 -18.34
C PRO A 690 29.52 23.10 -17.28
N ALA A 691 28.74 23.72 -16.40
CA ALA A 691 29.31 24.64 -15.42
C ALA A 691 30.26 23.91 -14.47
N PHE A 692 29.77 22.83 -13.85
CA PHE A 692 30.62 22.09 -12.93
C PHE A 692 31.80 21.46 -13.67
N GLY A 693 31.55 20.92 -14.86
CA GLY A 693 32.63 20.30 -15.60
C GLY A 693 33.75 21.29 -15.85
N ILE A 694 33.41 22.45 -16.39
CA ILE A 694 34.42 23.46 -16.72
C ILE A 694 35.11 23.95 -15.46
N SER A 695 34.35 24.27 -14.42
CA SER A 695 34.95 24.81 -13.21
C SER A 695 35.87 23.80 -12.54
N PHE A 696 35.46 22.53 -12.48
CA PHE A 696 36.27 21.53 -11.80
C PHE A 696 37.48 21.14 -12.64
N VAL A 697 37.35 21.18 -13.96
CA VAL A 697 38.52 20.96 -14.81
C VAL A 697 39.50 22.10 -14.65
N LEU A 698 38.99 23.32 -14.45
CA LEU A 698 39.88 24.45 -14.19
C LEU A 698 40.60 24.29 -12.85
N CYS A 699 39.88 23.82 -11.83
CA CYS A 699 40.49 23.52 -10.54
C CYS A 699 41.57 22.46 -10.67
N ILE A 700 41.23 21.34 -11.31
CA ILE A 700 42.18 20.25 -11.48
C ILE A 700 43.38 20.71 -12.29
N SER A 701 43.17 21.62 -13.23
CA SER A 701 44.27 22.11 -14.05
C SER A 701 45.21 22.98 -13.23
N CYS A 702 44.65 23.85 -12.38
CA CYS A 702 45.50 24.65 -11.49
C CYS A 702 46.31 23.73 -10.57
N ILE A 703 45.67 22.72 -10.01
CA ILE A 703 46.37 21.79 -9.14
C ILE A 703 47.41 20.99 -9.92
N LEU A 704 47.10 20.62 -11.15
CA LEU A 704 47.97 19.81 -11.98
C LEU A 704 49.22 20.56 -12.40
N VAL A 705 49.10 21.88 -12.61
CA VAL A 705 50.30 22.65 -12.87
C VAL A 705 51.01 23.05 -11.58
N LYS A 706 50.31 23.01 -10.44
CA LYS A 706 50.96 23.34 -9.18
C LYS A 706 51.82 22.20 -8.66
N THR A 707 51.59 20.97 -9.10
CA THR A 707 52.43 19.87 -8.66
C THR A 707 53.73 19.84 -9.48
N ASN A 708 54.48 18.75 -9.34
CA ASN A 708 55.83 18.68 -9.86
C ASN A 708 55.94 17.68 -11.01
N ARG A 709 56.97 17.88 -11.84
CA ARG A 709 57.24 17.05 -13.02
C ARG A 709 56.06 17.04 -13.98
N VAL A 710 55.38 18.18 -14.07
CA VAL A 710 54.21 18.34 -14.93
C VAL A 710 54.42 19.54 -15.85
N LEU A 711 54.83 20.67 -15.26
CA LEU A 711 55.29 21.80 -16.06
C LEU A 711 56.48 21.40 -16.93
N LEU A 712 57.41 20.64 -16.36
CA LEU A 712 58.62 20.25 -17.07
C LEU A 712 58.28 19.38 -18.28
N VAL A 713 57.39 18.40 -18.10
CA VAL A 713 57.11 17.46 -19.18
C VAL A 713 56.39 18.15 -20.33
N PHE A 714 55.52 19.12 -20.01
CA PHE A 714 54.90 19.88 -21.09
C PHE A 714 55.92 20.78 -21.77
N GLU A 715 56.80 21.40 -20.99
CA GLU A 715 57.82 22.27 -21.56
C GLU A 715 58.73 21.49 -22.51
N ALA A 716 58.99 20.23 -22.19
CA ALA A 716 59.75 19.36 -23.07
C ALA A 716 58.82 18.54 -23.95
N ASN A 730 53.06 32.69 -18.46
CA ASN A 730 54.00 31.57 -18.50
C ASN A 730 53.36 30.34 -19.11
N LEU A 731 54.05 29.20 -18.99
CA LEU A 731 53.49 27.96 -19.50
C LEU A 731 52.36 27.45 -18.62
N GLN A 732 52.36 27.83 -17.34
CA GLN A 732 51.29 27.44 -16.43
C GLN A 732 49.93 27.78 -17.00
N PHE A 733 49.78 29.03 -17.45
CA PHE A 733 48.52 29.47 -18.04
C PHE A 733 48.24 28.76 -19.34
N LEU A 734 49.27 28.38 -20.09
CA LEU A 734 49.04 27.62 -21.31
C LEU A 734 48.45 26.25 -21.01
N LEU A 735 49.01 25.55 -20.00
CA LEU A 735 48.45 24.27 -19.59
C LEU A 735 47.02 24.42 -19.14
N VAL A 736 46.76 25.37 -18.23
CA VAL A 736 45.42 25.50 -17.67
C VAL A 736 44.44 25.87 -18.78
N PHE A 737 44.88 26.69 -19.74
CA PHE A 737 44.00 27.15 -20.80
C PHE A 737 43.64 26.01 -21.74
N LEU A 738 44.62 25.21 -22.16
CA LEU A 738 44.30 24.06 -23.01
C LEU A 738 43.43 23.04 -22.28
N CYS A 739 43.74 22.77 -21.01
CA CYS A 739 42.98 21.75 -20.28
C CYS A 739 41.54 22.18 -20.07
N THR A 740 41.31 23.48 -19.85
CA THR A 740 39.93 23.96 -19.77
C THR A 740 39.29 24.06 -21.14
N PHE A 741 40.09 24.39 -22.17
CA PHE A 741 39.56 24.70 -23.48
C PHE A 741 39.05 23.45 -24.18
N MET A 742 39.71 22.31 -23.97
CA MET A 742 39.21 21.08 -24.57
C MET A 742 37.79 20.77 -24.07
N GLN A 743 37.57 20.93 -22.78
CA GLN A 743 36.25 20.64 -22.24
C GLN A 743 35.25 21.73 -22.60
N ILE A 744 35.71 22.98 -22.77
CA ILE A 744 34.83 24.01 -23.29
C ILE A 744 34.39 23.68 -24.71
N VAL A 745 35.30 23.12 -25.51
CA VAL A 745 34.94 22.67 -26.85
C VAL A 745 33.90 21.56 -26.76
N ILE A 746 34.10 20.62 -25.84
CA ILE A 746 33.10 19.57 -25.62
C ILE A 746 31.75 20.18 -25.29
N CYS A 747 31.73 21.16 -24.40
CA CYS A 747 30.48 21.78 -23.99
C CYS A 747 29.81 22.52 -25.13
N VAL A 748 30.60 23.21 -25.96
CA VAL A 748 30.03 23.94 -27.10
C VAL A 748 29.44 22.97 -28.11
N ILE A 749 30.16 21.89 -28.41
CA ILE A 749 29.64 20.90 -29.35
C ILE A 749 28.35 20.29 -28.81
N TRP A 750 28.33 19.97 -27.52
CA TRP A 750 27.14 19.38 -26.91
C TRP A 750 25.96 20.35 -26.92
N LEU A 751 26.19 21.60 -26.52
CA LEU A 751 25.12 22.58 -26.43
C LEU A 751 24.64 23.06 -27.79
N TYR A 752 25.44 22.86 -28.85
CA TYR A 752 25.02 23.19 -30.20
C TYR A 752 24.30 22.03 -30.88
N THR A 753 24.83 20.81 -30.76
CA THR A 753 24.24 19.68 -31.46
C THR A 753 22.96 19.21 -30.76
N ALA A 754 23.09 18.75 -29.51
CA ALA A 754 21.97 18.19 -28.76
C ALA A 754 21.93 18.83 -27.38
N PRO A 755 21.47 20.08 -27.30
CA PRO A 755 21.46 20.77 -26.00
C PRO A 755 20.48 20.10 -25.06
N PRO A 756 20.75 20.16 -23.76
CA PRO A 756 19.76 19.65 -22.78
C PRO A 756 18.50 20.49 -22.74
N SER A 757 17.52 20.08 -21.95
CA SER A 757 16.28 20.84 -21.82
C SER A 757 15.62 20.45 -20.51
N SER A 758 14.43 21.00 -20.29
CA SER A 758 13.62 20.60 -19.14
C SER A 758 12.49 19.71 -19.62
N TYR A 759 12.17 18.70 -18.81
CA TYR A 759 11.24 17.66 -19.23
C TYR A 759 10.29 17.35 -18.07
N ARG A 760 9.00 17.56 -18.31
CA ARG A 760 7.99 17.21 -17.32
C ARG A 760 7.61 15.74 -17.49
N ASN A 761 7.88 14.93 -16.46
CA ASN A 761 7.64 13.50 -16.50
C ASN A 761 6.34 13.17 -15.81
N GLN A 762 5.50 12.37 -16.48
CA GLN A 762 4.31 11.77 -15.89
C GLN A 762 4.44 10.26 -15.80
N GLU A 763 5.61 9.71 -16.14
CA GLU A 763 5.83 8.27 -16.08
C GLU A 763 6.03 7.78 -14.64
N LEU A 764 6.37 8.67 -13.72
CA LEU A 764 6.42 8.34 -12.31
C LEU A 764 5.00 8.37 -11.74
N GLU A 765 4.87 8.38 -10.41
CA GLU A 765 3.57 8.39 -9.76
C GLU A 765 2.61 9.37 -10.43
N ASP A 766 1.45 8.87 -10.84
CA ASP A 766 0.61 9.58 -11.79
C ASP A 766 -0.04 10.82 -11.19
N GLU A 767 -0.07 10.93 -9.87
CA GLU A 767 -0.59 12.14 -9.24
C GLU A 767 0.42 13.28 -9.24
N ILE A 768 1.61 13.06 -9.80
CA ILE A 768 2.71 14.00 -9.73
C ILE A 768 3.33 14.18 -11.11
N ILE A 769 3.63 15.44 -11.45
CA ILE A 769 4.49 15.77 -12.57
C ILE A 769 5.86 16.13 -12.01
N PHE A 770 6.89 15.41 -12.45
CA PHE A 770 8.23 15.56 -11.88
C PHE A 770 9.14 16.19 -12.93
N ILE A 771 9.81 17.28 -12.55
CA ILE A 771 10.57 18.05 -13.54
C ILE A 771 12.01 17.54 -13.54
N THR A 772 12.48 17.12 -14.72
CA THR A 772 13.82 16.59 -14.91
C THR A 772 14.59 17.49 -15.86
N CYS A 773 15.90 17.33 -15.86
CA CYS A 773 16.70 17.82 -16.96
C CYS A 773 17.00 16.68 -17.93
N HIS A 774 16.82 16.96 -19.21
CA HIS A 774 17.01 15.99 -20.27
C HIS A 774 18.33 16.32 -20.95
N GLU A 775 19.37 15.56 -20.65
CA GLU A 775 20.62 15.67 -21.36
C GLU A 775 20.39 15.31 -22.83
N GLY A 776 20.94 16.12 -23.73
CA GLY A 776 20.71 15.87 -25.15
C GLY A 776 21.23 14.52 -25.57
N SER A 777 22.39 14.13 -25.07
CA SER A 777 22.96 12.82 -25.36
C SER A 777 23.87 12.43 -24.21
N LEU A 778 23.74 11.19 -23.73
CA LEU A 778 24.65 10.69 -22.72
C LEU A 778 26.06 10.52 -23.26
N MET A 779 26.25 10.57 -24.57
CA MET A 779 27.60 10.53 -25.14
C MET A 779 28.41 11.75 -24.73
N ALA A 780 27.81 12.94 -24.83
CA ALA A 780 28.51 14.15 -24.45
C ALA A 780 28.72 14.22 -22.95
N LEU A 781 27.73 13.77 -22.17
CA LEU A 781 27.92 13.69 -20.72
C LEU A 781 29.05 12.73 -20.37
N GLY A 782 29.13 11.61 -21.09
CA GLY A 782 30.20 10.67 -20.87
C GLY A 782 31.56 11.25 -21.20
N PHE A 783 31.67 11.97 -22.32
CA PHE A 783 32.92 12.64 -22.64
C PHE A 783 33.30 13.66 -21.57
N LEU A 784 32.32 14.44 -21.10
CA LEU A 784 32.58 15.44 -20.08
C LEU A 784 33.13 14.78 -18.81
N ILE A 785 32.42 13.77 -18.31
CA ILE A 785 32.82 13.10 -17.08
C ILE A 785 34.14 12.38 -17.26
N GLY A 786 34.34 11.74 -18.42
CA GLY A 786 35.57 11.02 -18.65
C GLY A 786 36.78 11.92 -18.74
N TYR A 787 36.62 13.09 -19.35
CA TYR A 787 37.72 14.04 -19.39
C TYR A 787 38.03 14.61 -18.01
N THR A 788 37.00 14.96 -17.25
CA THR A 788 37.20 15.41 -15.87
C THR A 788 37.85 14.35 -15.00
N CYS A 789 37.52 13.07 -15.20
CA CYS A 789 38.16 11.99 -14.48
C CYS A 789 39.57 11.69 -14.96
N LEU A 790 39.83 11.81 -16.26
CA LEU A 790 41.17 11.58 -16.79
C LEU A 790 42.16 12.63 -16.30
N LEU A 791 41.73 13.88 -16.25
CA LEU A 791 42.62 14.92 -15.71
C LEU A 791 42.94 14.66 -14.25
N ALA A 792 41.95 14.28 -13.46
CA ALA A 792 42.19 14.01 -12.05
C ALA A 792 43.07 12.77 -11.87
N ALA A 793 42.90 11.78 -12.74
CA ALA A 793 43.74 10.59 -12.66
C ALA A 793 45.19 10.93 -13.01
N ILE A 794 45.41 11.78 -14.01
CA ILE A 794 46.76 12.22 -14.32
C ILE A 794 47.36 12.99 -13.15
N CYS A 795 46.57 13.88 -12.56
CA CYS A 795 47.04 14.64 -11.40
C CYS A 795 47.40 13.71 -10.25
N PHE A 796 46.57 12.71 -9.98
CA PHE A 796 46.85 11.76 -8.91
C PHE A 796 48.09 10.94 -9.20
N PHE A 797 48.25 10.49 -10.45
CA PHE A 797 49.40 9.68 -10.83
C PHE A 797 50.69 10.46 -10.66
N PHE A 798 50.68 11.74 -11.04
CA PHE A 798 51.89 12.54 -10.91
C PHE A 798 52.14 12.97 -9.48
N ALA A 799 51.07 13.18 -8.70
CA ALA A 799 51.25 13.54 -7.30
C ALA A 799 51.73 12.36 -6.47
N PHE A 800 51.38 11.14 -6.89
CA PHE A 800 51.78 9.95 -6.16
C PHE A 800 53.29 9.79 -6.16
N LYS A 801 53.96 10.22 -7.24
CA LYS A 801 55.39 10.03 -7.40
C LYS A 801 56.15 11.25 -6.89
N SER A 802 55.46 12.03 -6.06
CA SER A 802 56.06 13.24 -5.52
C SER A 802 55.69 13.45 -4.05
N ARG A 803 54.95 12.50 -3.47
CA ARG A 803 54.36 12.74 -2.16
C ARG A 803 55.42 12.86 -1.07
N LYS A 804 56.56 12.19 -1.24
CA LYS A 804 57.59 12.24 -0.21
C LYS A 804 58.26 13.60 -0.15
N LEU A 805 58.17 14.38 -1.22
CA LEU A 805 58.84 15.67 -1.24
C LEU A 805 58.16 16.63 -0.25
N PRO A 806 58.92 17.28 0.64
CA PRO A 806 58.34 18.27 1.56
C PRO A 806 58.19 19.67 0.96
N GLU A 807 58.46 19.84 -0.33
CA GLU A 807 58.29 21.14 -0.97
C GLU A 807 56.85 21.63 -0.80
N ASN A 808 56.72 22.89 -0.41
CA ASN A 808 55.43 23.55 -0.25
C ASN A 808 54.54 22.79 0.75
N PHE A 809 55.15 22.36 1.84
CA PHE A 809 54.44 21.72 2.95
C PHE A 809 53.70 20.46 2.50
N ASN A 810 54.44 19.56 1.86
CA ASN A 810 53.94 18.26 1.43
C ASN A 810 52.70 18.42 0.56
N GLU A 811 52.70 19.47 -0.26
CA GLU A 811 51.56 19.71 -1.12
C GLU A 811 51.36 18.61 -2.15
N ALA A 812 52.41 17.86 -2.49
CA ALA A 812 52.22 16.74 -3.41
C ALA A 812 51.36 15.64 -2.78
N LYS A 813 51.65 15.29 -1.51
CA LYS A 813 50.81 14.30 -0.86
C LYS A 813 49.43 14.86 -0.54
N PHE A 814 49.32 16.17 -0.34
CA PHE A 814 47.99 16.74 -0.14
C PHE A 814 47.18 16.78 -1.43
N ILE A 815 47.85 16.96 -2.57
CA ILE A 815 47.20 16.81 -3.86
C ILE A 815 46.75 15.37 -4.06
N THR A 816 47.59 14.42 -3.63
CA THR A 816 47.19 13.02 -3.66
C THR A 816 45.93 12.79 -2.81
N PHE A 817 45.88 13.41 -1.63
CA PHE A 817 44.71 13.29 -0.78
C PHE A 817 43.47 13.88 -1.45
N SER A 818 43.64 15.04 -2.09
CA SER A 818 42.50 15.67 -2.77
C SER A 818 41.98 14.81 -3.91
N MET A 819 42.88 14.23 -4.70
CA MET A 819 42.45 13.37 -5.79
C MET A 819 41.80 12.10 -5.27
N LEU A 820 42.30 11.54 -4.18
CA LEU A 820 41.67 10.37 -3.59
C LEU A 820 40.28 10.68 -3.08
N ILE A 821 40.09 11.85 -2.48
CA ILE A 821 38.75 12.27 -2.07
C ILE A 821 37.85 12.45 -3.28
N PHE A 822 38.38 13.05 -4.35
CA PHE A 822 37.62 13.19 -5.58
C PHE A 822 37.12 11.82 -6.06
N PHE A 823 38.00 10.83 -6.08
CA PHE A 823 37.60 9.52 -6.57
C PHE A 823 36.65 8.81 -5.61
N ILE A 824 36.85 8.93 -4.30
CA ILE A 824 35.88 8.38 -3.37
C ILE A 824 34.51 8.97 -3.61
N VAL A 825 34.44 10.31 -3.75
CA VAL A 825 33.17 10.99 -3.90
C VAL A 825 32.49 10.61 -5.21
N TRP A 826 33.24 10.51 -6.30
CA TRP A 826 32.64 10.27 -7.60
C TRP A 826 32.54 8.79 -7.96
N ILE A 827 33.04 7.90 -7.11
CA ILE A 827 32.74 6.47 -7.22
C ILE A 827 31.63 6.05 -6.28
N SER A 828 31.45 6.74 -5.17
CA SER A 828 30.27 6.56 -4.33
C SER A 828 29.05 7.25 -4.90
N PHE A 829 29.21 7.97 -6.02
CA PHE A 829 28.13 8.67 -6.70
C PHE A 829 27.38 7.80 -7.68
N ILE A 830 28.05 6.83 -8.31
CA ILE A 830 27.37 5.93 -9.24
C ILE A 830 26.23 5.17 -8.58
N PRO A 831 26.43 4.45 -7.45
CA PRO A 831 25.30 3.75 -6.83
C PRO A 831 24.30 4.73 -6.24
N ALA A 832 24.79 5.85 -5.71
CA ALA A 832 23.90 6.84 -5.14
C ALA A 832 23.02 7.49 -6.21
N TYR A 833 23.57 7.71 -7.40
CA TYR A 833 22.75 8.25 -8.49
C TYR A 833 21.80 7.20 -9.04
N ALA A 834 22.29 5.98 -9.24
CA ALA A 834 21.46 4.94 -9.86
C ALA A 834 20.31 4.54 -8.96
N SER A 835 20.53 4.52 -7.65
CA SER A 835 19.54 4.04 -6.70
C SER A 835 18.63 5.16 -6.19
N THR A 836 18.68 6.34 -6.78
CA THR A 836 17.88 7.47 -6.34
C THR A 836 16.83 7.79 -7.41
N TYR A 837 15.58 7.90 -6.98
CA TYR A 837 14.48 8.27 -7.86
C TYR A 837 13.68 9.39 -7.23
N GLY A 838 13.25 10.35 -8.05
CA GLY A 838 12.50 11.47 -7.56
C GLY A 838 13.29 12.75 -7.56
N LYS A 839 12.82 13.77 -6.85
CA LYS A 839 13.51 15.05 -6.81
C LYS A 839 14.92 14.93 -6.24
N PHE A 840 15.08 14.16 -5.17
CA PHE A 840 16.33 14.05 -4.45
C PHE A 840 17.49 13.61 -5.32
N VAL A 841 17.23 13.14 -6.55
CA VAL A 841 18.31 12.80 -7.46
C VAL A 841 19.21 14.02 -7.66
N SER A 842 18.61 15.20 -7.84
CA SER A 842 19.42 16.41 -7.95
C SER A 842 20.25 16.62 -6.70
N ALA A 843 19.65 16.39 -5.52
CA ALA A 843 20.38 16.49 -4.28
C ALA A 843 21.64 15.64 -4.32
N VAL A 844 21.52 14.40 -4.83
CA VAL A 844 22.70 13.54 -4.97
C VAL A 844 23.83 14.32 -5.62
N GLU A 845 23.56 14.86 -6.81
CA GLU A 845 24.59 15.59 -7.53
C GLU A 845 25.19 16.68 -6.67
N VAL A 846 24.32 17.49 -6.05
CA VAL A 846 24.80 18.60 -5.24
C VAL A 846 25.82 18.09 -4.23
N ILE A 847 25.45 17.04 -3.50
CA ILE A 847 26.32 16.52 -2.45
C ILE A 847 27.68 16.19 -3.05
N ALA A 848 27.67 15.39 -4.13
CA ALA A 848 28.93 15.02 -4.75
C ALA A 848 29.74 16.26 -5.09
N ILE A 849 29.12 17.21 -5.80
CA ILE A 849 29.81 18.45 -6.14
C ILE A 849 30.43 19.04 -4.89
N LEU A 850 29.59 19.32 -3.89
CA LEU A 850 30.10 19.95 -2.68
C LEU A 850 31.28 19.16 -2.13
N ALA A 851 31.10 17.85 -2.00
CA ALA A 851 32.15 17.04 -1.40
C ALA A 851 33.45 17.23 -2.14
N ALA A 852 33.42 17.05 -3.47
CA ALA A 852 34.65 17.17 -4.23
C ALA A 852 35.27 18.53 -3.99
N SER A 853 34.47 19.59 -4.14
CA SER A 853 34.99 20.94 -3.96
C SER A 853 35.64 21.05 -2.60
N PHE A 854 34.91 20.68 -1.55
CA PHE A 854 35.45 20.82 -0.20
C PHE A 854 36.79 20.13 -0.09
N GLY A 855 36.85 18.88 -0.55
CA GLY A 855 38.08 18.12 -0.51
C GLY A 855 39.19 18.97 -1.07
N LEU A 856 39.06 19.34 -2.34
CA LEU A 856 40.08 20.15 -3.00
C LEU A 856 40.49 21.29 -2.09
N LEU A 857 39.53 22.14 -1.73
CA LEU A 857 39.82 23.31 -0.93
C LEU A 857 40.68 22.93 0.27
N ALA A 858 40.12 22.07 1.12
CA ALA A 858 40.85 21.70 2.33
C ALA A 858 42.19 21.10 1.95
N CYS A 859 42.16 20.07 1.10
CA CYS A 859 43.37 19.30 0.86
C CYS A 859 44.38 20.11 0.09
N ILE A 860 44.02 21.31 -0.35
CA ILE A 860 44.99 22.16 -1.02
C ILE A 860 45.39 23.35 -0.16
N PHE A 861 44.49 23.85 0.68
CA PHE A 861 44.67 25.22 1.15
C PHE A 861 44.83 25.34 2.66
N PHE A 862 43.97 24.64 3.40
CA PHE A 862 43.74 24.99 4.80
C PHE A 862 45.03 24.93 5.60
N ASN A 863 45.80 23.85 5.45
CA ASN A 863 47.11 23.78 6.10
C ASN A 863 47.88 25.08 5.91
N LYS A 864 48.16 25.45 4.66
CA LYS A 864 48.88 26.69 4.38
C LYS A 864 48.18 27.86 5.05
N ILE A 865 46.86 27.95 4.91
CA ILE A 865 46.12 29.05 5.50
C ILE A 865 46.40 29.13 7.00
N TYR A 866 46.36 27.98 7.67
CA TYR A 866 46.68 27.96 9.09
C TYR A 866 48.03 28.60 9.36
N ILE A 867 49.06 28.14 8.63
CA ILE A 867 50.41 28.68 8.84
C ILE A 867 50.42 30.18 8.53
N ILE A 868 49.63 30.61 7.55
CA ILE A 868 49.58 32.03 7.21
C ILE A 868 49.03 32.84 8.39
N LEU A 869 48.01 32.31 9.06
CA LEU A 869 47.33 33.08 10.08
C LEU A 869 47.72 32.67 11.49
N PHE A 870 48.03 31.40 11.72
CA PHE A 870 48.42 30.89 13.02
C PHE A 870 49.79 30.23 12.91
N LYS A 871 50.64 30.47 13.91
CA LYS A 871 52.04 30.06 13.88
C LYS A 871 52.73 30.66 12.66
N PRO A 872 52.89 31.99 12.60
CA PRO A 872 53.50 32.60 11.42
C PRO A 872 55.00 32.42 11.33
N SER A 873 55.63 31.79 12.33
CA SER A 873 57.07 31.59 12.29
C SER A 873 57.50 30.74 11.11
N ARG A 874 56.62 29.86 10.65
CA ARG A 874 56.91 29.03 9.48
C ARG A 874 56.76 29.78 8.17
N ASN A 875 56.32 31.04 8.18
CA ASN A 875 56.16 31.81 6.96
C ASN A 875 57.52 32.39 6.54
N THR A 876 58.43 31.48 6.22
CA THR A 876 59.80 31.81 5.83
C THR A 876 60.15 31.09 4.54
N ILE A 877 61.18 31.60 3.86
CA ILE A 877 61.64 31.00 2.62
C ILE A 877 62.22 29.61 2.89
N GLU A 878 62.89 29.44 4.02
CA GLU A 878 63.47 28.15 4.37
C GLU A 878 62.39 27.08 4.55
N GLU A 879 61.32 27.42 5.25
CA GLU A 879 60.27 26.45 5.54
C GLU A 879 59.56 25.99 4.27
N VAL A 880 59.29 26.92 3.37
CA VAL A 880 58.54 26.58 2.16
C VAL A 880 59.50 26.37 1.00
N PRO B 30 -79.08 -8.04 -49.26
CA PRO B 30 -77.90 -8.40 -50.05
C PRO B 30 -78.24 -9.34 -51.20
N ASP B 31 -78.07 -8.85 -52.43
CA ASP B 31 -78.39 -9.66 -53.61
C ASP B 31 -77.47 -10.87 -53.71
N GLN B 32 -76.17 -10.67 -53.51
CA GLN B 32 -75.23 -11.79 -53.52
C GLN B 32 -75.33 -12.51 -52.19
N ARG B 33 -75.82 -13.74 -52.22
CA ARG B 33 -76.06 -14.51 -51.01
C ARG B 33 -76.26 -15.96 -51.39
N ALA B 34 -75.75 -16.84 -50.56
CA ALA B 34 -75.89 -18.27 -50.76
C ALA B 34 -76.99 -18.79 -49.84
N GLN B 35 -78.16 -19.08 -50.39
CA GLN B 35 -79.25 -19.63 -49.60
C GLN B 35 -79.61 -21.01 -50.09
N LYS B 36 -79.77 -21.92 -49.14
CA LYS B 36 -80.45 -23.19 -49.39
C LYS B 36 -81.38 -23.43 -48.23
N LYS B 37 -82.62 -23.78 -48.54
CA LYS B 37 -83.65 -23.94 -47.54
C LYS B 37 -83.45 -25.25 -46.77
N GLY B 38 -83.94 -25.27 -45.55
CA GLY B 38 -83.84 -26.46 -44.73
C GLY B 38 -84.63 -26.30 -43.45
N ASP B 39 -84.64 -27.37 -42.66
CA ASP B 39 -85.34 -27.32 -41.38
C ASP B 39 -84.66 -26.37 -40.42
N ILE B 40 -83.34 -26.37 -40.38
CA ILE B 40 -82.56 -25.54 -39.48
C ILE B 40 -81.57 -24.73 -40.33
N ILE B 41 -81.58 -23.41 -40.13
CA ILE B 41 -80.80 -22.50 -40.97
C ILE B 41 -79.55 -22.06 -40.22
N LEU B 42 -78.41 -22.15 -40.88
CA LEU B 42 -77.13 -21.71 -40.34
C LEU B 42 -76.71 -20.44 -41.06
N GLY B 43 -76.44 -19.38 -40.30
CA GLY B 43 -75.91 -18.18 -40.89
C GLY B 43 -74.44 -18.32 -41.24
N GLY B 44 -74.01 -17.57 -42.25
CA GLY B 44 -72.63 -17.56 -42.65
C GLY B 44 -72.11 -16.17 -42.96
N LEU B 45 -70.84 -15.92 -42.64
CA LEU B 45 -70.20 -14.63 -42.91
C LEU B 45 -68.79 -14.89 -43.42
N PHE B 46 -68.53 -14.55 -44.67
CA PHE B 46 -67.23 -14.77 -45.27
C PHE B 46 -66.80 -13.56 -46.08
N PRO B 47 -65.50 -13.29 -46.15
CA PRO B 47 -64.99 -12.14 -46.94
C PRO B 47 -64.70 -12.50 -48.39
N ILE B 48 -65.77 -12.63 -49.17
CA ILE B 48 -65.63 -12.91 -50.60
C ILE B 48 -64.92 -11.77 -51.32
N HIS B 49 -64.93 -10.58 -50.74
CA HIS B 49 -64.19 -9.44 -51.25
C HIS B 49 -63.23 -8.95 -50.18
N PHE B 50 -62.02 -8.56 -50.57
CA PHE B 50 -61.02 -8.12 -49.60
C PHE B 50 -61.34 -6.79 -48.97
N GLY B 51 -62.24 -6.00 -49.55
CA GLY B 51 -62.51 -4.70 -49.01
C GLY B 51 -63.65 -4.03 -49.76
N VAL B 52 -63.74 -2.71 -49.57
CA VAL B 52 -64.84 -1.93 -50.12
C VAL B 52 -64.27 -0.74 -50.88
N ALA B 53 -65.15 -0.02 -51.57
CA ALA B 53 -64.76 1.14 -52.34
C ALA B 53 -64.20 2.22 -51.43
N ALA B 54 -63.10 2.84 -51.88
CA ALA B 54 -62.47 3.93 -51.15
C ALA B 54 -63.13 5.25 -51.53
N LYS B 55 -64.46 5.27 -51.43
CA LYS B 55 -65.27 6.42 -51.75
C LYS B 55 -65.68 7.13 -50.47
N ASP B 56 -65.34 8.41 -50.37
CA ASP B 56 -65.71 9.22 -49.22
C ASP B 56 -67.16 9.64 -49.34
N GLN B 57 -67.96 9.31 -48.33
CA GLN B 57 -69.36 9.70 -48.31
C GLN B 57 -69.44 11.18 -47.99
N ASP B 58 -69.36 12.01 -49.03
CA ASP B 58 -69.49 13.45 -48.87
C ASP B 58 -70.90 13.84 -48.45
N LEU B 59 -71.85 12.91 -48.48
CA LEU B 59 -73.25 13.17 -48.14
C LEU B 59 -73.85 14.22 -49.06
N LYS B 60 -73.33 14.29 -50.28
CA LYS B 60 -73.86 15.18 -51.31
C LYS B 60 -75.24 14.74 -51.78
N SER B 61 -75.47 13.44 -51.85
CA SER B 61 -76.76 12.84 -52.15
C SER B 61 -77.13 11.88 -51.03
N ARG B 62 -78.18 11.10 -51.25
CA ARG B 62 -78.53 10.04 -50.29
C ARG B 62 -77.42 9.00 -50.27
N PRO B 63 -76.91 8.63 -49.10
CA PRO B 63 -75.90 7.58 -49.04
C PRO B 63 -76.35 6.32 -49.75
N GLU B 64 -75.48 5.80 -50.61
CA GLU B 64 -75.73 4.54 -51.30
C GLU B 64 -74.97 3.41 -50.61
N SER B 65 -75.36 2.18 -50.96
CA SER B 65 -74.69 1.01 -50.41
C SER B 65 -73.22 1.00 -50.83
N VAL B 66 -72.35 0.75 -49.86
CA VAL B 66 -70.92 0.70 -50.14
C VAL B 66 -70.63 -0.50 -51.03
N GLU B 67 -69.70 -0.34 -51.96
CA GLU B 67 -69.40 -1.36 -52.95
C GLU B 67 -68.03 -2.00 -52.69
N CYS B 68 -67.96 -3.30 -52.94
CA CYS B 68 -66.78 -4.10 -52.68
C CYS B 68 -65.91 -4.21 -53.94
N ILE B 69 -64.60 -4.30 -53.73
CA ILE B 69 -63.67 -4.15 -54.86
C ILE B 69 -62.95 -5.45 -55.22
N ARG B 70 -62.12 -5.96 -54.32
CA ARG B 70 -61.16 -7.00 -54.68
C ARG B 70 -61.68 -8.37 -54.28
N TYR B 71 -61.83 -9.24 -55.29
CA TYR B 71 -62.36 -10.57 -55.06
C TYR B 71 -61.36 -11.42 -54.29
N ASN B 72 -61.87 -12.24 -53.38
CA ASN B 72 -61.07 -13.07 -52.49
C ASN B 72 -61.40 -14.53 -52.76
N PHE B 73 -60.55 -15.20 -53.52
CA PHE B 73 -60.79 -16.61 -53.85
C PHE B 73 -60.60 -17.50 -52.63
N ARG B 74 -59.75 -17.09 -51.70
CA ARG B 74 -59.59 -17.85 -50.45
C ARG B 74 -60.85 -17.76 -49.60
N GLY B 75 -61.47 -16.59 -49.52
CA GLY B 75 -62.73 -16.46 -48.80
C GLY B 75 -63.85 -17.23 -49.48
N PHE B 76 -63.87 -17.24 -50.81
CA PHE B 76 -64.85 -18.05 -51.51
C PHE B 76 -64.64 -19.53 -51.24
N ARG B 77 -63.36 -19.96 -51.15
CA ARG B 77 -63.09 -21.33 -50.76
C ARG B 77 -63.54 -21.63 -49.33
N TRP B 78 -63.42 -20.67 -48.42
CA TRP B 78 -63.96 -20.86 -47.08
C TRP B 78 -65.48 -21.02 -47.09
N LEU B 79 -66.16 -20.20 -47.90
CA LEU B 79 -67.61 -20.33 -48.04
C LEU B 79 -67.98 -21.69 -48.61
N GLN B 80 -67.24 -22.14 -49.62
CA GLN B 80 -67.46 -23.46 -50.19
C GLN B 80 -67.17 -24.56 -49.17
N ALA B 81 -66.24 -24.33 -48.26
CA ALA B 81 -66.01 -25.29 -47.17
C ALA B 81 -67.22 -25.40 -46.27
N MET B 82 -67.82 -24.26 -45.91
CA MET B 82 -69.06 -24.31 -45.14
C MET B 82 -70.16 -25.05 -45.88
N ILE B 83 -70.32 -24.75 -47.18
CA ILE B 83 -71.37 -25.40 -47.96
C ILE B 83 -71.13 -26.89 -48.06
N PHE B 84 -69.87 -27.29 -48.29
CA PHE B 84 -69.53 -28.70 -48.40
C PHE B 84 -69.80 -29.42 -47.09
N ALA B 85 -69.45 -28.79 -45.97
CA ALA B 85 -69.73 -29.40 -44.67
C ALA B 85 -71.23 -29.59 -44.48
N ILE B 86 -72.02 -28.57 -44.82
CA ILE B 86 -73.47 -28.67 -44.64
C ILE B 86 -74.04 -29.77 -45.52
N GLU B 87 -73.59 -29.85 -46.77
CA GLU B 87 -74.08 -30.90 -47.67
C GLU B 87 -73.68 -32.28 -47.17
N GLU B 88 -72.47 -32.42 -46.64
CA GLU B 88 -72.04 -33.71 -46.12
C GLU B 88 -72.87 -34.12 -44.92
N ILE B 89 -73.20 -33.17 -44.04
CA ILE B 89 -74.09 -33.47 -42.92
C ILE B 89 -75.47 -33.87 -43.43
N ASN B 90 -75.97 -33.18 -44.46
CA ASN B 90 -77.29 -33.48 -45.00
C ASN B 90 -77.35 -34.83 -45.69
N SER B 91 -76.26 -35.29 -46.28
CA SER B 91 -76.24 -36.59 -46.92
C SER B 91 -75.86 -37.71 -45.96
N SER B 92 -75.31 -37.39 -44.80
CA SER B 92 -74.89 -38.41 -43.85
C SER B 92 -76.06 -38.82 -42.96
N PRO B 93 -76.50 -40.07 -43.00
CA PRO B 93 -77.59 -40.49 -42.10
C PRO B 93 -77.23 -40.39 -40.64
N ALA B 94 -75.94 -40.58 -40.29
CA ALA B 94 -75.53 -40.58 -38.90
C ALA B 94 -75.76 -39.23 -38.24
N LEU B 95 -75.46 -38.15 -38.95
CA LEU B 95 -75.55 -36.80 -38.40
C LEU B 95 -76.89 -36.18 -38.78
N LEU B 96 -77.67 -35.80 -37.76
CA LEU B 96 -78.93 -35.10 -37.93
C LEU B 96 -79.89 -35.83 -38.88
N PRO B 97 -80.34 -37.03 -38.53
CA PRO B 97 -81.30 -37.73 -39.39
C PRO B 97 -82.67 -37.05 -39.31
N ASN B 98 -83.43 -37.19 -40.39
CA ASN B 98 -84.78 -36.66 -40.57
C ASN B 98 -84.78 -35.13 -40.67
N LEU B 99 -83.63 -34.49 -40.52
CA LEU B 99 -83.51 -33.04 -40.68
C LEU B 99 -82.67 -32.73 -41.91
N THR B 100 -82.76 -31.48 -42.35
CA THR B 100 -81.93 -30.99 -43.43
C THR B 100 -81.43 -29.59 -43.06
N LEU B 101 -80.11 -29.43 -43.02
CA LEU B 101 -79.53 -28.14 -42.71
C LEU B 101 -79.64 -27.21 -43.90
N GLY B 102 -80.10 -25.98 -43.64
CA GLY B 102 -80.07 -24.92 -44.62
C GLY B 102 -79.01 -23.90 -44.25
N TYR B 103 -78.87 -22.91 -45.12
CA TYR B 103 -77.89 -21.86 -44.87
C TYR B 103 -78.29 -20.58 -45.59
N ARG B 104 -77.90 -19.47 -44.98
CA ARG B 104 -77.98 -18.14 -45.57
C ARG B 104 -76.62 -17.50 -45.35
N ILE B 105 -75.83 -17.36 -46.40
CA ILE B 105 -74.44 -16.93 -46.33
C ILE B 105 -74.29 -15.61 -47.06
N PHE B 106 -73.59 -14.67 -46.43
CA PHE B 106 -73.39 -13.33 -46.95
C PHE B 106 -71.92 -13.00 -47.07
N ASP B 107 -71.64 -11.96 -47.84
CA ASP B 107 -70.31 -11.40 -47.97
C ASP B 107 -70.16 -10.23 -47.02
N THR B 108 -69.10 -10.26 -46.22
CA THR B 108 -68.80 -9.16 -45.32
C THR B 108 -67.85 -8.13 -45.91
N CYS B 109 -67.05 -8.52 -46.90
CA CYS B 109 -66.07 -7.63 -47.53
C CYS B 109 -65.11 -7.07 -46.49
N ASN B 110 -64.79 -7.89 -45.47
CA ASN B 110 -63.93 -7.48 -44.37
C ASN B 110 -64.37 -6.16 -43.78
N THR B 111 -65.67 -5.91 -43.76
CA THR B 111 -66.21 -4.61 -43.38
C THR B 111 -67.31 -4.82 -42.34
N VAL B 112 -67.32 -3.95 -41.33
CA VAL B 112 -68.30 -4.07 -40.27
C VAL B 112 -69.71 -3.83 -40.80
N SER B 113 -69.85 -2.92 -41.76
CA SER B 113 -71.18 -2.53 -42.23
C SER B 113 -71.88 -3.68 -42.95
N LYS B 114 -71.18 -4.35 -43.86
CA LYS B 114 -71.79 -5.47 -44.58
C LYS B 114 -72.15 -6.60 -43.62
N ALA B 115 -71.24 -6.92 -42.70
CA ALA B 115 -71.52 -7.99 -41.75
C ALA B 115 -72.67 -7.62 -40.84
N LEU B 116 -72.82 -6.34 -40.50
CA LEU B 116 -73.92 -5.93 -39.65
C LEU B 116 -75.25 -5.96 -40.39
N GLU B 117 -75.25 -5.63 -41.69
CA GLU B 117 -76.46 -5.82 -42.47
C GLU B 117 -76.85 -7.29 -42.53
N ALA B 118 -75.87 -8.17 -42.74
CA ALA B 118 -76.14 -9.60 -42.75
C ALA B 118 -76.65 -10.08 -41.40
N THR B 119 -76.10 -9.55 -40.31
CA THR B 119 -76.54 -9.94 -38.98
C THR B 119 -77.96 -9.46 -38.71
N LEU B 120 -78.29 -8.24 -39.14
CA LEU B 120 -79.67 -7.77 -39.04
C LEU B 120 -80.61 -8.68 -39.82
N SER B 121 -80.13 -9.21 -40.95
CA SER B 121 -80.90 -10.24 -41.65
C SER B 121 -81.06 -11.48 -40.80
N PHE B 122 -80.00 -11.87 -40.08
CA PHE B 122 -80.06 -13.08 -39.26
C PHE B 122 -81.06 -12.95 -38.12
N VAL B 123 -81.17 -11.75 -37.53
CA VAL B 123 -81.95 -11.55 -36.33
C VAL B 123 -83.30 -10.91 -36.61
N ALA B 124 -83.78 -10.99 -37.86
CA ALA B 124 -85.03 -10.32 -38.21
C ALA B 124 -86.20 -10.87 -37.42
N GLN B 125 -86.31 -12.20 -37.32
CA GLN B 125 -87.37 -12.80 -36.52
C GLN B 125 -87.24 -12.40 -35.05
N ASN B 126 -86.02 -12.43 -34.54
CA ASN B 126 -85.79 -12.02 -33.16
C ASN B 126 -86.10 -10.54 -32.97
N LYS B 127 -85.75 -9.71 -33.94
CA LYS B 127 -86.03 -8.28 -33.86
C LYS B 127 -87.54 -8.03 -33.81
N ILE B 128 -88.30 -8.77 -34.62
CA ILE B 128 -89.76 -8.68 -34.53
C ILE B 128 -90.24 -9.15 -33.16
N ASP B 129 -89.65 -10.23 -32.66
CA ASP B 129 -90.02 -10.73 -31.33
C ASP B 129 -89.69 -9.70 -30.24
N SER B 130 -88.54 -9.06 -30.34
CA SER B 130 -88.14 -8.06 -29.37
C SER B 130 -88.41 -6.65 -29.88
N ILE B 143 -89.61 -15.08 -43.03
CA ILE B 143 -88.31 -14.91 -42.40
C ILE B 143 -87.95 -16.14 -41.59
N PRO B 144 -86.92 -16.86 -42.03
CA PRO B 144 -86.46 -18.04 -41.30
C PRO B 144 -85.72 -17.64 -40.03
N SER B 145 -85.61 -18.61 -39.13
CA SER B 145 -84.96 -18.41 -37.84
C SER B 145 -83.54 -18.97 -37.92
N THR B 146 -82.57 -18.08 -38.03
CA THR B 146 -81.16 -18.48 -38.01
C THR B 146 -80.82 -19.03 -36.64
N ILE B 147 -80.38 -20.28 -36.57
CA ILE B 147 -80.16 -20.92 -35.29
C ILE B 147 -78.73 -20.72 -34.80
N ALA B 148 -77.79 -20.47 -35.72
CA ALA B 148 -76.39 -20.25 -35.39
C ALA B 148 -75.73 -19.57 -36.59
N VAL B 149 -74.63 -18.89 -36.33
CA VAL B 149 -73.91 -18.15 -37.35
C VAL B 149 -72.46 -18.62 -37.38
N VAL B 150 -71.94 -18.85 -38.57
CA VAL B 150 -70.55 -19.21 -38.80
C VAL B 150 -69.85 -17.98 -39.35
N GLY B 151 -68.99 -17.38 -38.54
CA GLY B 151 -68.32 -16.14 -38.89
C GLY B 151 -67.96 -15.37 -37.65
N ALA B 152 -67.08 -14.38 -37.83
CA ALA B 152 -66.53 -14.01 -39.12
C ALA B 152 -65.01 -14.07 -39.06
N THR B 153 -64.34 -13.56 -40.09
CA THR B 153 -62.90 -13.62 -40.21
C THR B 153 -62.19 -12.56 -39.37
N GLY B 154 -62.43 -11.29 -39.64
CA GLY B 154 -61.80 -10.23 -38.86
C GLY B 154 -62.36 -10.16 -37.46
N SER B 155 -61.49 -9.79 -36.52
CA SER B 155 -61.90 -9.74 -35.13
C SER B 155 -62.77 -8.53 -34.82
N GLY B 156 -62.56 -7.40 -35.49
CA GLY B 156 -63.49 -6.29 -35.36
C GLY B 156 -64.85 -6.62 -35.95
N VAL B 157 -64.86 -7.30 -37.09
CA VAL B 157 -66.10 -7.74 -37.70
C VAL B 157 -66.84 -8.70 -36.77
N SER B 158 -66.12 -9.70 -36.25
CA SER B 158 -66.74 -10.65 -35.33
C SER B 158 -67.18 -9.99 -34.04
N THR B 159 -66.46 -8.97 -33.59
CA THR B 159 -66.87 -8.25 -32.38
C THR B 159 -68.18 -7.52 -32.60
N ALA B 160 -68.30 -6.80 -33.71
CA ALA B 160 -69.55 -6.11 -34.03
C ALA B 160 -70.69 -7.10 -34.20
N VAL B 161 -70.42 -8.23 -34.84
CA VAL B 161 -71.46 -9.24 -35.05
C VAL B 161 -71.85 -9.91 -33.73
N ALA B 162 -70.89 -10.10 -32.82
CA ALA B 162 -71.17 -10.77 -31.57
C ALA B 162 -71.93 -9.85 -30.62
N ASN B 163 -71.69 -8.55 -30.72
CA ASN B 163 -72.48 -7.61 -29.93
C ASN B 163 -73.97 -7.76 -30.21
N LEU B 164 -74.33 -8.09 -31.45
CA LEU B 164 -75.71 -8.21 -31.87
C LEU B 164 -76.27 -9.62 -31.70
N LEU B 165 -75.51 -10.64 -32.11
CA LEU B 165 -75.96 -12.01 -31.95
C LEU B 165 -76.06 -12.45 -30.50
N GLY B 166 -75.15 -11.96 -29.65
CA GLY B 166 -75.23 -12.30 -28.24
C GLY B 166 -76.42 -11.68 -27.54
N LEU B 167 -76.97 -10.61 -28.11
CA LEU B 167 -78.19 -10.03 -27.58
C LEU B 167 -79.35 -11.00 -27.67
N PHE B 168 -79.47 -11.70 -28.79
CA PHE B 168 -80.52 -12.68 -29.00
C PHE B 168 -80.07 -14.10 -28.67
N TYR B 169 -78.86 -14.24 -28.11
CA TYR B 169 -78.32 -15.54 -27.68
C TYR B 169 -78.24 -16.51 -28.84
N ILE B 170 -77.90 -16.00 -30.02
CA ILE B 170 -77.65 -16.82 -31.20
C ILE B 170 -76.17 -17.20 -31.19
N PRO B 171 -75.84 -18.50 -31.16
CA PRO B 171 -74.43 -18.89 -31.15
C PRO B 171 -73.72 -18.42 -32.41
N GLN B 172 -72.48 -17.98 -32.23
CA GLN B 172 -71.65 -17.49 -33.33
C GLN B 172 -70.30 -18.16 -33.24
N VAL B 173 -70.06 -19.15 -34.09
CA VAL B 173 -68.81 -19.91 -34.09
C VAL B 173 -67.96 -19.39 -35.25
N SER B 174 -66.94 -18.61 -34.91
CA SER B 174 -66.02 -18.08 -35.90
C SER B 174 -64.96 -19.11 -36.26
N TYR B 175 -64.26 -18.85 -37.35
CA TYR B 175 -63.22 -19.73 -37.85
C TYR B 175 -61.86 -19.03 -37.97
N ALA B 176 -61.83 -17.70 -37.95
CA ALA B 176 -60.59 -16.96 -38.10
C ALA B 176 -60.36 -15.87 -37.07
N SER B 177 -61.41 -15.32 -36.46
CA SER B 177 -61.23 -14.26 -35.47
C SER B 177 -60.54 -14.80 -34.23
N SER B 178 -59.31 -14.36 -33.99
CA SER B 178 -58.46 -14.93 -32.96
C SER B 178 -58.08 -13.94 -31.88
N SER B 179 -58.77 -12.81 -31.79
CA SER B 179 -58.46 -11.80 -30.79
C SER B 179 -58.80 -12.31 -29.39
N ARG B 180 -57.98 -11.92 -28.41
CA ARG B 180 -58.26 -12.24 -27.03
C ARG B 180 -59.48 -11.51 -26.50
N LEU B 181 -59.79 -10.34 -27.07
CA LEU B 181 -60.93 -9.56 -26.60
C LEU B 181 -62.24 -10.32 -26.77
N LEU B 182 -62.30 -11.22 -27.73
CA LEU B 182 -63.49 -12.03 -27.98
C LEU B 182 -63.68 -13.14 -26.96
N SER B 183 -62.72 -13.33 -26.05
CA SER B 183 -62.82 -14.34 -25.01
C SER B 183 -63.52 -13.84 -23.76
N ASN B 184 -63.94 -12.57 -23.74
CA ASN B 184 -64.68 -12.02 -22.61
C ASN B 184 -66.13 -12.43 -22.74
N LYS B 185 -66.51 -13.53 -22.07
CA LYS B 185 -67.84 -14.08 -22.24
C LYS B 185 -68.92 -13.25 -21.55
N ASN B 186 -68.55 -12.27 -20.73
CA ASN B 186 -69.55 -11.37 -20.19
C ASN B 186 -70.10 -10.45 -21.26
N GLN B 187 -69.23 -9.89 -22.10
CA GLN B 187 -69.67 -9.05 -23.20
C GLN B 187 -70.07 -9.87 -24.43
N PHE B 188 -69.36 -10.95 -24.71
CA PHE B 188 -69.66 -11.82 -25.84
C PHE B 188 -70.21 -13.14 -25.31
N LYS B 189 -71.52 -13.15 -25.07
CA LYS B 189 -72.16 -14.28 -24.39
C LYS B 189 -72.29 -15.50 -25.29
N SER B 190 -72.33 -15.33 -26.60
CA SER B 190 -72.59 -16.41 -27.53
C SER B 190 -71.51 -16.54 -28.59
N PHE B 191 -70.25 -16.32 -28.24
CA PHE B 191 -69.16 -16.42 -29.20
C PHE B 191 -68.31 -17.65 -28.93
N LEU B 192 -68.07 -18.44 -29.97
CA LEU B 192 -67.17 -19.58 -29.96
C LEU B 192 -66.25 -19.43 -31.16
N ARG B 193 -65.14 -20.16 -31.16
CA ARG B 193 -64.28 -20.15 -32.32
C ARG B 193 -63.52 -21.46 -32.42
N THR B 194 -63.21 -21.85 -33.65
CA THR B 194 -62.38 -23.01 -33.93
C THR B 194 -60.93 -22.64 -34.21
N ILE B 195 -60.59 -21.36 -34.17
CA ILE B 195 -59.20 -20.91 -34.25
C ILE B 195 -58.71 -20.69 -32.83
N PRO B 196 -57.43 -20.89 -32.54
CA PRO B 196 -56.92 -20.60 -31.21
C PRO B 196 -56.76 -19.10 -30.99
N ASN B 197 -56.58 -18.74 -29.72
CA ASN B 197 -56.45 -17.35 -29.32
C ASN B 197 -55.06 -16.82 -29.69
N ASP B 198 -54.94 -15.50 -29.69
CA ASP B 198 -53.71 -14.84 -30.10
C ASP B 198 -52.67 -14.74 -28.98
N GLU B 199 -53.02 -15.08 -27.74
CA GLU B 199 -52.06 -14.98 -26.66
C GLU B 199 -50.85 -15.88 -26.90
N HIS B 200 -51.10 -17.13 -27.28
CA HIS B 200 -50.02 -18.08 -27.52
C HIS B 200 -49.15 -17.63 -28.68
N GLN B 201 -49.72 -16.96 -29.66
CA GLN B 201 -48.93 -16.53 -30.83
C GLN B 201 -48.00 -15.38 -30.47
N ALA B 202 -48.47 -14.41 -29.69
CA ALA B 202 -47.60 -13.34 -29.24
C ALA B 202 -46.49 -13.89 -28.35
N THR B 203 -46.83 -14.80 -27.44
CA THR B 203 -45.81 -15.45 -26.63
C THR B 203 -44.83 -16.22 -27.51
N ALA B 204 -45.32 -16.84 -28.58
CA ALA B 204 -44.47 -17.60 -29.48
C ALA B 204 -43.49 -16.71 -30.24
N MET B 205 -43.93 -15.53 -30.67
CA MET B 205 -42.97 -14.62 -31.29
C MET B 205 -41.96 -14.09 -30.28
N ALA B 206 -42.39 -13.89 -29.03
CA ALA B 206 -41.42 -13.57 -27.99
C ALA B 206 -40.39 -14.69 -27.83
N ASP B 207 -40.85 -15.94 -27.88
CA ASP B 207 -39.93 -17.08 -27.82
C ASP B 207 -38.98 -17.11 -29.01
N ILE B 208 -39.51 -16.84 -30.21
CA ILE B 208 -38.67 -16.84 -31.41
C ILE B 208 -37.57 -15.81 -31.29
N ILE B 209 -37.90 -14.60 -30.82
CA ILE B 209 -36.88 -13.56 -30.69
C ILE B 209 -35.88 -13.93 -29.61
N GLU B 210 -36.34 -14.52 -28.50
CA GLU B 210 -35.43 -14.98 -27.46
C GLU B 210 -34.62 -16.20 -27.88
N TYR B 211 -35.04 -16.91 -28.93
CA TYR B 211 -34.34 -18.10 -29.39
C TYR B 211 -33.19 -17.78 -30.32
N PHE B 212 -33.33 -16.78 -31.20
CA PHE B 212 -32.26 -16.37 -32.09
C PHE B 212 -31.38 -15.28 -31.48
N ARG B 213 -31.60 -14.95 -30.21
CA ARG B 213 -30.74 -14.05 -29.45
C ARG B 213 -30.73 -12.65 -30.04
N TRP B 214 -31.93 -12.12 -30.19
CA TRP B 214 -32.16 -10.73 -30.53
C TRP B 214 -32.72 -10.01 -29.31
N ASN B 215 -32.47 -8.71 -29.24
CA ASN B 215 -33.13 -7.88 -28.23
C ASN B 215 -33.58 -6.52 -28.74
N TRP B 216 -33.37 -6.21 -30.02
CA TRP B 216 -33.67 -4.89 -30.56
C TRP B 216 -34.60 -5.09 -31.76
N VAL B 217 -35.90 -5.11 -31.50
CA VAL B 217 -36.91 -5.41 -32.49
C VAL B 217 -37.91 -4.28 -32.56
N GLY B 218 -38.60 -4.17 -33.69
CA GLY B 218 -39.68 -3.21 -33.83
C GLY B 218 -41.01 -3.91 -33.99
N THR B 219 -42.11 -3.21 -33.73
CA THR B 219 -43.43 -3.81 -33.82
C THR B 219 -44.34 -2.95 -34.70
N ILE B 220 -45.10 -3.62 -35.55
CA ILE B 220 -46.11 -2.99 -36.39
C ILE B 220 -47.40 -3.76 -36.20
N ALA B 221 -48.51 -3.05 -36.07
CA ALA B 221 -49.78 -3.72 -35.80
C ALA B 221 -50.90 -3.03 -36.57
N ALA B 222 -51.82 -3.83 -37.09
CA ALA B 222 -53.04 -3.29 -37.65
C ALA B 222 -53.85 -2.60 -36.55
N ASP B 223 -54.33 -1.39 -36.84
CA ASP B 223 -55.11 -0.62 -35.86
C ASP B 223 -56.53 -1.18 -35.84
N ASP B 224 -56.68 -2.33 -35.19
CA ASP B 224 -57.96 -3.01 -35.08
C ASP B 224 -57.90 -3.95 -33.88
N ASP B 225 -59.01 -4.64 -33.63
CA ASP B 225 -59.11 -5.54 -32.49
C ASP B 225 -58.26 -6.79 -32.64
N TYR B 226 -57.66 -7.01 -33.82
CA TYR B 226 -56.70 -8.10 -33.99
C TYR B 226 -55.29 -7.66 -33.64
N GLY B 227 -54.78 -6.63 -34.32
CA GLY B 227 -53.38 -6.28 -34.17
C GLY B 227 -53.02 -5.74 -32.79
N ARG B 228 -53.85 -4.85 -32.26
CA ARG B 228 -53.50 -4.18 -31.00
C ARG B 228 -53.40 -5.13 -29.81
N PRO B 229 -54.39 -5.98 -29.51
CA PRO B 229 -54.22 -6.90 -28.37
C PRO B 229 -53.07 -7.86 -28.54
N GLY B 230 -52.84 -8.36 -29.75
CA GLY B 230 -51.74 -9.28 -29.97
C GLY B 230 -50.39 -8.61 -29.77
N ILE B 231 -50.25 -7.38 -30.28
CA ILE B 231 -49.00 -6.66 -30.11
C ILE B 231 -48.80 -6.27 -28.66
N GLU B 232 -49.89 -6.03 -27.92
CA GLU B 232 -49.78 -5.72 -26.49
C GLU B 232 -49.32 -6.94 -25.70
N LYS B 233 -49.86 -8.11 -26.02
CA LYS B 233 -49.38 -9.33 -25.38
C LYS B 233 -47.93 -9.59 -25.73
N PHE B 234 -47.55 -9.32 -26.98
CA PHE B 234 -46.15 -9.45 -27.37
C PHE B 234 -45.27 -8.50 -26.57
N ARG B 235 -45.73 -7.28 -26.35
CA ARG B 235 -44.95 -6.31 -25.60
C ARG B 235 -44.76 -6.75 -24.16
N GLU B 236 -45.81 -7.29 -23.54
CA GLU B 236 -45.68 -7.83 -22.19
C GLU B 236 -44.67 -8.97 -22.15
N GLU B 237 -44.76 -9.90 -23.11
CA GLU B 237 -43.83 -11.03 -23.13
C GLU B 237 -42.41 -10.56 -23.41
N ALA B 238 -42.25 -9.51 -24.21
CA ALA B 238 -40.92 -9.00 -24.54
C ALA B 238 -40.27 -8.32 -23.34
N GLU B 239 -41.04 -7.51 -22.61
CA GLU B 239 -40.48 -6.90 -21.41
C GLU B 239 -40.24 -7.95 -20.32
N GLU B 240 -40.98 -9.07 -20.38
CA GLU B 240 -40.69 -10.18 -19.49
C GLU B 240 -39.45 -10.96 -19.91
N ARG B 241 -39.09 -10.95 -21.19
CA ARG B 241 -37.92 -11.68 -21.68
C ARG B 241 -36.75 -10.74 -22.00
N ASP B 242 -36.79 -9.51 -21.49
CA ASP B 242 -35.69 -8.56 -21.64
C ASP B 242 -35.36 -8.29 -23.10
N ILE B 243 -36.39 -8.04 -23.89
CA ILE B 243 -36.25 -7.60 -25.27
C ILE B 243 -36.68 -6.14 -25.34
N CYS B 244 -35.90 -5.33 -26.05
CA CYS B 244 -36.21 -3.91 -26.19
C CYS B 244 -36.94 -3.68 -27.50
N ILE B 245 -38.05 -2.95 -27.43
CA ILE B 245 -38.84 -2.62 -28.60
C ILE B 245 -38.56 -1.17 -28.99
N ASP B 246 -38.00 -0.98 -30.18
CA ASP B 246 -37.65 0.37 -30.62
C ASP B 246 -38.90 1.16 -31.00
N PHE B 247 -39.63 0.69 -32.00
CA PHE B 247 -40.79 1.40 -32.52
C PHE B 247 -42.02 0.52 -32.46
N SER B 248 -43.17 1.15 -32.20
CA SER B 248 -44.47 0.50 -32.24
C SER B 248 -45.36 1.33 -33.14
N GLU B 249 -45.67 0.81 -34.32
CA GLU B 249 -46.44 1.54 -35.32
C GLU B 249 -47.77 0.85 -35.58
N LEU B 250 -48.77 1.67 -35.91
CA LEU B 250 -50.10 1.18 -36.24
C LEU B 250 -50.39 1.42 -37.71
N ILE B 251 -51.05 0.45 -38.33
CA ILE B 251 -51.36 0.51 -39.75
C ILE B 251 -52.81 0.11 -39.98
N SER B 252 -53.31 0.47 -41.15
CA SER B 252 -54.63 0.07 -41.61
C SER B 252 -54.60 0.06 -43.13
N GLN B 253 -55.54 -0.68 -43.71
CA GLN B 253 -55.64 -0.68 -45.16
C GLN B 253 -56.16 0.67 -45.68
N TYR B 254 -57.02 1.31 -44.91
CA TYR B 254 -57.53 2.63 -45.26
C TYR B 254 -56.76 3.72 -44.53
N SER B 255 -55.45 3.73 -44.75
CA SER B 255 -54.53 4.65 -44.11
C SER B 255 -53.98 5.65 -45.12
N ASP B 256 -53.88 6.90 -44.70
CA ASP B 256 -53.38 7.95 -45.58
C ASP B 256 -51.90 7.76 -45.87
N GLU B 257 -51.46 8.35 -46.99
CA GLU B 257 -50.08 8.18 -47.42
C GLU B 257 -49.11 8.81 -46.43
N GLU B 258 -49.56 9.85 -45.72
CA GLU B 258 -48.70 10.47 -44.71
C GLU B 258 -48.35 9.51 -43.60
N GLU B 259 -49.34 8.75 -43.11
CA GLU B 259 -49.10 7.81 -42.04
C GLU B 259 -48.16 6.68 -42.49
N ILE B 260 -48.38 6.16 -43.70
CA ILE B 260 -47.55 5.09 -44.20
C ILE B 260 -46.12 5.57 -44.41
N GLN B 261 -45.97 6.79 -44.94
CA GLN B 261 -44.63 7.38 -45.08
C GLN B 261 -43.96 7.55 -43.73
N HIS B 262 -44.72 7.97 -42.71
CA HIS B 262 -44.15 8.10 -41.38
C HIS B 262 -43.67 6.76 -40.84
N VAL B 263 -44.47 5.72 -41.02
CA VAL B 263 -44.07 4.39 -40.55
C VAL B 263 -42.82 3.92 -41.27
N VAL B 264 -42.76 4.17 -42.59
CA VAL B 264 -41.57 3.77 -43.36
C VAL B 264 -40.35 4.54 -42.88
N GLU B 265 -40.50 5.84 -42.63
CA GLU B 265 -39.39 6.64 -42.12
C GLU B 265 -38.91 6.09 -40.78
N VAL B 266 -39.85 5.69 -39.92
CA VAL B 266 -39.48 5.11 -38.64
C VAL B 266 -38.69 3.82 -38.85
N ILE B 267 -39.15 2.97 -39.75
CA ILE B 267 -38.44 1.71 -40.02
C ILE B 267 -37.02 2.01 -40.52
N GLN B 268 -36.88 3.04 -41.35
CA GLN B 268 -35.56 3.42 -41.85
C GLN B 268 -34.72 4.08 -40.76
N ASN B 269 -35.35 4.92 -39.93
CA ASN B 269 -34.63 5.64 -38.89
C ASN B 269 -34.27 4.72 -37.72
N SER B 270 -34.42 3.42 -37.90
CA SER B 270 -34.21 2.46 -36.84
C SER B 270 -33.18 1.41 -37.27
N THR B 271 -32.55 0.79 -36.29
CA THR B 271 -31.56 -0.24 -36.52
C THR B 271 -32.04 -1.60 -36.03
N ALA B 272 -33.36 -1.82 -36.08
CA ALA B 272 -33.96 -3.09 -35.70
C ALA B 272 -34.26 -3.89 -36.96
N LYS B 273 -33.46 -4.93 -37.21
CA LYS B 273 -33.71 -5.77 -38.37
C LYS B 273 -34.98 -6.59 -38.22
N VAL B 274 -35.34 -6.96 -37.00
CA VAL B 274 -36.51 -7.80 -36.75
C VAL B 274 -37.72 -6.92 -36.50
N ILE B 275 -38.80 -7.18 -37.22
CA ILE B 275 -40.06 -6.46 -37.07
C ILE B 275 -41.16 -7.46 -36.84
N VAL B 276 -41.94 -7.25 -35.79
CA VAL B 276 -43.07 -8.12 -35.45
C VAL B 276 -44.34 -7.45 -35.94
N VAL B 277 -45.11 -8.15 -36.76
CA VAL B 277 -46.28 -7.57 -37.43
C VAL B 277 -47.51 -8.40 -37.09
N PHE B 278 -48.34 -7.91 -36.18
CA PHE B 278 -49.71 -8.40 -36.03
C PHE B 278 -50.60 -7.62 -36.98
N SER B 279 -50.96 -8.23 -38.10
CA SER B 279 -51.86 -7.59 -39.04
C SER B 279 -52.38 -8.66 -40.01
N SER B 280 -53.44 -8.32 -40.71
CA SER B 280 -53.91 -9.12 -41.81
C SER B 280 -53.19 -8.71 -43.09
N GLY B 281 -53.50 -9.41 -44.18
CA GLY B 281 -52.96 -9.08 -45.47
C GLY B 281 -53.36 -7.69 -45.93
N PRO B 282 -54.68 -7.45 -46.07
CA PRO B 282 -55.12 -6.14 -46.55
C PRO B 282 -54.66 -4.97 -45.71
N ASP B 283 -54.65 -5.10 -44.39
CA ASP B 283 -54.25 -3.98 -43.54
C ASP B 283 -52.76 -3.69 -43.64
N LEU B 284 -51.95 -4.68 -43.98
CA LEU B 284 -50.52 -4.51 -44.13
C LEU B 284 -50.11 -4.13 -45.55
N GLU B 285 -50.97 -4.36 -46.53
CA GLU B 285 -50.59 -4.19 -47.94
C GLU B 285 -50.02 -2.82 -48.28
N PRO B 286 -50.65 -1.68 -47.92
CA PRO B 286 -50.07 -0.39 -48.31
C PRO B 286 -48.66 -0.16 -47.76
N LEU B 287 -48.42 -0.59 -46.53
CA LEU B 287 -47.10 -0.45 -45.93
C LEU B 287 -46.06 -1.25 -46.71
N ILE B 288 -46.41 -2.48 -47.09
CA ILE B 288 -45.47 -3.30 -47.85
C ILE B 288 -45.24 -2.70 -49.23
N LYS B 289 -46.28 -2.13 -49.83
CA LYS B 289 -46.11 -1.46 -51.12
C LYS B 289 -45.12 -0.31 -51.00
N GLU B 290 -45.26 0.53 -49.97
CA GLU B 290 -44.36 1.68 -49.84
C GLU B 290 -42.95 1.24 -49.45
N ILE B 291 -42.82 0.17 -48.68
CA ILE B 291 -41.49 -0.34 -48.34
C ILE B 291 -40.81 -0.92 -49.57
N VAL B 292 -41.57 -1.59 -50.44
CA VAL B 292 -41.01 -2.12 -51.67
C VAL B 292 -40.61 -0.98 -52.61
N ARG B 293 -41.45 0.05 -52.71
CA ARG B 293 -41.15 1.15 -53.62
C ARG B 293 -39.86 1.86 -53.25
N ARG B 294 -39.50 1.84 -51.96
CA ARG B 294 -38.25 2.42 -51.49
C ARG B 294 -37.13 1.38 -51.38
N ASN B 295 -37.43 0.11 -51.68
CA ASN B 295 -36.43 -0.96 -51.65
C ASN B 295 -35.71 -1.03 -50.31
N ILE B 296 -36.49 -1.21 -49.24
CA ILE B 296 -35.93 -1.35 -47.90
C ILE B 296 -35.59 -2.81 -47.69
N THR B 297 -34.40 -3.21 -48.11
CA THR B 297 -33.97 -4.59 -48.00
C THR B 297 -33.17 -4.80 -46.72
N GLY B 298 -33.31 -5.99 -46.14
CA GLY B 298 -32.53 -6.37 -44.98
C GLY B 298 -33.28 -6.44 -43.67
N LYS B 299 -34.60 -6.40 -43.69
CA LYS B 299 -35.39 -6.59 -42.49
C LYS B 299 -35.81 -8.04 -42.35
N ILE B 300 -36.06 -8.45 -41.11
CA ILE B 300 -36.45 -9.81 -40.77
C ILE B 300 -37.87 -9.75 -40.22
N TRP B 301 -38.84 -10.18 -41.02
CA TRP B 301 -40.25 -10.01 -40.69
C TRP B 301 -40.77 -11.23 -39.94
N LEU B 302 -41.39 -10.99 -38.79
CA LEU B 302 -42.07 -12.03 -38.03
C LEU B 302 -43.56 -11.83 -38.21
N ALA B 303 -44.24 -12.82 -38.77
CA ALA B 303 -45.60 -12.69 -39.25
C ALA B 303 -46.57 -13.44 -38.34
N SER B 304 -47.67 -12.78 -38.01
CA SER B 304 -48.78 -13.48 -37.38
C SER B 304 -49.53 -14.29 -38.43
N GLU B 305 -50.42 -15.16 -37.95
CA GLU B 305 -51.12 -16.10 -38.83
C GLU B 305 -51.90 -15.39 -39.93
N ALA B 306 -52.34 -14.16 -39.71
CA ALA B 306 -53.25 -13.51 -40.65
C ALA B 306 -52.59 -13.11 -41.96
N TRP B 307 -51.28 -12.84 -41.97
CA TRP B 307 -50.59 -12.54 -43.21
C TRP B 307 -49.39 -13.43 -43.49
N ALA B 308 -49.11 -14.42 -42.63
CA ALA B 308 -47.99 -15.31 -42.87
C ALA B 308 -48.19 -16.15 -44.12
N SER B 309 -49.45 -16.38 -44.52
CA SER B 309 -49.74 -17.06 -45.77
C SER B 309 -50.61 -16.21 -46.69
N SER B 310 -50.64 -14.90 -46.48
CA SER B 310 -51.49 -14.03 -47.29
C SER B 310 -50.98 -13.96 -48.71
N SER B 311 -51.90 -14.06 -49.67
CA SER B 311 -51.55 -13.91 -51.07
C SER B 311 -51.35 -12.45 -51.46
N LEU B 312 -51.83 -11.52 -50.64
CA LEU B 312 -51.63 -10.09 -50.88
C LEU B 312 -50.23 -9.63 -50.54
N ILE B 313 -49.49 -10.38 -49.72
CA ILE B 313 -48.14 -10.02 -49.32
C ILE B 313 -47.12 -10.97 -49.90
N ALA B 314 -47.42 -12.27 -49.93
CA ALA B 314 -46.52 -13.26 -50.49
C ALA B 314 -46.63 -13.28 -52.03
N MET B 315 -46.30 -12.13 -52.62
CA MET B 315 -46.24 -12.00 -54.06
C MET B 315 -44.80 -11.85 -54.50
N PRO B 316 -44.41 -12.47 -55.62
CA PRO B 316 -42.98 -12.57 -55.96
C PRO B 316 -42.29 -11.24 -56.21
N GLN B 317 -43.02 -10.16 -56.51
CA GLN B 317 -42.37 -8.87 -56.72
C GLN B 317 -42.03 -8.16 -55.43
N TYR B 318 -42.39 -8.72 -54.27
CA TYR B 318 -42.00 -8.16 -52.99
C TYR B 318 -40.93 -8.98 -52.27
N PHE B 319 -40.39 -10.01 -52.91
CA PHE B 319 -39.51 -10.93 -52.18
C PHE B 319 -38.30 -10.21 -51.62
N HIS B 320 -37.65 -9.36 -52.42
CA HIS B 320 -36.48 -8.63 -51.97
C HIS B 320 -36.75 -7.87 -50.68
N VAL B 321 -38.02 -7.57 -50.40
CA VAL B 321 -38.39 -6.95 -49.14
C VAL B 321 -38.90 -7.95 -48.11
N VAL B 322 -39.72 -8.93 -48.53
CA VAL B 322 -40.41 -9.79 -47.58
C VAL B 322 -39.95 -11.24 -47.66
N GLY B 323 -39.00 -11.57 -48.52
CA GLY B 323 -38.48 -12.92 -48.55
C GLY B 323 -37.81 -13.29 -47.24
N GLY B 324 -37.87 -14.56 -46.89
CA GLY B 324 -37.34 -15.03 -45.64
C GLY B 324 -38.22 -14.75 -44.44
N THR B 325 -39.45 -14.31 -44.65
CA THR B 325 -40.37 -14.01 -43.56
C THR B 325 -40.64 -15.26 -42.75
N ILE B 326 -40.58 -15.13 -41.43
CA ILE B 326 -40.86 -16.20 -40.49
C ILE B 326 -42.24 -15.95 -39.91
N GLY B 327 -43.18 -16.85 -40.19
CA GLY B 327 -44.57 -16.61 -39.84
C GLY B 327 -45.22 -17.84 -39.23
N PHE B 328 -46.44 -17.64 -38.76
CA PHE B 328 -47.20 -18.68 -38.09
C PHE B 328 -48.36 -19.15 -38.96
N ALA B 329 -48.64 -20.44 -38.88
CA ALA B 329 -49.75 -21.07 -39.58
C ALA B 329 -50.47 -21.99 -38.61
N LEU B 330 -51.75 -22.24 -38.89
CA LEU B 330 -52.51 -23.15 -38.06
C LEU B 330 -52.24 -24.60 -38.47
N LYS B 331 -52.70 -25.52 -37.63
CA LYS B 331 -52.57 -26.93 -37.92
C LYS B 331 -53.49 -27.31 -39.07
N ALA B 332 -52.92 -27.83 -40.14
CA ALA B 332 -53.71 -28.19 -41.31
C ALA B 332 -54.64 -29.35 -40.98
N GLY B 333 -55.81 -29.35 -41.63
CA GLY B 333 -56.77 -30.42 -41.49
C GLY B 333 -57.01 -31.14 -42.81
N GLN B 334 -57.87 -32.14 -42.75
CA GLN B 334 -58.22 -32.94 -43.91
C GLN B 334 -59.71 -32.86 -44.16
N ILE B 335 -60.08 -32.53 -45.39
CA ILE B 335 -61.49 -32.53 -45.81
C ILE B 335 -61.56 -33.39 -47.07
N PRO B 336 -61.66 -34.70 -46.95
CA PRO B 336 -61.70 -35.56 -48.15
C PRO B 336 -62.89 -35.21 -49.02
N GLY B 337 -62.63 -35.07 -50.32
CA GLY B 337 -63.66 -34.74 -51.28
C GLY B 337 -63.93 -33.26 -51.43
N PHE B 338 -63.29 -32.42 -50.60
CA PHE B 338 -63.52 -30.99 -50.69
C PHE B 338 -62.96 -30.41 -51.98
N ARG B 339 -61.85 -30.96 -52.47
CA ARG B 339 -61.23 -30.45 -53.69
C ARG B 339 -62.09 -30.75 -54.91
N GLU B 340 -62.56 -31.99 -55.03
CA GLU B 340 -63.45 -32.34 -56.13
C GLU B 340 -64.73 -31.51 -56.05
N PHE B 341 -65.21 -31.25 -54.84
CA PHE B 341 -66.35 -30.35 -54.68
C PHE B 341 -66.02 -28.96 -55.19
N LEU B 342 -64.80 -28.47 -54.92
CA LEU B 342 -64.40 -27.15 -55.38
C LEU B 342 -64.42 -27.07 -56.90
N LYS B 343 -63.92 -28.10 -57.58
CA LYS B 343 -63.91 -28.05 -59.03
C LYS B 343 -65.30 -28.27 -59.64
N LYS B 344 -66.26 -28.71 -58.84
CA LYS B 344 -67.62 -28.84 -59.38
C LYS B 344 -68.37 -27.53 -59.43
N VAL B 345 -67.74 -26.41 -59.05
CA VAL B 345 -68.45 -25.14 -59.06
C VAL B 345 -68.78 -24.75 -60.51
N HIS B 346 -69.93 -24.11 -60.68
CA HIS B 346 -70.41 -23.67 -61.97
C HIS B 346 -71.45 -22.59 -61.76
N PRO B 347 -71.35 -21.46 -62.47
CA PRO B 347 -72.33 -20.38 -62.26
C PRO B 347 -73.75 -20.77 -62.60
N ARG B 348 -73.96 -21.85 -63.34
CA ARG B 348 -75.30 -22.32 -63.67
C ARG B 348 -75.68 -23.59 -62.93
N LYS B 349 -74.75 -24.53 -62.76
CA LYS B 349 -75.05 -25.73 -61.98
C LYS B 349 -75.18 -25.43 -60.49
N SER B 350 -74.60 -24.34 -60.03
CA SER B 350 -74.76 -23.89 -58.65
C SER B 350 -75.76 -22.73 -58.63
N VAL B 351 -76.96 -23.00 -58.14
CA VAL B 351 -77.99 -21.98 -58.05
C VAL B 351 -78.10 -21.38 -56.66
N HIS B 352 -77.85 -22.17 -55.62
CA HIS B 352 -77.86 -21.62 -54.26
C HIS B 352 -76.71 -20.64 -54.06
N ASN B 353 -75.54 -20.98 -54.58
CA ASN B 353 -74.34 -20.16 -54.38
C ASN B 353 -74.39 -19.00 -55.36
N GLY B 354 -74.94 -17.87 -54.91
CA GLY B 354 -75.02 -16.68 -55.75
C GLY B 354 -73.69 -16.01 -56.01
N PHE B 355 -72.66 -16.34 -55.24
CA PHE B 355 -71.32 -15.82 -55.48
C PHE B 355 -70.62 -16.56 -56.61
N ALA B 356 -71.20 -17.66 -57.09
CA ALA B 356 -70.55 -18.46 -58.13
C ALA B 356 -70.40 -17.68 -59.42
N LYS B 357 -71.38 -16.83 -59.74
CA LYS B 357 -71.31 -16.05 -60.98
C LYS B 357 -70.11 -15.12 -60.97
N GLU B 358 -69.97 -14.32 -59.91
CA GLU B 358 -68.84 -13.41 -59.83
C GLU B 358 -67.53 -14.16 -59.68
N PHE B 359 -67.55 -15.31 -59.01
CA PHE B 359 -66.35 -16.13 -58.92
C PHE B 359 -65.88 -16.55 -60.30
N TRP B 360 -66.81 -17.02 -61.13
CA TRP B 360 -66.48 -17.46 -62.48
C TRP B 360 -65.97 -16.29 -63.31
N GLU B 361 -66.62 -15.13 -63.17
CA GLU B 361 -66.21 -13.94 -63.92
C GLU B 361 -64.79 -13.52 -63.56
N GLU B 362 -64.49 -13.46 -62.25
CA GLU B 362 -63.15 -13.05 -61.84
C GLU B 362 -62.12 -14.13 -62.14
N THR B 363 -62.55 -15.38 -62.22
CA THR B 363 -61.61 -16.46 -62.52
C THR B 363 -61.20 -16.44 -63.98
N PHE B 364 -62.16 -16.23 -64.89
CA PHE B 364 -61.89 -16.37 -66.31
C PHE B 364 -61.88 -15.03 -67.06
N ASN B 365 -62.03 -13.92 -66.37
CA ASN B 365 -62.06 -12.59 -66.98
C ASN B 365 -63.07 -12.54 -68.11
N CYS B 366 -64.33 -12.80 -67.76
CA CYS B 366 -65.42 -12.80 -68.72
C CYS B 366 -66.70 -12.40 -67.99
N HIS B 367 -67.71 -12.04 -68.77
CA HIS B 367 -69.00 -11.63 -68.24
C HIS B 367 -70.06 -12.63 -68.67
N LEU B 368 -70.99 -12.94 -67.78
CA LEU B 368 -72.09 -13.83 -68.10
C LEU B 368 -73.18 -13.11 -68.88
N ARG B 400 -65.20 -7.01 -70.97
CA ARG B 400 -65.03 -8.45 -70.75
C ARG B 400 -65.76 -9.27 -71.81
N PRO B 401 -65.12 -10.35 -72.27
CA PRO B 401 -65.80 -11.24 -73.23
C PRO B 401 -66.98 -11.94 -72.59
N LEU B 402 -67.91 -12.37 -73.42
CA LEU B 402 -68.99 -13.21 -72.96
C LEU B 402 -68.45 -14.59 -72.58
N CYS B 403 -68.86 -15.08 -71.42
CA CYS B 403 -68.37 -16.36 -70.95
C CYS B 403 -68.92 -17.50 -71.80
N THR B 404 -68.32 -18.68 -71.63
CA THR B 404 -68.80 -19.88 -72.31
C THR B 404 -69.44 -20.90 -71.37
N GLY B 405 -69.15 -20.83 -70.07
CA GLY B 405 -69.67 -21.82 -69.14
C GLY B 405 -69.02 -23.17 -69.34
N ASP B 406 -67.95 -23.21 -70.13
CA ASP B 406 -67.24 -24.43 -70.43
C ASP B 406 -65.76 -24.35 -70.10
N GLU B 407 -65.29 -23.25 -69.53
CA GLU B 407 -63.90 -23.15 -69.13
C GLU B 407 -63.61 -24.08 -67.97
N ASN B 408 -62.33 -24.36 -67.76
CA ASN B 408 -61.88 -25.29 -66.73
C ASN B 408 -61.33 -24.51 -65.55
N ILE B 409 -61.76 -24.89 -64.35
CA ILE B 409 -61.25 -24.25 -63.13
C ILE B 409 -59.75 -24.42 -63.01
N SER B 410 -59.23 -25.58 -63.42
CA SER B 410 -57.80 -25.85 -63.28
C SER B 410 -56.95 -25.02 -64.24
N SER B 411 -57.55 -24.46 -65.29
CA SER B 411 -56.76 -23.69 -66.25
C SER B 411 -56.18 -22.43 -65.62
N VAL B 412 -56.95 -21.75 -64.78
CA VAL B 412 -56.49 -20.52 -64.15
C VAL B 412 -55.88 -20.86 -62.80
N GLU B 413 -54.87 -20.08 -62.40
CA GLU B 413 -54.14 -20.27 -61.15
C GLU B 413 -54.64 -19.23 -60.15
N THR B 414 -55.54 -19.64 -59.28
CA THR B 414 -56.13 -18.79 -58.26
C THR B 414 -56.06 -19.49 -56.92
N PRO B 415 -56.07 -18.75 -55.81
CA PRO B 415 -56.06 -19.40 -54.48
C PRO B 415 -57.27 -20.28 -54.21
N TYR B 416 -58.22 -20.36 -55.15
CA TYR B 416 -59.39 -21.22 -54.96
C TYR B 416 -58.99 -22.69 -54.89
N ILE B 417 -58.13 -23.13 -55.79
CA ILE B 417 -57.61 -24.50 -55.76
C ILE B 417 -56.11 -24.56 -55.64
N ASP B 418 -55.41 -23.43 -55.57
CA ASP B 418 -53.96 -23.41 -55.38
C ASP B 418 -53.65 -23.33 -53.89
N TYR B 419 -54.01 -24.40 -53.18
CA TYR B 419 -53.70 -24.54 -51.78
C TYR B 419 -52.97 -25.86 -51.56
N THR B 420 -52.10 -25.87 -50.55
CA THR B 420 -51.44 -27.08 -50.11
C THR B 420 -51.99 -27.61 -48.79
N HIS B 421 -52.55 -26.74 -47.95
CA HIS B 421 -53.13 -27.12 -46.68
C HIS B 421 -54.44 -26.38 -46.50
N LEU B 422 -55.38 -27.02 -45.82
CA LEU B 422 -56.67 -26.41 -45.50
C LEU B 422 -56.65 -26.07 -44.02
N ARG B 423 -56.33 -24.82 -43.70
CA ARG B 423 -56.20 -24.38 -42.32
C ARG B 423 -57.43 -23.61 -41.87
N ILE B 424 -57.76 -22.48 -42.50
CA ILE B 424 -59.00 -21.78 -42.18
C ILE B 424 -60.20 -22.54 -42.72
N SER B 425 -60.05 -23.18 -43.87
CA SER B 425 -61.13 -24.00 -44.41
C SER B 425 -61.51 -25.13 -43.46
N TYR B 426 -60.51 -25.77 -42.85
CA TYR B 426 -60.80 -26.78 -41.85
C TYR B 426 -61.44 -26.18 -40.61
N ASN B 427 -61.12 -24.93 -40.28
CA ASN B 427 -61.80 -24.25 -39.19
C ASN B 427 -63.27 -24.02 -39.51
N VAL B 428 -63.59 -23.66 -40.76
CA VAL B 428 -65.00 -23.56 -41.17
C VAL B 428 -65.68 -24.91 -41.08
N TYR B 429 -65.00 -25.96 -41.55
CA TYR B 429 -65.52 -27.31 -41.48
C TYR B 429 -65.86 -27.69 -40.05
N LEU B 430 -64.95 -27.40 -39.11
CA LEU B 430 -65.18 -27.72 -37.70
C LEU B 430 -66.22 -26.82 -37.06
N ALA B 431 -66.36 -25.57 -37.51
CA ALA B 431 -67.46 -24.75 -37.01
C ALA B 431 -68.80 -25.38 -37.38
N VAL B 432 -68.94 -25.78 -38.64
CA VAL B 432 -70.19 -26.36 -39.10
C VAL B 432 -70.45 -27.70 -38.40
N TYR B 433 -69.40 -28.52 -38.24
CA TYR B 433 -69.60 -29.79 -37.56
C TYR B 433 -69.82 -29.62 -36.06
N SER B 434 -69.27 -28.58 -35.44
CA SER B 434 -69.57 -28.33 -34.05
C SER B 434 -71.04 -27.96 -33.87
N ILE B 435 -71.57 -27.12 -34.78
CA ILE B 435 -72.99 -26.81 -34.72
C ILE B 435 -73.83 -28.06 -34.96
N ALA B 436 -73.45 -28.86 -35.95
CA ALA B 436 -74.21 -30.07 -36.25
C ALA B 436 -74.17 -31.08 -35.11
N HIS B 437 -73.03 -31.20 -34.43
CA HIS B 437 -72.92 -32.14 -33.32
C HIS B 437 -73.66 -31.63 -32.09
N ALA B 438 -73.73 -30.30 -31.90
CA ALA B 438 -74.61 -29.77 -30.87
C ALA B 438 -76.07 -30.11 -31.18
N LEU B 439 -76.47 -29.96 -32.45
CA LEU B 439 -77.83 -30.30 -32.83
C LEU B 439 -78.10 -31.80 -32.68
N GLN B 440 -77.11 -32.65 -32.96
CA GLN B 440 -77.26 -34.07 -32.73
C GLN B 440 -77.37 -34.39 -31.25
N ASP B 441 -76.59 -33.70 -30.41
CA ASP B 441 -76.71 -33.84 -28.97
C ASP B 441 -78.13 -33.50 -28.51
N ILE B 442 -78.71 -32.46 -29.10
CA ILE B 442 -80.11 -32.15 -28.84
C ILE B 442 -81.02 -33.27 -29.33
N TYR B 443 -80.70 -33.84 -30.49
CA TYR B 443 -81.54 -34.84 -31.15
C TYR B 443 -81.50 -36.19 -30.47
N THR B 444 -80.47 -36.49 -29.69
CA THR B 444 -80.32 -37.78 -29.04
C THR B 444 -80.30 -37.62 -27.52
N CYS B 445 -81.16 -36.74 -27.00
CA CYS B 445 -81.21 -36.48 -25.58
C CYS B 445 -82.10 -37.52 -24.89
N LEU B 446 -82.05 -37.56 -23.56
CA LEU B 446 -82.85 -38.48 -22.78
C LEU B 446 -83.62 -37.71 -21.73
N PRO B 447 -84.86 -38.12 -21.45
CA PRO B 447 -85.73 -37.30 -20.57
C PRO B 447 -85.17 -37.06 -19.19
N GLY B 448 -84.34 -37.97 -18.67
CA GLY B 448 -83.75 -37.78 -17.36
C GLY B 448 -82.37 -37.16 -17.41
N ARG B 449 -81.79 -37.08 -18.60
CA ARG B 449 -80.44 -36.57 -18.80
C ARG B 449 -80.50 -35.40 -19.78
N GLY B 450 -80.72 -34.21 -19.26
CA GLY B 450 -80.80 -33.02 -20.09
C GLY B 450 -80.03 -31.86 -19.52
N LEU B 451 -79.44 -31.05 -20.40
CA LEU B 451 -78.66 -29.90 -19.96
C LEU B 451 -79.54 -28.83 -19.33
N PHE B 452 -80.84 -28.85 -19.59
CA PHE B 452 -81.72 -27.77 -19.22
C PHE B 452 -82.44 -28.08 -17.89
N THR B 453 -83.42 -27.24 -17.56
CA THR B 453 -84.06 -27.32 -16.25
C THR B 453 -84.68 -28.68 -16.00
N ASN B 454 -84.34 -29.28 -14.87
CA ASN B 454 -84.84 -30.59 -14.47
C ASN B 454 -84.56 -31.64 -15.54
N GLY B 455 -83.41 -31.51 -16.20
CA GLY B 455 -82.98 -32.49 -17.19
C GLY B 455 -83.85 -32.51 -18.43
N SER B 456 -84.61 -31.45 -18.65
CA SER B 456 -85.49 -31.40 -19.82
C SER B 456 -84.67 -31.28 -21.09
N CYS B 457 -85.16 -31.91 -22.16
CA CYS B 457 -84.53 -31.87 -23.46
C CYS B 457 -85.41 -31.07 -24.41
N ALA B 458 -84.83 -30.08 -25.07
CA ALA B 458 -85.56 -29.36 -26.09
C ALA B 458 -85.82 -30.27 -27.29
N ASP B 459 -86.90 -29.99 -28.00
CA ASP B 459 -87.23 -30.73 -29.22
C ASP B 459 -86.50 -30.12 -30.41
N ILE B 460 -85.93 -30.99 -31.26
CA ILE B 460 -85.20 -30.50 -32.41
C ILE B 460 -86.13 -29.89 -33.44
N LYS B 461 -87.42 -30.24 -33.38
CA LYS B 461 -88.40 -29.65 -34.29
C LYS B 461 -88.77 -28.22 -33.90
N LYS B 462 -88.54 -27.83 -32.64
CA LYS B 462 -88.78 -26.47 -32.18
C LYS B 462 -87.61 -25.96 -31.36
N VAL B 463 -86.39 -26.23 -31.83
CA VAL B 463 -85.20 -25.85 -31.08
C VAL B 463 -84.97 -24.35 -31.21
N GLU B 464 -84.55 -23.73 -30.11
CA GLU B 464 -84.21 -22.31 -30.10
C GLU B 464 -82.68 -22.15 -30.10
N ALA B 465 -82.24 -20.94 -30.45
CA ALA B 465 -80.82 -20.69 -30.63
C ALA B 465 -80.07 -20.80 -29.30
N TRP B 466 -80.65 -20.32 -28.20
CA TRP B 466 -79.97 -20.39 -26.92
C TRP B 466 -79.75 -21.83 -26.47
N GLN B 467 -80.63 -22.75 -26.85
CA GLN B 467 -80.41 -24.15 -26.52
C GLN B 467 -79.21 -24.72 -27.27
N VAL B 468 -79.05 -24.35 -28.55
CA VAL B 468 -77.88 -24.77 -29.29
C VAL B 468 -76.63 -24.14 -28.71
N LEU B 469 -76.74 -22.90 -28.21
CA LEU B 469 -75.60 -22.28 -27.52
C LEU B 469 -75.22 -23.08 -26.28
N LYS B 470 -76.22 -23.46 -25.48
CA LYS B 470 -75.95 -24.25 -24.28
C LYS B 470 -75.30 -25.58 -24.62
N HIS B 471 -75.80 -26.25 -25.65
CA HIS B 471 -75.20 -27.51 -26.09
C HIS B 471 -73.84 -27.31 -26.74
N LEU B 472 -73.52 -26.09 -27.17
CA LEU B 472 -72.19 -25.78 -27.67
C LEU B 472 -71.20 -25.46 -26.56
N ARG B 473 -71.68 -25.18 -25.36
CA ARG B 473 -70.83 -24.98 -24.20
C ARG B 473 -70.53 -26.28 -23.48
N HIS B 474 -71.18 -27.37 -23.87
CA HIS B 474 -70.96 -28.69 -23.29
C HIS B 474 -70.66 -29.68 -24.40
N LEU B 475 -69.90 -29.26 -25.40
CA LEU B 475 -69.70 -30.03 -26.61
C LEU B 475 -68.36 -30.76 -26.57
N ASN B 476 -68.39 -32.02 -26.97
CA ASN B 476 -67.20 -32.86 -27.00
C ASN B 476 -67.46 -33.91 -28.09
N PHE B 477 -66.89 -33.68 -29.26
CA PHE B 477 -67.07 -34.58 -30.40
C PHE B 477 -65.74 -34.83 -31.09
N THR B 478 -65.66 -35.97 -31.77
CA THR B 478 -64.44 -36.39 -32.44
C THR B 478 -64.48 -36.00 -33.91
N ASN B 479 -63.34 -35.55 -34.42
CA ASN B 479 -63.24 -35.04 -35.78
C ASN B 479 -63.15 -36.19 -36.78
N ASN B 480 -62.99 -35.84 -38.05
CA ASN B 480 -62.64 -36.83 -39.05
C ASN B 480 -61.21 -37.32 -38.86
N MET B 481 -60.34 -36.45 -38.37
CA MET B 481 -58.95 -36.82 -38.07
C MET B 481 -58.81 -37.48 -36.70
N GLY B 482 -59.90 -37.62 -35.95
CA GLY B 482 -59.89 -38.33 -34.69
C GLY B 482 -59.61 -37.49 -33.47
N GLU B 483 -59.33 -36.21 -33.62
CA GLU B 483 -59.10 -35.34 -32.47
C GLU B 483 -60.41 -34.93 -31.83
N GLN B 484 -60.35 -34.57 -30.56
CA GLN B 484 -61.52 -34.10 -29.82
C GLN B 484 -61.58 -32.58 -29.84
N VAL B 485 -62.75 -32.04 -30.15
CA VAL B 485 -62.99 -30.61 -30.13
C VAL B 485 -63.87 -30.30 -28.92
N THR B 486 -63.30 -29.58 -27.95
CA THR B 486 -64.04 -29.17 -26.76
C THR B 486 -63.74 -27.71 -26.47
N PHE B 487 -64.72 -26.85 -26.68
CA PHE B 487 -64.58 -25.44 -26.36
C PHE B 487 -64.44 -25.26 -24.85
N ASP B 488 -63.56 -24.34 -24.47
CA ASP B 488 -63.29 -24.08 -23.06
C ASP B 488 -64.37 -23.20 -22.46
N GLU B 489 -64.10 -22.63 -21.29
CA GLU B 489 -65.04 -21.72 -20.65
C GLU B 489 -65.20 -20.42 -21.42
N CYS B 490 -64.35 -20.16 -22.42
CA CYS B 490 -64.45 -18.97 -23.25
C CYS B 490 -64.73 -19.30 -24.71
N GLY B 491 -64.99 -20.57 -25.04
CA GLY B 491 -65.26 -20.93 -26.42
C GLY B 491 -64.04 -20.90 -27.32
N ASP B 492 -62.85 -21.01 -26.75
CA ASP B 492 -61.60 -21.01 -27.50
C ASP B 492 -61.15 -22.45 -27.71
N LEU B 493 -60.55 -22.71 -28.87
CA LEU B 493 -60.07 -24.04 -29.22
C LEU B 493 -58.54 -24.00 -29.21
N VAL B 494 -57.94 -24.65 -28.22
CA VAL B 494 -56.49 -24.69 -28.14
C VAL B 494 -55.92 -25.43 -29.36
N GLY B 495 -54.84 -24.90 -29.91
CA GLY B 495 -54.24 -25.50 -31.09
C GLY B 495 -52.77 -25.21 -31.28
N ASN B 496 -52.06 -26.17 -31.88
CA ASN B 496 -50.65 -26.01 -32.17
C ASN B 496 -50.42 -24.95 -33.23
N TYR B 497 -49.19 -24.44 -33.30
CA TYR B 497 -48.79 -23.55 -34.37
C TYR B 497 -47.66 -24.17 -35.17
N SER B 498 -47.64 -23.87 -36.47
CA SER B 498 -46.54 -24.24 -37.34
C SER B 498 -45.79 -22.99 -37.75
N ILE B 499 -44.47 -23.09 -37.82
CA ILE B 499 -43.61 -21.96 -38.15
C ILE B 499 -43.09 -22.17 -39.56
N ILE B 500 -43.45 -21.26 -40.46
CA ILE B 500 -43.10 -21.34 -41.87
C ILE B 500 -42.13 -20.23 -42.21
N ASN B 501 -41.40 -20.44 -43.30
CA ASN B 501 -40.45 -19.47 -43.82
C ASN B 501 -40.74 -19.26 -45.30
N TRP B 502 -40.60 -18.02 -45.76
CA TRP B 502 -40.91 -17.67 -47.14
C TRP B 502 -39.66 -17.87 -47.99
N HIS B 503 -39.67 -18.92 -48.80
CA HIS B 503 -38.60 -19.19 -49.75
C HIS B 503 -39.11 -19.02 -51.17
N LEU B 504 -38.24 -18.53 -52.04
CA LEU B 504 -38.60 -18.36 -53.43
C LEU B 504 -38.72 -19.72 -54.13
N SER B 505 -39.55 -19.76 -55.15
CA SER B 505 -39.76 -20.99 -55.92
C SER B 505 -38.69 -21.09 -57.00
N PRO B 506 -37.84 -22.11 -56.99
CA PRO B 506 -36.81 -22.22 -58.04
C PRO B 506 -37.39 -22.31 -59.44
N GLU B 507 -38.53 -22.98 -59.61
CA GLU B 507 -39.11 -23.16 -60.94
C GLU B 507 -40.14 -22.09 -61.25
N ASP B 508 -41.19 -22.01 -60.45
CA ASP B 508 -42.28 -21.08 -60.73
C ASP B 508 -41.86 -19.64 -60.51
N GLY B 509 -41.00 -19.40 -59.52
CA GLY B 509 -40.66 -18.06 -59.10
C GLY B 509 -41.57 -17.48 -58.04
N SER B 510 -42.58 -18.22 -57.60
CA SER B 510 -43.46 -17.78 -56.55
C SER B 510 -42.77 -17.88 -55.19
N ILE B 511 -43.53 -17.61 -54.14
CA ILE B 511 -43.04 -17.67 -52.78
C ILE B 511 -43.59 -18.93 -52.12
N VAL B 512 -42.70 -19.81 -51.74
CA VAL B 512 -43.05 -21.10 -51.13
C VAL B 512 -42.93 -20.97 -49.62
N PHE B 513 -43.95 -21.43 -48.92
CA PHE B 513 -43.95 -21.46 -47.47
C PHE B 513 -43.41 -22.81 -47.02
N LYS B 514 -42.24 -22.81 -46.38
CA LYS B 514 -41.58 -24.02 -45.93
C LYS B 514 -41.65 -24.09 -44.42
N GLU B 515 -42.22 -25.18 -43.91
CA GLU B 515 -42.31 -25.37 -42.47
C GLU B 515 -40.92 -25.51 -41.88
N VAL B 516 -40.52 -24.53 -41.08
CA VAL B 516 -39.21 -24.54 -40.45
C VAL B 516 -39.28 -24.90 -38.98
N GLY B 517 -40.46 -24.86 -38.36
CA GLY B 517 -40.55 -25.25 -36.97
C GLY B 517 -41.99 -25.40 -36.53
N TYR B 518 -42.17 -25.45 -35.22
CA TYR B 518 -43.51 -25.52 -34.65
C TYR B 518 -43.50 -24.95 -33.25
N TYR B 519 -44.70 -24.66 -32.76
CA TYR B 519 -44.94 -24.14 -31.41
C TYR B 519 -46.00 -25.01 -30.77
N ASN B 520 -45.63 -25.68 -29.68
CA ASN B 520 -46.46 -26.68 -29.02
C ASN B 520 -47.13 -26.03 -27.82
N VAL B 521 -48.41 -25.73 -27.93
CA VAL B 521 -49.14 -25.01 -26.90
C VAL B 521 -49.52 -25.97 -25.77
N TYR B 522 -49.26 -27.26 -25.98
CA TYR B 522 -49.53 -28.28 -24.98
C TYR B 522 -48.30 -28.57 -24.11
N ALA B 523 -47.23 -27.80 -24.27
CA ALA B 523 -46.00 -28.02 -23.54
C ALA B 523 -45.77 -26.89 -22.55
N LYS B 524 -44.94 -27.15 -21.56
CA LYS B 524 -44.64 -26.15 -20.55
C LYS B 524 -43.87 -24.99 -21.14
N LYS B 525 -43.94 -23.84 -20.48
CA LYS B 525 -43.29 -22.64 -20.98
C LYS B 525 -41.80 -22.85 -21.10
N GLY B 526 -41.23 -22.43 -22.23
CA GLY B 526 -39.82 -22.60 -22.52
C GLY B 526 -39.50 -23.80 -23.37
N GLU B 527 -40.41 -24.78 -23.44
CA GLU B 527 -40.21 -25.96 -24.27
C GLU B 527 -41.27 -26.08 -25.35
N ARG B 528 -41.97 -24.99 -25.67
CA ARG B 528 -43.02 -24.99 -26.67
C ARG B 528 -42.51 -24.76 -28.08
N LEU B 529 -41.41 -24.03 -28.21
CA LEU B 529 -40.85 -23.67 -29.50
C LEU B 529 -39.83 -24.71 -29.95
N PHE B 530 -39.89 -25.09 -31.23
CA PHE B 530 -38.80 -25.82 -31.84
C PHE B 530 -38.63 -25.30 -33.27
N ILE B 531 -37.50 -24.67 -33.54
CA ILE B 531 -37.18 -24.16 -34.87
C ILE B 531 -35.92 -24.86 -35.35
N ASN B 532 -35.98 -25.44 -36.54
CA ASN B 532 -34.83 -26.08 -37.17
C ASN B 532 -34.14 -25.03 -38.02
N GLU B 533 -33.09 -24.41 -37.47
CA GLU B 533 -32.54 -23.20 -38.06
C GLU B 533 -31.85 -23.45 -39.40
N GLU B 534 -31.57 -24.71 -39.75
CA GLU B 534 -30.93 -24.96 -41.02
C GLU B 534 -31.91 -24.93 -42.20
N LYS B 535 -33.22 -24.92 -41.91
CA LYS B 535 -34.22 -24.75 -42.96
C LYS B 535 -34.62 -23.30 -43.18
N ILE B 536 -34.02 -22.37 -42.44
CA ILE B 536 -34.34 -20.96 -42.57
C ILE B 536 -33.35 -20.31 -43.54
N LEU B 537 -33.88 -19.67 -44.57
CA LEU B 537 -33.11 -18.81 -45.45
C LEU B 537 -33.41 -17.36 -45.06
N TRP B 538 -32.46 -16.73 -44.39
CA TRP B 538 -32.67 -15.36 -43.92
C TRP B 538 -32.69 -14.40 -45.09
N SER B 539 -33.68 -13.51 -45.10
CA SER B 539 -33.98 -12.61 -46.21
C SER B 539 -34.30 -13.37 -47.49
N GLY B 540 -34.49 -14.68 -47.42
CA GLY B 540 -34.84 -15.50 -48.56
C GLY B 540 -33.67 -16.13 -49.28
N PHE B 541 -32.43 -15.71 -49.00
CA PHE B 541 -31.28 -16.26 -49.70
C PHE B 541 -30.14 -16.60 -48.75
N SER B 542 -30.08 -15.96 -47.59
CA SER B 542 -28.91 -16.08 -46.74
C SER B 542 -28.99 -17.31 -45.86
N ARG B 543 -27.83 -17.67 -45.28
CA ARG B 543 -27.73 -18.77 -44.35
C ARG B 543 -27.22 -18.35 -42.98
N GLU B 544 -26.87 -17.09 -42.80
CA GLU B 544 -26.31 -16.61 -41.54
C GLU B 544 -27.40 -15.91 -40.73
N VAL B 545 -27.59 -16.36 -39.49
CA VAL B 545 -28.57 -15.75 -38.60
C VAL B 545 -28.22 -14.29 -38.43
N PRO B 546 -29.14 -13.37 -38.70
CA PRO B 546 -28.77 -11.96 -38.76
C PRO B 546 -28.51 -11.36 -37.39
N PHE B 547 -28.13 -10.09 -37.36
CA PHE B 547 -27.85 -9.36 -36.15
C PHE B 547 -28.94 -8.32 -35.93
N SER B 548 -29.61 -8.40 -34.79
CA SER B 548 -30.65 -7.44 -34.43
C SER B 548 -30.55 -7.05 -32.98
N ASN B 549 -29.33 -6.79 -32.51
CA ASN B 549 -29.11 -6.20 -31.19
C ASN B 549 -28.85 -4.71 -31.37
N CYS B 550 -29.18 -3.93 -30.34
CA CYS B 550 -28.99 -2.48 -30.45
C CYS B 550 -27.52 -2.12 -30.47
N SER B 551 -26.71 -2.81 -29.65
CA SER B 551 -25.28 -2.55 -29.56
C SER B 551 -24.53 -3.86 -29.52
N ARG B 552 -23.31 -3.85 -30.06
CA ARG B 552 -22.47 -5.04 -30.07
C ARG B 552 -22.07 -5.42 -28.65
N ASP B 553 -21.85 -6.71 -28.43
CA ASP B 553 -21.51 -7.19 -27.10
C ASP B 553 -20.17 -6.62 -26.64
N CYS B 554 -20.09 -6.31 -25.35
CA CYS B 554 -18.86 -5.83 -24.76
C CYS B 554 -17.96 -7.01 -24.45
N LEU B 555 -16.72 -6.96 -24.92
CA LEU B 555 -15.79 -8.05 -24.74
C LEU B 555 -15.36 -8.16 -23.27
N ALA B 556 -14.67 -9.25 -22.96
CA ALA B 556 -14.13 -9.44 -21.62
C ALA B 556 -13.14 -8.34 -21.29
N GLY B 557 -13.12 -7.92 -20.03
CA GLY B 557 -12.32 -6.79 -19.61
C GLY B 557 -12.99 -5.45 -19.81
N THR B 558 -14.23 -5.43 -20.28
CA THR B 558 -14.98 -4.22 -20.53
C THR B 558 -16.36 -4.35 -19.87
N ARG B 559 -16.91 -3.22 -19.43
CA ARG B 559 -18.24 -3.20 -18.83
C ARG B 559 -19.20 -2.46 -19.75
N LYS B 560 -20.47 -2.50 -19.34
CA LYS B 560 -21.55 -1.80 -20.04
C LYS B 560 -21.73 -0.41 -19.46
N GLY B 561 -22.01 0.55 -20.32
CA GLY B 561 -22.26 1.92 -19.90
C GLY B 561 -23.53 2.48 -20.50
N ILE B 562 -24.19 3.36 -19.75
CA ILE B 562 -25.55 3.80 -20.05
C ILE B 562 -25.48 4.94 -21.07
N ILE B 563 -26.26 4.83 -22.13
CA ILE B 563 -26.57 5.98 -22.98
C ILE B 563 -27.93 6.51 -22.56
N GLU B 564 -27.93 7.61 -21.82
CA GLU B 564 -29.18 8.17 -21.32
C GLU B 564 -30.06 8.62 -22.47
N GLY B 565 -31.36 8.44 -22.31
CA GLY B 565 -32.29 8.64 -23.40
C GLY B 565 -32.40 7.47 -24.34
N GLU B 566 -31.84 6.31 -23.96
CA GLU B 566 -31.89 5.12 -24.79
C GLU B 566 -32.28 3.94 -23.90
N PRO B 567 -32.93 2.91 -24.46
CA PRO B 567 -33.32 1.75 -23.65
C PRO B 567 -32.14 1.01 -23.04
N THR B 568 -32.42 0.03 -22.19
CA THR B 568 -31.36 -0.65 -21.46
C THR B 568 -30.51 -1.53 -22.38
N CYS B 569 -31.09 -2.00 -23.49
CA CYS B 569 -30.36 -2.84 -24.42
C CYS B 569 -29.34 -2.06 -25.24
N CYS B 570 -29.35 -0.74 -25.14
CA CYS B 570 -28.45 0.13 -25.91
C CYS B 570 -27.37 0.63 -24.96
N PHE B 571 -26.21 -0.04 -24.99
CA PHE B 571 -25.11 0.25 -24.08
C PHE B 571 -23.84 0.50 -24.86
N GLU B 572 -22.87 1.13 -24.21
CA GLU B 572 -21.55 1.34 -24.76
C GLU B 572 -20.54 0.52 -23.97
N CYS B 573 -19.38 0.29 -24.56
CA CYS B 573 -18.35 -0.50 -23.92
C CYS B 573 -17.31 0.41 -23.25
N VAL B 574 -17.14 0.24 -21.94
CA VAL B 574 -16.24 1.09 -21.16
C VAL B 574 -15.16 0.22 -20.55
N GLU B 575 -13.90 0.60 -20.78
CA GLU B 575 -12.77 -0.17 -20.26
C GLU B 575 -12.77 -0.20 -18.74
N CYS B 576 -12.51 -1.38 -18.18
CA CYS B 576 -12.45 -1.52 -16.75
C CYS B 576 -11.25 -0.75 -16.20
N PRO B 577 -11.40 -0.07 -15.06
CA PRO B 577 -10.25 0.58 -14.44
C PRO B 577 -9.27 -0.44 -13.89
N ASP B 578 -8.01 -0.02 -13.78
CA ASP B 578 -6.97 -0.92 -13.29
C ASP B 578 -7.30 -1.43 -11.90
N GLY B 579 -7.03 -2.71 -11.67
CA GLY B 579 -7.43 -3.37 -10.45
C GLY B 579 -8.80 -4.01 -10.51
N GLU B 580 -9.57 -3.73 -11.56
CA GLU B 580 -10.89 -4.30 -11.77
C GLU B 580 -10.86 -5.11 -13.05
N TYR B 581 -11.40 -6.32 -13.01
CA TYR B 581 -11.38 -7.21 -14.17
C TYR B 581 -12.80 -7.56 -14.59
N SER B 582 -12.93 -7.96 -15.85
CA SER B 582 -14.18 -8.48 -16.40
C SER B 582 -13.84 -9.70 -17.23
N ASP B 583 -14.22 -10.89 -16.75
CA ASP B 583 -13.91 -12.14 -17.40
C ASP B 583 -15.09 -12.69 -18.20
N GLU B 584 -16.13 -11.90 -18.40
CA GLU B 584 -17.35 -12.37 -19.04
C GLU B 584 -17.70 -11.45 -20.20
N THR B 585 -18.74 -11.84 -20.93
CA THR B 585 -19.28 -11.07 -22.04
C THR B 585 -20.58 -10.43 -21.61
N ASP B 586 -20.71 -9.12 -21.86
CA ASP B 586 -21.87 -8.34 -21.43
C ASP B 586 -22.01 -8.33 -19.91
N ALA B 587 -20.91 -8.02 -19.21
CA ALA B 587 -20.94 -7.85 -17.77
C ALA B 587 -21.28 -6.41 -17.44
N SER B 588 -22.16 -6.22 -16.45
CA SER B 588 -22.65 -4.89 -16.12
C SER B 588 -21.56 -4.03 -15.47
N ALA B 589 -21.05 -4.46 -14.33
CA ALA B 589 -19.99 -3.75 -13.63
C ALA B 589 -18.68 -4.51 -13.75
N CYS B 590 -17.58 -3.80 -13.48
CA CYS B 590 -16.26 -4.40 -13.46
C CYS B 590 -15.99 -5.00 -12.09
N ASN B 591 -15.49 -6.24 -12.09
CA ASN B 591 -15.26 -6.99 -10.87
C ASN B 591 -13.89 -6.62 -10.32
N LYS B 592 -13.83 -6.35 -9.02
CA LYS B 592 -12.57 -6.01 -8.38
C LYS B 592 -11.75 -7.27 -8.09
N CYS B 593 -10.44 -7.17 -8.27
CA CYS B 593 -9.55 -8.26 -7.93
C CYS B 593 -9.50 -8.47 -6.42
N PRO B 594 -9.24 -9.69 -5.97
CA PRO B 594 -9.09 -9.93 -4.53
C PRO B 594 -7.83 -9.30 -3.99
N ASP B 595 -7.63 -9.44 -2.69
CA ASP B 595 -6.41 -8.97 -2.07
C ASP B 595 -5.22 -9.75 -2.59
N ASP B 596 -4.06 -9.09 -2.61
CA ASP B 596 -2.83 -9.65 -3.16
C ASP B 596 -3.01 -10.04 -4.64
N PHE B 597 -3.80 -9.27 -5.36
CA PHE B 597 -4.15 -9.59 -6.74
C PHE B 597 -4.45 -8.31 -7.49
N TRP B 598 -4.12 -8.29 -8.78
CA TRP B 598 -4.30 -7.10 -9.60
C TRP B 598 -4.71 -7.51 -11.01
N SER B 599 -5.42 -6.60 -11.68
CA SER B 599 -5.93 -6.89 -13.02
C SER B 599 -4.80 -6.97 -14.03
N ASN B 600 -5.03 -7.73 -15.10
CA ASN B 600 -4.04 -7.87 -16.17
C ASN B 600 -3.89 -6.55 -16.93
N GLU B 601 -3.01 -6.58 -17.94
CA GLU B 601 -2.97 -5.48 -18.89
C GLU B 601 -4.28 -5.35 -19.64
N ASN B 602 -4.85 -6.49 -20.06
CA ASN B 602 -6.12 -6.51 -20.77
C ASN B 602 -7.33 -6.41 -19.85
N HIS B 603 -7.13 -6.41 -18.54
CA HIS B 603 -8.19 -6.26 -17.55
C HIS B 603 -9.18 -7.42 -17.56
N THR B 604 -8.75 -8.61 -17.98
CA THR B 604 -9.65 -9.73 -18.16
C THR B 604 -9.72 -10.67 -16.96
N SER B 605 -8.72 -10.65 -16.08
CA SER B 605 -8.69 -11.55 -14.93
C SER B 605 -7.77 -10.95 -13.88
N CYS B 606 -7.38 -11.75 -12.90
CA CYS B 606 -6.50 -11.32 -11.83
C CYS B 606 -5.21 -12.13 -11.87
N ILE B 607 -4.08 -11.46 -11.67
CA ILE B 607 -2.78 -12.08 -11.50
C ILE B 607 -2.20 -11.57 -10.18
N ALA B 608 -1.50 -12.45 -9.46
CA ALA B 608 -0.98 -12.10 -8.15
C ALA B 608 -0.03 -10.93 -8.24
N LYS B 609 -0.15 -10.00 -7.30
CA LYS B 609 0.78 -8.88 -7.23
C LYS B 609 2.19 -9.40 -7.03
N GLU B 610 3.12 -8.88 -7.81
CA GLU B 610 4.50 -9.35 -7.72
C GLU B 610 5.10 -8.97 -6.37
N ILE B 611 5.70 -9.95 -5.71
CA ILE B 611 6.34 -9.77 -4.41
C ILE B 611 7.76 -9.30 -4.63
N GLU B 612 8.12 -8.15 -4.05
CA GLU B 612 9.39 -7.52 -4.38
C GLU B 612 10.22 -7.27 -3.13
N PHE B 613 11.50 -7.60 -3.24
CA PHE B 613 12.52 -7.43 -2.21
C PHE B 613 13.86 -7.71 -2.88
N LEU B 614 14.94 -7.50 -2.13
CA LEU B 614 16.27 -7.86 -2.62
C LEU B 614 16.48 -9.35 -2.38
N SER B 615 16.57 -10.12 -3.45
CA SER B 615 16.53 -11.57 -3.38
C SER B 615 17.91 -12.19 -3.52
N TRP B 616 18.07 -13.37 -2.91
CA TRP B 616 19.27 -14.17 -3.13
C TRP B 616 19.40 -14.62 -4.58
N THR B 617 18.29 -14.99 -5.21
CA THR B 617 18.27 -15.43 -6.59
C THR B 617 18.40 -14.27 -7.57
N GLU B 618 18.09 -13.06 -7.14
CA GLU B 618 18.19 -11.89 -8.00
C GLU B 618 19.63 -11.73 -8.50
N PRO B 619 19.83 -11.44 -9.79
CA PRO B 619 21.20 -11.37 -10.32
C PRO B 619 22.09 -10.34 -9.63
N PHE B 620 21.53 -9.23 -9.16
CA PHE B 620 22.29 -8.28 -8.37
C PHE B 620 22.51 -8.74 -6.93
N GLY B 621 21.60 -9.55 -6.39
CA GLY B 621 21.88 -10.21 -5.12
C GLY B 621 23.06 -11.14 -5.21
N ILE B 622 23.23 -11.79 -6.36
CA ILE B 622 24.43 -12.61 -6.58
C ILE B 622 25.68 -11.76 -6.51
N ALA B 623 25.65 -10.60 -7.18
CA ALA B 623 26.82 -9.71 -7.18
C ALA B 623 27.13 -9.21 -5.78
N LEU B 624 26.11 -8.81 -5.04
CA LEU B 624 26.31 -8.32 -3.68
C LEU B 624 26.84 -9.42 -2.77
N THR B 625 26.32 -10.64 -2.92
CA THR B 625 26.83 -11.75 -2.12
C THR B 625 28.27 -12.07 -2.48
N LEU B 626 28.61 -12.02 -3.76
CA LEU B 626 29.99 -12.24 -4.17
C LEU B 626 30.92 -11.20 -3.55
N PHE B 627 30.48 -9.94 -3.50
CA PHE B 627 31.32 -8.91 -2.91
C PHE B 627 31.45 -9.08 -1.39
N ALA B 628 30.36 -9.45 -0.72
CA ALA B 628 30.44 -9.70 0.72
C ALA B 628 31.35 -10.88 1.04
N VAL B 629 31.24 -11.96 0.26
CA VAL B 629 32.10 -13.12 0.46
C VAL B 629 33.54 -12.78 0.12
N LEU B 630 33.77 -11.93 -0.88
CA LEU B 630 35.12 -11.48 -1.18
C LEU B 630 35.70 -10.69 -0.01
N GLY B 631 34.88 -9.84 0.60
CA GLY B 631 35.34 -9.12 1.78
C GLY B 631 35.67 -10.04 2.93
N ILE B 632 34.84 -11.06 3.16
CA ILE B 632 35.12 -12.02 4.21
C ILE B 632 36.42 -12.77 3.92
N PHE B 633 36.62 -13.16 2.65
CA PHE B 633 37.83 -13.87 2.27
C PHE B 633 39.06 -12.99 2.45
N LEU B 634 38.97 -11.71 2.09
CA LEU B 634 40.10 -10.81 2.24
C LEU B 634 40.42 -10.55 3.72
N THR B 635 39.38 -10.44 4.55
CA THR B 635 39.61 -10.32 5.99
C THR B 635 40.29 -11.57 6.54
N ALA B 636 39.86 -12.75 6.09
CA ALA B 636 40.50 -13.99 6.50
C ALA B 636 41.96 -14.04 6.04
N PHE B 637 42.22 -13.58 4.81
CA PHE B 637 43.59 -13.55 4.30
C PHE B 637 44.47 -12.62 5.13
N VAL B 638 43.97 -11.43 5.46
CA VAL B 638 44.73 -10.50 6.27
C VAL B 638 44.99 -11.07 7.65
N LEU B 639 43.98 -11.71 8.25
CA LEU B 639 44.16 -12.32 9.56
C LEU B 639 45.21 -13.43 9.50
N GLY B 640 45.14 -14.28 8.48
CA GLY B 640 46.12 -15.35 8.35
C GLY B 640 47.54 -14.82 8.19
N VAL B 641 47.69 -13.75 7.42
CA VAL B 641 49.00 -13.13 7.28
C VAL B 641 49.48 -12.57 8.61
N PHE B 642 48.59 -11.93 9.37
CA PHE B 642 49.01 -11.38 10.65
C PHE B 642 49.29 -12.46 11.69
N ILE B 643 48.78 -13.68 11.48
CA ILE B 643 49.12 -14.81 12.34
C ILE B 643 50.45 -15.43 11.97
N LYS B 644 50.65 -15.73 10.69
CA LYS B 644 51.91 -16.35 10.27
C LYS B 644 53.08 -15.39 10.48
N PHE B 645 52.87 -14.10 10.21
CA PHE B 645 53.89 -13.07 10.39
C PHE B 645 53.68 -12.28 11.68
N ARG B 646 53.22 -12.93 12.74
CA ARG B 646 52.80 -12.21 13.93
C ARG B 646 53.98 -11.54 14.63
N ASN B 647 55.18 -12.10 14.48
CA ASN B 647 56.31 -11.60 15.24
C ASN B 647 57.14 -10.57 14.49
N THR B 648 56.84 -10.32 13.22
CA THR B 648 57.50 -9.27 12.46
C THR B 648 57.17 -7.92 13.11
N PRO B 649 58.16 -7.03 13.28
CA PRO B 649 57.89 -5.78 14.02
C PRO B 649 56.80 -4.92 13.41
N ILE B 650 56.58 -5.01 12.10
CA ILE B 650 55.54 -4.22 11.46
C ILE B 650 54.17 -4.63 11.98
N VAL B 651 53.94 -5.94 12.10
CA VAL B 651 52.66 -6.40 12.62
C VAL B 651 52.51 -6.06 14.10
N LYS B 652 53.56 -6.30 14.88
CA LYS B 652 53.47 -6.08 16.32
C LYS B 652 53.23 -4.61 16.65
N ALA B 653 53.63 -3.72 15.74
CA ALA B 653 53.50 -2.29 15.99
C ALA B 653 52.06 -1.84 15.85
N THR B 654 51.15 -2.77 15.59
CA THR B 654 49.76 -2.43 15.32
C THR B 654 48.84 -2.96 16.41
N ASN B 655 49.39 -3.20 17.60
CA ASN B 655 48.62 -3.75 18.71
C ASN B 655 47.84 -4.99 18.25
N ARG B 656 48.57 -6.06 17.94
CA ARG B 656 48.00 -7.16 17.16
C ARG B 656 46.82 -7.80 17.86
N GLU B 657 46.68 -7.63 19.18
CA GLU B 657 45.47 -8.07 19.85
C GLU B 657 44.26 -7.32 19.33
N LEU B 658 44.35 -5.98 19.31
CA LEU B 658 43.25 -5.20 18.78
C LEU B 658 43.14 -5.33 17.26
N SER B 659 44.23 -5.65 16.58
CA SER B 659 44.12 -5.95 15.15
C SER B 659 43.30 -7.22 14.94
N TYR B 660 43.52 -8.25 15.77
CA TYR B 660 42.73 -9.47 15.67
C TYR B 660 41.27 -9.19 15.97
N LEU B 661 41.01 -8.42 17.03
CA LEU B 661 39.63 -8.08 17.36
C LEU B 661 38.98 -7.27 16.25
N LEU B 662 39.73 -6.35 15.64
CA LEU B 662 39.24 -5.54 14.54
C LEU B 662 38.93 -6.40 13.33
N LEU B 663 39.75 -7.42 13.06
CA LEU B 663 39.49 -8.29 11.92
C LEU B 663 38.28 -9.18 12.19
N PHE B 664 38.11 -9.63 13.42
CA PHE B 664 36.89 -10.35 13.78
C PHE B 664 35.67 -9.46 13.59
N SER B 665 35.79 -8.19 13.98
CA SER B 665 34.67 -7.26 13.81
C SER B 665 34.43 -6.94 12.35
N LEU B 666 35.48 -6.94 11.53
CA LEU B 666 35.29 -6.78 10.08
C LEU B 666 34.57 -7.96 9.49
N LEU B 667 34.88 -9.17 9.97
CA LEU B 667 34.12 -10.35 9.54
C LEU B 667 32.65 -10.20 9.93
N CYS B 668 32.39 -9.71 11.14
CA CYS B 668 31.01 -9.45 11.54
C CYS B 668 30.34 -8.39 10.65
N CYS B 669 31.08 -7.34 10.30
CA CYS B 669 30.53 -6.29 9.45
C CYS B 669 30.20 -6.81 8.05
N PHE B 670 31.09 -7.60 7.47
CA PHE B 670 30.87 -8.21 6.17
C PHE B 670 29.81 -9.29 6.20
N SER B 671 29.52 -9.85 7.37
CA SER B 671 28.41 -10.79 7.54
C SER B 671 27.07 -10.09 7.72
N SER B 672 27.05 -8.92 8.37
CA SER B 672 25.81 -8.20 8.58
C SER B 672 25.19 -7.72 7.27
N SER B 673 25.97 -7.68 6.19
CA SER B 673 25.41 -7.31 4.89
C SER B 673 24.50 -8.40 4.36
N LEU B 674 24.74 -9.65 4.79
CA LEU B 674 23.88 -10.75 4.36
C LEU B 674 22.51 -10.69 5.03
N PHE B 675 22.38 -9.92 6.11
CA PHE B 675 21.10 -9.70 6.79
C PHE B 675 20.21 -8.75 6.05
N PHE B 676 20.61 -8.35 4.85
CA PHE B 676 19.80 -7.48 3.99
C PHE B 676 19.43 -8.11 2.66
N ILE B 677 20.03 -9.23 2.29
CA ILE B 677 19.68 -9.93 1.06
C ILE B 677 18.68 -11.03 1.42
N GLY B 678 17.53 -11.01 0.75
CA GLY B 678 16.49 -11.99 1.02
C GLY B 678 15.18 -11.29 1.35
N GLU B 679 14.15 -12.08 1.63
CA GLU B 679 12.89 -11.45 2.01
C GLU B 679 12.91 -11.10 3.50
N PRO B 680 12.68 -9.84 3.86
CA PRO B 680 12.68 -9.46 5.28
C PRO B 680 11.71 -10.28 6.10
N GLN B 681 12.27 -11.05 7.04
CA GLN B 681 11.49 -11.75 8.05
C GLN B 681 11.65 -10.99 9.36
N ASP B 682 10.90 -11.40 10.38
CA ASP B 682 10.90 -10.68 11.65
C ASP B 682 12.30 -10.60 12.23
N TRP B 683 12.97 -11.74 12.39
CA TRP B 683 14.29 -11.76 13.01
C TRP B 683 15.29 -11.00 12.15
N THR B 684 15.19 -11.12 10.83
CA THR B 684 16.08 -10.36 9.96
C THR B 684 15.92 -8.86 10.17
N CYS B 685 14.67 -8.40 10.27
CA CYS B 685 14.44 -6.97 10.45
C CYS B 685 14.93 -6.48 11.81
N ARG B 686 14.70 -7.27 12.87
CA ARG B 686 15.18 -6.88 14.19
C ARG B 686 16.68 -7.10 14.38
N LEU B 687 17.35 -7.75 13.44
CA LEU B 687 18.77 -8.07 13.57
C LEU B 687 19.68 -7.28 12.64
N ARG B 688 19.19 -6.83 11.48
CA ARG B 688 20.07 -6.29 10.47
C ARG B 688 20.79 -5.03 10.93
N GLN B 689 20.04 -4.05 11.43
CA GLN B 689 20.66 -2.80 11.87
C GLN B 689 21.58 -2.99 13.07
N PRO B 690 21.16 -3.66 14.16
CA PRO B 690 22.07 -3.85 15.30
C PRO B 690 23.36 -4.57 14.95
N ALA B 691 23.31 -5.55 14.05
CA ALA B 691 24.52 -6.30 13.71
C ALA B 691 25.59 -5.36 13.17
N PHE B 692 25.24 -4.57 12.16
CA PHE B 692 26.22 -3.63 11.60
C PHE B 692 26.63 -2.59 12.62
N GLY B 693 25.67 -2.05 13.37
CA GLY B 693 26.02 -1.02 14.32
C GLY B 693 27.04 -1.49 15.34
N ILE B 694 26.75 -2.64 15.93
CA ILE B 694 27.62 -3.22 16.96
C ILE B 694 28.98 -3.57 16.37
N SER B 695 28.99 -4.22 15.20
CA SER B 695 30.26 -4.65 14.61
C SER B 695 31.13 -3.46 14.21
N PHE B 696 30.51 -2.43 13.63
CA PHE B 696 31.28 -1.27 13.20
C PHE B 696 31.78 -0.45 14.38
N VAL B 697 30.99 -0.35 15.45
CA VAL B 697 31.50 0.33 16.63
C VAL B 697 32.58 -0.50 17.30
N LEU B 698 32.50 -1.83 17.18
CA LEU B 698 33.60 -2.67 17.64
C LEU B 698 34.88 -2.35 16.88
N CYS B 699 34.79 -2.24 15.55
CA CYS B 699 35.95 -1.85 14.75
C CYS B 699 36.47 -0.47 15.17
N ILE B 700 35.56 0.49 15.29
CA ILE B 700 35.95 1.88 15.54
C ILE B 700 36.57 2.02 16.93
N SER B 701 36.03 1.30 17.91
CA SER B 701 36.59 1.33 19.25
C SER B 701 37.93 0.61 19.29
N CYS B 702 38.10 -0.45 18.49
CA CYS B 702 39.42 -1.06 18.38
C CYS B 702 40.44 -0.05 17.87
N ILE B 703 40.08 0.69 16.81
CA ILE B 703 40.96 1.72 16.28
C ILE B 703 41.26 2.76 17.35
N LEU B 704 40.23 3.23 18.05
CA LEU B 704 40.40 4.26 19.05
C LEU B 704 41.33 3.81 20.17
N VAL B 705 41.12 2.60 20.69
CA VAL B 705 41.93 2.12 21.80
C VAL B 705 43.37 1.89 21.37
N LYS B 706 43.56 1.31 20.18
CA LYS B 706 44.91 1.08 19.69
C LYS B 706 45.67 2.39 19.51
N THR B 707 45.05 3.36 18.83
CA THR B 707 45.70 4.65 18.61
C THR B 707 45.93 5.41 19.90
N ASN B 708 44.98 5.35 20.84
CA ASN B 708 45.15 6.05 22.11
C ASN B 708 46.26 5.41 22.94
N ARG B 709 46.36 4.08 22.92
CA ARG B 709 47.44 3.41 23.63
C ARG B 709 48.78 3.83 23.08
N VAL B 710 48.92 3.84 21.75
CA VAL B 710 50.20 4.24 21.17
C VAL B 710 50.50 5.70 21.47
N LEU B 711 49.47 6.55 21.47
CA LEU B 711 49.65 7.95 21.84
C LEU B 711 50.13 8.09 23.26
N LEU B 712 49.55 7.32 24.18
CA LEU B 712 49.97 7.37 25.57
C LEU B 712 51.40 6.91 25.72
N VAL B 713 51.79 5.88 24.97
CA VAL B 713 53.19 5.44 24.99
C VAL B 713 54.11 6.57 24.54
N PHE B 714 53.79 7.18 23.40
CA PHE B 714 54.71 8.18 22.85
C PHE B 714 54.56 9.54 23.50
N GLU B 715 53.64 9.71 24.44
CA GLU B 715 53.54 10.93 25.22
C GLU B 715 53.97 10.74 26.66
N ALA B 716 54.13 9.49 27.12
CA ALA B 716 54.55 9.21 28.48
C ALA B 716 56.05 9.44 28.64
N LYS B 717 56.43 10.72 28.64
CA LYS B 717 57.82 11.09 28.92
C LYS B 717 58.20 10.85 30.37
N ILE B 718 57.21 10.60 31.23
CA ILE B 718 57.46 10.27 32.64
C ILE B 718 58.27 8.98 32.70
N PRO B 719 59.32 8.92 33.53
CA PRO B 719 60.19 7.73 33.51
C PRO B 719 59.48 6.43 33.84
N THR B 720 58.48 6.46 34.72
CA THR B 720 57.73 5.27 35.11
C THR B 720 56.26 5.62 35.19
N SER B 721 55.48 5.11 34.26
CA SER B 721 54.05 5.36 34.22
C SER B 721 53.34 4.68 35.40
N TRP B 726 49.51 -8.44 30.37
CA TRP B 726 48.19 -9.06 30.25
C TRP B 726 47.10 -8.17 30.83
N TRP B 727 47.39 -7.49 31.94
CA TRP B 727 46.43 -6.54 32.50
C TRP B 727 46.15 -5.42 31.50
N GLY B 728 47.18 -4.96 30.78
CA GLY B 728 46.98 -3.95 29.76
C GLY B 728 46.08 -4.44 28.64
N LEU B 729 46.27 -5.69 28.20
CA LEU B 729 45.40 -6.24 27.17
C LEU B 729 43.95 -6.35 27.65
N ASN B 730 43.77 -6.78 28.90
CA ASN B 730 42.44 -6.80 29.48
C ASN B 730 41.84 -5.41 29.52
N LEU B 731 42.65 -4.39 29.81
CA LEU B 731 42.14 -3.02 29.82
C LEU B 731 41.74 -2.56 28.43
N GLN B 732 42.52 -2.92 27.41
CA GLN B 732 42.14 -2.61 26.04
C GLN B 732 40.77 -3.20 25.71
N PHE B 733 40.63 -4.50 25.97
CA PHE B 733 39.36 -5.17 25.68
C PHE B 733 38.23 -4.58 26.51
N LEU B 734 38.54 -4.12 27.72
CA LEU B 734 37.51 -3.51 28.55
C LEU B 734 37.04 -2.18 27.98
N LEU B 735 37.96 -1.38 27.42
CA LEU B 735 37.57 -0.12 26.80
C LEU B 735 36.70 -0.35 25.57
N VAL B 736 37.14 -1.29 24.70
CA VAL B 736 36.34 -1.63 23.53
C VAL B 736 34.96 -2.11 23.96
N PHE B 737 34.92 -2.93 25.00
CA PHE B 737 33.65 -3.42 25.53
C PHE B 737 32.80 -2.29 26.06
N LEU B 738 33.42 -1.27 26.67
CA LEU B 738 32.67 -0.14 27.20
C LEU B 738 31.89 0.57 26.09
N CYS B 739 32.59 0.92 25.02
CA CYS B 739 31.92 1.62 23.92
C CYS B 739 30.86 0.73 23.27
N THR B 740 31.25 -0.50 22.90
CA THR B 740 30.33 -1.41 22.25
C THR B 740 29.14 -1.71 23.15
N PHE B 741 29.34 -1.71 24.47
CA PHE B 741 28.29 -2.05 25.42
C PHE B 741 27.31 -0.90 25.61
N MET B 742 27.78 0.34 25.52
CA MET B 742 26.83 1.45 25.45
C MET B 742 25.92 1.28 24.23
N GLN B 743 26.51 0.90 23.10
CA GLN B 743 25.64 0.69 21.93
C GLN B 743 24.75 -0.54 22.12
N ILE B 744 25.24 -1.56 22.83
CA ILE B 744 24.42 -2.72 23.15
C ILE B 744 23.21 -2.30 24.00
N VAL B 745 23.41 -1.41 24.95
CA VAL B 745 22.30 -0.92 25.77
C VAL B 745 21.26 -0.25 24.90
N ILE B 746 21.71 0.63 23.99
CA ILE B 746 20.77 1.28 23.08
C ILE B 746 20.01 0.24 22.24
N CYS B 747 20.75 -0.71 21.67
CA CYS B 747 20.17 -1.76 20.85
C CYS B 747 19.13 -2.57 21.61
N VAL B 748 19.45 -2.97 22.82
CA VAL B 748 18.57 -3.85 23.59
C VAL B 748 17.32 -3.11 24.01
N ILE B 749 17.46 -1.85 24.42
CA ILE B 749 16.28 -1.04 24.74
C ILE B 749 15.37 -0.97 23.52
N TRP B 750 15.97 -0.74 22.35
CA TRP B 750 15.20 -0.70 21.11
C TRP B 750 14.49 -2.03 20.86
N LEU B 751 15.20 -3.14 21.08
CA LEU B 751 14.70 -4.44 20.66
C LEU B 751 13.63 -5.02 21.59
N TYR B 752 13.63 -4.68 22.88
CA TYR B 752 12.53 -5.21 23.67
C TYR B 752 11.50 -4.14 24.04
N THR B 753 11.77 -2.86 23.77
CA THR B 753 10.74 -1.86 23.98
C THR B 753 9.85 -1.70 22.76
N ALA B 754 10.44 -1.39 21.61
CA ALA B 754 9.71 -1.29 20.34
C ALA B 754 10.42 -2.09 19.27
N PRO B 755 10.30 -3.42 19.30
CA PRO B 755 11.03 -4.26 18.34
C PRO B 755 10.69 -3.89 16.90
N PRO B 756 11.66 -3.99 16.00
CA PRO B 756 11.33 -3.83 14.57
C PRO B 756 10.52 -5.00 14.06
N SER B 757 9.98 -4.83 12.85
CA SER B 757 9.09 -5.82 12.28
C SER B 757 9.21 -5.83 10.76
N SER B 758 8.79 -6.93 10.15
CA SER B 758 8.73 -7.05 8.70
C SER B 758 7.29 -6.80 8.25
N TYR B 759 7.11 -5.85 7.35
CA TYR B 759 5.80 -5.38 6.93
C TYR B 759 5.67 -5.54 5.41
N ARG B 760 4.55 -6.12 4.98
CA ARG B 760 4.24 -6.26 3.56
C ARG B 760 3.43 -5.05 3.13
N ASN B 761 4.11 -4.07 2.53
CA ASN B 761 3.46 -2.83 2.12
C ASN B 761 2.74 -3.03 0.78
N GLN B 762 1.50 -2.56 0.74
CA GLN B 762 0.64 -2.58 -0.43
C GLN B 762 0.07 -1.20 -0.69
N GLU B 763 0.84 -0.16 -0.36
CA GLU B 763 0.36 1.22 -0.49
C GLU B 763 1.28 2.05 -1.35
N LEU B 764 2.58 1.71 -1.37
CA LEU B 764 3.53 2.46 -2.17
C LEU B 764 3.23 2.32 -3.65
N GLU B 765 2.92 1.11 -4.10
CA GLU B 765 2.52 0.87 -5.48
C GLU B 765 1.27 0.03 -5.42
N ASP B 766 0.64 -0.30 -6.55
CA ASP B 766 -0.59 -1.07 -6.47
C ASP B 766 -0.52 -2.40 -7.20
N GLU B 767 0.36 -2.51 -8.21
CA GLU B 767 0.51 -3.81 -8.85
C GLU B 767 1.61 -4.65 -8.22
N ILE B 768 2.34 -4.11 -7.26
CA ILE B 768 3.49 -4.78 -6.66
C ILE B 768 3.42 -4.65 -5.16
N ILE B 769 3.62 -5.77 -4.46
CA ILE B 769 3.74 -5.79 -3.00
C ILE B 769 5.21 -5.67 -2.65
N PHE B 770 5.52 -4.87 -1.64
CA PHE B 770 6.91 -4.64 -1.23
C PHE B 770 7.13 -5.21 0.15
N ILE B 771 8.11 -6.10 0.31
CA ILE B 771 8.45 -6.60 1.64
C ILE B 771 9.52 -5.66 2.21
N THR B 772 9.14 -4.88 3.23
CA THR B 772 10.02 -3.87 3.79
C THR B 772 10.14 -4.05 5.29
N CYS B 773 11.34 -3.82 5.82
CA CYS B 773 11.53 -3.84 7.26
C CYS B 773 10.92 -2.58 7.86
N HIS B 774 9.91 -2.77 8.72
CA HIS B 774 9.25 -1.64 9.35
C HIS B 774 10.21 -0.87 10.26
N GLU B 775 11.28 -1.54 10.71
CA GLU B 775 12.36 -0.96 11.50
C GLU B 775 11.91 -0.51 12.89
N GLY B 776 10.65 -0.69 13.24
CA GLY B 776 10.18 -0.24 14.54
C GLY B 776 10.24 1.27 14.64
N SER B 777 10.49 1.75 15.86
CA SER B 777 10.67 3.18 16.07
C SER B 777 11.95 3.67 15.40
N LEU B 778 11.96 4.95 15.05
CA LEU B 778 13.11 5.56 14.40
C LEU B 778 13.98 6.38 15.33
N MET B 779 13.53 6.66 16.55
CA MET B 779 14.38 7.38 17.49
C MET B 779 15.56 6.53 17.94
N ALA B 780 15.30 5.25 18.22
CA ALA B 780 16.37 4.34 18.57
C ALA B 780 17.33 4.14 17.40
N LEU B 781 16.79 4.05 16.17
CA LEU B 781 17.66 4.01 15.00
C LEU B 781 18.49 5.27 14.87
N GLY B 782 17.91 6.43 15.19
CA GLY B 782 18.68 7.66 15.16
C GLY B 782 19.82 7.65 16.14
N PHE B 783 19.57 7.17 17.36
CA PHE B 783 20.66 7.02 18.32
C PHE B 783 21.72 6.04 17.82
N LEU B 784 21.27 4.94 17.21
CA LEU B 784 22.21 3.94 16.72
C LEU B 784 23.13 4.53 15.66
N ILE B 785 22.58 5.32 14.74
CA ILE B 785 23.39 5.95 13.71
C ILE B 785 24.29 7.01 14.31
N GLY B 786 23.74 7.82 15.21
CA GLY B 786 24.50 8.94 15.77
C GLY B 786 25.69 8.49 16.59
N TYR B 787 25.57 7.36 17.29
CA TYR B 787 26.69 6.89 18.10
C TYR B 787 27.87 6.49 17.22
N THR B 788 27.62 5.81 16.11
CA THR B 788 28.68 5.50 15.16
C THR B 788 29.24 6.75 14.51
N CYS B 789 28.38 7.69 14.12
CA CYS B 789 28.83 8.92 13.50
C CYS B 789 29.55 9.86 14.48
N LEU B 790 29.42 9.61 15.78
CA LEU B 790 30.18 10.32 16.79
C LEU B 790 31.53 9.66 17.08
N LEU B 791 31.56 8.33 17.14
CA LEU B 791 32.84 7.66 17.31
C LEU B 791 33.74 7.84 16.09
N ALA B 792 33.15 7.98 14.89
CA ALA B 792 33.96 8.29 13.72
C ALA B 792 34.62 9.66 13.84
N ALA B 793 33.88 10.64 14.37
CA ALA B 793 34.47 11.96 14.61
C ALA B 793 35.58 11.88 15.67
N ILE B 794 35.35 11.07 16.70
CA ILE B 794 36.40 10.84 17.69
C ILE B 794 37.63 10.23 17.04
N CYS B 795 37.42 9.35 16.05
CA CYS B 795 38.56 8.77 15.33
C CYS B 795 39.27 9.83 14.49
N PHE B 796 38.53 10.75 13.87
CA PHE B 796 39.19 11.89 13.22
C PHE B 796 40.08 12.63 14.19
N PHE B 797 39.55 12.92 15.38
CA PHE B 797 40.32 13.70 16.35
C PHE B 797 41.56 12.94 16.80
N PHE B 798 41.42 11.64 17.04
CA PHE B 798 42.55 10.83 17.48
C PHE B 798 43.61 10.72 16.37
N ALA B 799 43.17 10.57 15.13
CA ALA B 799 44.10 10.53 14.00
C ALA B 799 44.85 11.85 13.87
N PHE B 800 44.16 12.98 14.07
CA PHE B 800 44.85 14.26 14.08
C PHE B 800 45.85 14.36 15.22
N LYS B 801 45.48 13.85 16.39
CA LYS B 801 46.39 13.88 17.53
C LYS B 801 47.54 12.90 17.38
N SER B 802 47.46 11.96 16.44
CA SER B 802 48.45 10.91 16.28
C SER B 802 49.36 11.11 15.08
N ARG B 803 49.39 12.31 14.49
CA ARG B 803 50.21 12.51 13.30
C ARG B 803 51.69 12.63 13.61
N LYS B 804 52.03 13.14 14.80
CA LYS B 804 53.42 13.40 15.16
C LYS B 804 54.13 12.16 15.69
N LEU B 805 53.47 11.01 15.65
CA LEU B 805 54.07 9.76 16.08
C LEU B 805 55.00 9.22 15.00
N PRO B 806 55.96 8.38 15.36
CA PRO B 806 56.88 7.83 14.36
C PRO B 806 56.16 7.05 13.27
N GLU B 807 56.83 6.93 12.12
CA GLU B 807 56.21 6.33 10.95
C GLU B 807 55.78 4.88 11.22
N ASN B 808 56.54 4.17 12.06
CA ASN B 808 56.18 2.80 12.40
C ASN B 808 54.88 2.72 13.17
N PHE B 809 54.49 3.80 13.85
CA PHE B 809 53.29 3.80 14.68
C PHE B 809 52.28 4.83 14.21
N ASN B 810 52.38 5.30 12.97
CA ASN B 810 51.53 6.37 12.46
C ASN B 810 50.61 5.81 11.38
N GLU B 811 49.34 5.68 11.71
CA GLU B 811 48.30 5.32 10.75
C GLU B 811 47.26 6.43 10.66
N ALA B 812 47.68 7.69 10.79
CA ALA B 812 46.75 8.79 10.88
C ALA B 812 45.97 8.96 9.58
N LYS B 813 46.67 8.97 8.44
CA LYS B 813 45.97 9.15 7.17
C LYS B 813 45.05 7.98 6.88
N PHE B 814 45.41 6.78 7.36
CA PHE B 814 44.58 5.62 7.07
C PHE B 814 43.30 5.64 7.90
N ILE B 815 43.38 6.01 9.17
CA ILE B 815 42.17 6.21 9.96
C ILE B 815 41.32 7.31 9.34
N THR B 816 41.97 8.41 8.96
CA THR B 816 41.24 9.54 8.39
C THR B 816 40.50 9.14 7.13
N PHE B 817 41.15 8.35 6.26
CA PHE B 817 40.50 7.99 5.01
C PHE B 817 39.47 6.90 5.20
N SER B 818 39.66 6.02 6.20
CA SER B 818 38.59 5.08 6.53
C SER B 818 37.33 5.81 6.93
N MET B 819 37.46 6.80 7.82
CA MET B 819 36.26 7.53 8.26
C MET B 819 35.75 8.47 7.17
N LEU B 820 36.63 8.96 6.30
CA LEU B 820 36.16 9.74 5.15
C LEU B 820 35.34 8.88 4.21
N ILE B 821 35.81 7.67 3.91
CA ILE B 821 35.05 6.75 3.07
C ILE B 821 33.71 6.46 3.71
N PHE B 822 33.72 6.17 5.01
CA PHE B 822 32.49 5.94 5.77
C PHE B 822 31.50 7.08 5.58
N PHE B 823 31.92 8.30 5.94
CA PHE B 823 31.02 9.44 5.89
C PHE B 823 30.55 9.73 4.47
N ILE B 824 31.48 9.71 3.51
CA ILE B 824 31.15 10.06 2.13
C ILE B 824 30.14 9.06 1.57
N VAL B 825 30.40 7.76 1.79
CA VAL B 825 29.49 6.74 1.28
C VAL B 825 28.12 6.89 1.92
N TRP B 826 28.08 7.05 3.24
CA TRP B 826 26.78 7.07 3.90
C TRP B 826 26.02 8.36 3.63
N ILE B 827 26.71 9.46 3.32
CA ILE B 827 26.03 10.71 3.02
C ILE B 827 25.55 10.74 1.58
N SER B 828 26.32 10.15 0.66
CA SER B 828 25.87 10.05 -0.72
C SER B 828 24.58 9.24 -0.84
N PHE B 829 24.33 8.33 0.09
CA PHE B 829 23.11 7.52 0.06
C PHE B 829 21.95 8.14 0.83
N ILE B 830 22.16 9.30 1.47
CA ILE B 830 21.05 9.99 2.13
C ILE B 830 19.94 10.35 1.15
N PRO B 831 20.21 10.99 0.01
CA PRO B 831 19.11 11.30 -0.92
C PRO B 831 18.49 10.07 -1.57
N ALA B 832 19.16 8.92 -1.53
CA ALA B 832 18.56 7.67 -1.98
C ALA B 832 17.67 7.05 -0.93
N TYR B 833 18.19 6.84 0.29
CA TYR B 833 17.40 6.32 1.38
C TYR B 833 16.20 7.19 1.70
N ALA B 834 16.32 8.50 1.45
CA ALA B 834 15.21 9.41 1.72
C ALA B 834 14.01 9.11 0.81
N SER B 835 14.27 8.87 -0.48
CA SER B 835 13.20 8.62 -1.44
C SER B 835 13.53 7.38 -2.27
N THR B 836 13.15 6.21 -1.75
CA THR B 836 13.23 4.97 -2.49
C THR B 836 12.45 3.90 -1.74
N TYR B 837 12.12 2.82 -2.44
CA TYR B 837 11.36 1.72 -1.86
C TYR B 837 11.74 0.42 -2.55
N GLY B 838 11.52 -0.68 -1.86
CA GLY B 838 11.69 -2.00 -2.43
C GLY B 838 13.09 -2.56 -2.27
N LYS B 839 13.49 -3.35 -3.27
CA LYS B 839 14.80 -4.00 -3.24
C LYS B 839 15.93 -2.99 -3.22
N PHE B 840 15.69 -1.80 -3.76
CA PHE B 840 16.75 -0.81 -3.88
C PHE B 840 17.20 -0.33 -2.50
N VAL B 841 16.30 -0.32 -1.51
CA VAL B 841 16.69 0.08 -0.16
C VAL B 841 17.71 -0.90 0.40
N SER B 842 17.44 -2.19 0.27
CA SER B 842 18.37 -3.20 0.76
C SER B 842 19.67 -3.18 -0.02
N ALA B 843 19.60 -2.94 -1.33
CA ALA B 843 20.82 -2.83 -2.12
C ALA B 843 21.66 -1.65 -1.68
N VAL B 844 21.02 -0.52 -1.40
CA VAL B 844 21.72 0.66 -0.88
C VAL B 844 22.40 0.34 0.44
N GLU B 845 21.68 -0.33 1.33
CA GLU B 845 22.25 -0.65 2.64
C GLU B 845 23.45 -1.58 2.50
N VAL B 846 23.32 -2.61 1.66
CA VAL B 846 24.42 -3.54 1.47
C VAL B 846 25.63 -2.83 0.87
N ILE B 847 25.41 -1.97 -0.12
CA ILE B 847 26.53 -1.29 -0.76
C ILE B 847 27.22 -0.36 0.24
N ALA B 848 26.45 0.36 1.05
CA ALA B 848 27.06 1.24 2.05
C ALA B 848 27.87 0.45 3.06
N ILE B 849 27.32 -0.68 3.53
CA ILE B 849 28.02 -1.50 4.51
C ILE B 849 29.30 -2.07 3.92
N LEU B 850 29.23 -2.59 2.71
CA LEU B 850 30.38 -3.16 2.02
C LEU B 850 31.44 -2.13 1.71
N ALA B 851 31.05 -0.90 1.38
CA ALA B 851 32.01 0.18 1.14
C ALA B 851 32.68 0.66 2.41
N ALA B 852 31.94 0.82 3.50
CA ALA B 852 32.56 1.20 4.76
C ALA B 852 33.52 0.12 5.25
N SER B 853 33.08 -1.14 5.17
CA SER B 853 33.90 -2.26 5.62
C SER B 853 35.16 -2.39 4.76
N PHE B 854 35.01 -2.27 3.44
CA PHE B 854 36.18 -2.34 2.57
C PHE B 854 37.10 -1.15 2.77
N GLY B 855 36.57 0.03 3.07
CA GLY B 855 37.43 1.17 3.36
C GLY B 855 38.26 0.94 4.61
N LEU B 856 37.62 0.47 5.69
CA LEU B 856 38.38 0.17 6.89
C LEU B 856 39.43 -0.90 6.63
N LEU B 857 39.04 -2.02 6.02
CA LEU B 857 39.99 -3.08 5.73
C LEU B 857 41.17 -2.56 4.92
N ALA B 858 40.88 -1.89 3.80
CA ALA B 858 41.95 -1.41 2.93
C ALA B 858 42.86 -0.46 3.66
N CYS B 859 42.33 0.66 4.16
CA CYS B 859 43.18 1.70 4.73
C CYS B 859 43.97 1.17 5.92
N ILE B 860 43.34 0.41 6.80
CA ILE B 860 44.04 -0.06 7.99
C ILE B 860 45.05 -1.17 7.72
N PHE B 861 44.82 -2.02 6.70
CA PHE B 861 45.66 -3.22 6.63
C PHE B 861 46.41 -3.42 5.32
N PHE B 862 45.92 -2.94 4.16
CA PHE B 862 46.56 -3.32 2.90
C PHE B 862 47.96 -2.72 2.77
N ASN B 863 48.21 -1.57 3.39
CA ASN B 863 49.56 -1.02 3.36
C ASN B 863 50.54 -1.94 4.08
N LYS B 864 50.17 -2.40 5.27
CA LYS B 864 51.00 -3.35 5.98
C LYS B 864 51.16 -4.64 5.17
N ILE B 865 50.07 -5.11 4.57
CA ILE B 865 50.14 -6.36 3.80
C ILE B 865 51.11 -6.22 2.64
N TYR B 866 51.11 -5.04 2.00
CA TYR B 866 52.07 -4.77 0.95
C TYR B 866 53.50 -4.77 1.49
N ILE B 867 53.68 -4.19 2.68
CA ILE B 867 55.03 -4.11 3.26
C ILE B 867 55.57 -5.51 3.55
N ILE B 868 54.77 -6.35 4.22
CA ILE B 868 55.29 -7.62 4.73
C ILE B 868 55.58 -8.60 3.60
N LEU B 869 54.67 -8.75 2.64
CA LEU B 869 54.70 -9.87 1.71
C LEU B 869 55.34 -9.50 0.38
N PHE B 870 54.82 -8.48 -0.31
CA PHE B 870 55.26 -8.23 -1.68
C PHE B 870 56.67 -7.66 -1.73
N LYS B 871 57.06 -6.86 -0.73
CA LYS B 871 58.40 -6.29 -0.64
C LYS B 871 58.96 -6.57 0.75
N PRO B 872 59.37 -7.82 1.03
CA PRO B 872 59.92 -8.17 2.34
C PRO B 872 61.40 -7.81 2.47
N GLY C 2 40.64 15.36 64.08
CA GLY C 2 40.13 14.03 64.38
C GLY C 2 39.66 13.89 65.82
N CYS C 3 39.17 12.69 66.16
CA CYS C 3 38.69 12.44 67.51
C CYS C 3 39.81 12.55 68.54
N THR C 4 41.03 12.10 68.20
CA THR C 4 42.21 12.32 69.02
C THR C 4 42.02 11.73 70.42
N LEU C 5 41.87 10.41 70.47
CA LEU C 5 41.47 9.71 71.68
C LEU C 5 42.41 8.58 72.08
N SER C 6 43.62 8.54 71.53
CA SER C 6 44.53 7.44 71.79
C SER C 6 45.75 7.84 72.63
N ALA C 7 45.79 9.06 73.17
CA ALA C 7 46.86 9.51 74.04
C ALA C 7 48.23 9.42 73.37
N GLU C 8 49.21 8.82 74.06
CA GLU C 8 50.51 8.61 73.44
C GLU C 8 50.38 7.89 72.10
N ASP C 9 49.45 6.94 72.02
CA ASP C 9 49.17 6.31 70.73
C ASP C 9 48.56 7.29 69.74
N LYS C 10 47.80 8.29 70.19
CA LYS C 10 47.28 9.28 69.25
C LYS C 10 48.43 10.13 68.69
N ALA C 11 49.41 10.44 69.54
CA ALA C 11 50.60 11.13 69.06
C ALA C 11 51.36 10.26 68.06
N ALA C 12 51.44 8.96 68.34
CA ALA C 12 52.10 8.04 67.40
C ALA C 12 51.35 7.99 66.07
N VAL C 13 50.02 7.98 66.11
CA VAL C 13 49.23 7.96 64.89
C VAL C 13 49.46 9.23 64.09
N GLU C 14 49.47 10.38 64.78
CA GLU C 14 49.74 11.64 64.10
C GLU C 14 51.13 11.64 63.45
N ARG C 15 52.13 11.13 64.18
CA ARG C 15 53.48 11.07 63.64
C ARG C 15 53.55 10.17 62.41
N SER C 16 52.89 9.01 62.48
CA SER C 16 52.90 8.08 61.35
C SER C 16 52.21 8.69 60.14
N LYS C 17 51.08 9.37 60.37
CA LYS C 17 50.38 10.02 59.26
C LYS C 17 51.22 11.12 58.64
N MET C 18 51.90 11.91 59.48
CA MET C 18 52.78 12.95 58.98
C MET C 18 53.90 12.35 58.14
N ILE C 19 54.48 11.25 58.62
CA ILE C 19 55.58 10.61 57.92
C ILE C 19 55.11 10.02 56.60
N GLU C 20 53.91 9.45 56.59
CA GLU C 20 53.35 8.93 55.35
C GLU C 20 53.09 10.05 54.36
N LYS C 21 52.65 11.21 54.86
CA LYS C 21 52.46 12.37 53.98
C LYS C 21 53.77 12.77 53.31
N GLN C 22 54.86 12.87 54.09
CA GLN C 22 56.15 13.18 53.49
C GLN C 22 56.66 12.06 52.60
N LEU C 23 56.32 10.80 52.91
CA LEU C 23 56.72 9.70 52.04
C LEU C 23 56.06 9.84 50.66
N GLN C 24 54.77 10.17 50.65
CA GLN C 24 54.09 10.41 49.37
C GLN C 24 54.67 11.64 48.67
N LYS C 25 54.98 12.69 49.44
CA LYS C 25 55.53 13.91 48.84
C LYS C 25 56.87 13.63 48.17
N ASP C 26 57.72 12.83 48.80
CA ASP C 26 58.98 12.45 48.18
C ASP C 26 58.79 11.44 47.05
N LYS C 27 57.73 10.63 47.12
CA LYS C 27 57.41 9.74 46.02
C LYS C 27 57.07 10.52 44.77
N GLN C 28 56.45 11.70 44.94
CA GLN C 28 56.21 12.57 43.80
C GLN C 28 57.49 12.86 43.04
N VAL C 29 58.56 13.21 43.75
CA VAL C 29 59.83 13.52 43.10
C VAL C 29 60.48 12.24 42.57
N TYR C 30 60.48 11.18 43.38
CA TYR C 30 61.22 9.97 43.04
C TYR C 30 60.70 9.30 41.78
N ARG C 31 59.37 9.22 41.62
CA ARG C 31 58.81 8.54 40.46
C ARG C 31 59.03 9.30 39.16
N ALA C 32 59.50 10.54 39.21
CA ALA C 32 59.72 11.34 38.03
C ALA C 32 61.18 11.63 37.72
N THR C 33 62.10 11.17 38.55
CA THR C 33 63.51 11.50 38.38
C THR C 33 64.22 10.42 37.56
N HIS C 34 64.93 10.84 36.52
CA HIS C 34 65.79 9.92 35.77
C HIS C 34 67.15 9.87 36.46
N ARG C 35 67.47 8.70 37.00
CA ARG C 35 68.75 8.50 37.67
C ARG C 35 69.74 7.91 36.68
N LEU C 36 70.93 8.50 36.64
CA LEU C 36 71.92 8.18 35.63
C LEU C 36 73.28 8.05 36.30
N LEU C 37 74.12 7.18 35.76
CA LEU C 37 75.45 6.97 36.31
C LEU C 37 76.50 7.19 35.23
N LEU C 38 77.65 7.73 35.64
CA LEU C 38 78.72 8.14 34.73
C LEU C 38 79.92 7.21 34.91
N LEU C 39 79.94 6.14 34.12
CA LEU C 39 81.10 5.25 34.13
C LEU C 39 82.23 5.79 33.27
N GLY C 40 82.62 7.04 33.47
CA GLY C 40 83.70 7.59 32.70
C GLY C 40 85.05 7.06 33.18
N ALA C 41 85.90 6.73 32.22
CA ALA C 41 87.25 6.29 32.56
C ALA C 41 88.06 7.48 33.10
N ASP C 42 89.20 7.16 33.70
CA ASP C 42 90.03 8.22 34.29
C ASP C 42 90.49 9.20 33.22
N ASN C 43 90.89 8.70 32.05
CA ASN C 43 91.33 9.54 30.94
C ASN C 43 90.18 9.91 30.00
N SER C 44 88.99 9.37 30.23
CA SER C 44 87.90 9.52 29.26
C SER C 44 87.51 10.98 29.06
N GLY C 45 87.45 11.75 30.14
CA GLY C 45 87.04 13.13 30.05
C GLY C 45 85.66 13.44 30.58
N LYS C 46 85.19 12.70 31.58
CA LYS C 46 83.91 13.02 32.21
C LYS C 46 83.97 14.35 32.94
N SER C 47 85.18 14.87 33.15
CA SER C 47 85.34 16.18 33.77
C SER C 47 84.61 17.26 32.98
N THR C 48 84.66 17.17 31.64
CA THR C 48 83.98 18.16 30.82
C THR C 48 82.46 18.13 31.05
N ILE C 49 81.89 16.92 31.10
CA ILE C 49 80.45 16.79 31.27
C ILE C 49 80.04 17.28 32.65
N VAL C 50 80.78 16.89 33.69
CA VAL C 50 80.41 17.34 35.03
C VAL C 50 80.62 18.84 35.17
N LYS C 51 81.60 19.42 34.48
CA LYS C 51 81.75 20.88 34.47
C LYS C 51 80.55 21.55 33.82
N GLN C 52 80.11 21.03 32.68
CA GLN C 52 78.92 21.58 32.02
C GLN C 52 77.71 21.49 32.93
N MET C 53 77.57 20.37 33.64
CA MET C 53 76.44 20.21 34.54
C MET C 53 76.56 21.16 35.72
N ARG C 54 77.79 21.42 36.17
CA ARG C 54 78.04 22.38 37.23
C ARG C 54 77.66 23.79 36.79
N ILE C 55 77.78 24.07 35.49
CA ILE C 55 77.37 25.38 34.98
C ILE C 55 75.89 25.63 35.30
N LEU C 56 75.04 24.66 35.00
CA LEU C 56 73.61 24.77 35.31
C LEU C 56 73.00 23.39 35.51
N PHE C 74 71.63 17.69 37.10
CA PHE C 74 71.04 18.75 36.31
C PHE C 74 69.52 18.60 36.24
N GLN C 75 68.89 19.38 35.37
CA GLN C 75 67.45 19.36 35.21
C GLN C 75 67.09 20.00 33.88
N VAL C 76 66.10 19.41 33.21
CA VAL C 76 65.60 19.91 31.93
C VAL C 76 64.10 20.06 32.04
N ASP C 77 63.60 21.23 31.62
CA ASP C 77 62.18 21.56 31.74
C ASP C 77 61.70 21.32 33.17
N LYS C 78 60.72 20.44 33.34
CA LYS C 78 60.22 20.09 34.66
C LYS C 78 60.58 18.68 35.09
N VAL C 79 61.10 17.86 34.18
CA VAL C 79 61.53 16.49 34.52
C VAL C 79 62.92 16.58 35.14
N ASN C 80 63.09 15.86 36.26
CA ASN C 80 64.35 15.94 37.00
C ASN C 80 65.32 14.88 36.50
N PHE C 81 66.61 15.14 36.74
CA PHE C 81 67.67 14.20 36.45
C PHE C 81 68.63 14.20 37.62
N HIS C 82 69.27 13.06 37.86
CA HIS C 82 70.15 12.93 39.02
C HIS C 82 71.27 11.98 38.66
N MET C 83 72.51 12.50 38.61
CA MET C 83 73.68 11.73 38.22
C MET C 83 74.48 11.35 39.45
N PHE C 84 75.36 10.35 39.29
CA PHE C 84 76.07 9.78 40.42
C PHE C 84 77.58 9.70 40.24
N ASP C 85 78.07 9.46 39.03
CA ASP C 85 79.51 9.30 38.73
C ASP C 85 80.02 8.10 39.54
N VAL C 86 81.29 8.10 39.94
CA VAL C 86 81.85 6.98 40.70
C VAL C 86 82.68 7.50 41.87
N GLU C 92 88.88 1.32 40.69
CA GLU C 92 88.06 0.74 41.73
C GLU C 92 87.10 -0.30 41.15
N ARG C 93 87.21 -1.54 41.63
CA ARG C 93 86.35 -2.60 41.15
C ARG C 93 84.91 -2.35 41.57
N ARG C 94 83.98 -2.79 40.73
CA ARG C 94 82.56 -2.49 40.89
C ARG C 94 81.84 -3.71 41.47
N LYS C 95 81.74 -3.75 42.80
CA LYS C 95 80.83 -4.66 43.49
C LYS C 95 79.48 -3.99 43.74
N TRP C 96 79.36 -2.70 43.43
CA TRP C 96 78.16 -1.93 43.66
C TRP C 96 77.38 -1.60 42.38
N ILE C 97 77.98 -1.77 41.20
CA ILE C 97 77.27 -1.45 39.97
C ILE C 97 76.11 -2.42 39.74
N GLN C 98 76.28 -3.67 40.18
CA GLN C 98 75.24 -4.67 40.01
C GLN C 98 74.16 -4.59 41.09
N CYS C 99 74.43 -3.88 42.18
CA CYS C 99 73.46 -3.74 43.27
C CYS C 99 72.22 -2.97 42.85
N PHE C 100 72.34 -2.05 41.90
CA PHE C 100 71.21 -1.22 41.48
C PHE C 100 70.91 -1.49 40.01
N ASN C 101 69.63 -1.72 39.72
CA ASN C 101 69.15 -1.88 38.35
C ASN C 101 68.08 -0.86 38.00
N ASP C 102 67.83 0.11 38.88
CA ASP C 102 66.82 1.13 38.64
C ASP C 102 67.36 2.34 37.90
N VAL C 103 68.66 2.34 37.57
CA VAL C 103 69.23 3.44 36.82
C VAL C 103 68.55 3.55 35.48
N THR C 104 68.32 4.79 35.02
CA THR C 104 67.66 4.97 33.73
C THR C 104 68.58 4.57 32.59
N ALA C 105 69.83 5.02 32.62
CA ALA C 105 70.80 4.72 31.57
C ALA C 105 72.20 5.00 32.09
N ILE C 106 73.19 4.57 31.32
CA ILE C 106 74.60 4.73 31.66
C ILE C 106 75.21 5.72 30.69
N ILE C 107 76.06 6.61 31.22
CA ILE C 107 76.72 7.62 30.41
C ILE C 107 78.20 7.28 30.40
N PHE C 108 78.66 6.66 29.31
CA PHE C 108 80.03 6.15 29.22
C PHE C 108 80.85 7.10 28.35
N VAL C 109 81.47 8.08 28.99
CA VAL C 109 82.41 8.96 28.28
C VAL C 109 83.61 8.15 27.80
N VAL C 110 84.03 8.42 26.57
CA VAL C 110 85.19 7.77 25.98
C VAL C 110 86.07 8.83 25.34
N ASP C 111 87.37 8.80 25.64
CA ASP C 111 88.34 9.72 25.05
C ASP C 111 88.93 9.08 23.79
N SER C 112 88.24 9.28 22.67
CA SER C 112 88.70 8.69 21.43
C SER C 112 89.98 9.34 20.93
N SER C 113 90.39 10.47 21.54
CA SER C 113 91.63 11.12 21.14
C SER C 113 92.83 10.23 21.40
N ASP C 114 92.85 9.56 22.55
CA ASP C 114 93.92 8.61 22.86
C ASP C 114 93.58 7.26 22.23
N TYR C 115 94.33 6.90 21.18
CA TYR C 115 94.02 5.69 20.43
C TYR C 115 94.35 4.44 21.23
N ASN C 116 95.45 4.47 21.98
CA ASN C 116 95.86 3.28 22.72
C ASN C 116 94.92 3.01 23.88
N ARG C 117 94.54 4.07 24.62
CA ARG C 117 93.57 3.91 25.69
C ARG C 117 92.18 3.61 25.14
N LEU C 118 91.97 3.86 23.85
CA LEU C 118 90.68 3.61 23.23
C LEU C 118 90.32 2.14 23.26
N GLN C 119 91.30 1.25 23.06
CA GLN C 119 91.01 -0.18 23.11
C GLN C 119 90.59 -0.61 24.50
N GLU C 120 91.25 -0.07 25.52
CA GLU C 120 90.84 -0.36 26.89
C GLU C 120 89.43 0.17 27.17
N ALA C 121 89.11 1.34 26.63
CA ALA C 121 87.75 1.86 26.75
C ALA C 121 86.76 0.94 26.06
N LEU C 122 87.13 0.38 24.90
CA LEU C 122 86.26 -0.54 24.19
C LEU C 122 86.03 -1.81 25.00
N ASN C 123 87.08 -2.32 25.64
CA ASN C 123 86.92 -3.50 26.51
C ASN C 123 86.03 -3.16 27.71
N ASP C 124 86.18 -1.96 28.26
CA ASP C 124 85.33 -1.54 29.36
C ASP C 124 83.87 -1.49 28.91
N PHE C 125 83.63 -1.00 27.69
CA PHE C 125 82.26 -0.97 27.18
C PHE C 125 81.73 -2.38 26.94
N LYS C 126 82.59 -3.30 26.51
CA LYS C 126 82.20 -4.71 26.46
C LYS C 126 81.71 -5.19 27.81
N SER C 127 82.48 -4.91 28.86
CA SER C 127 82.12 -5.36 30.21
C SER C 127 80.81 -4.72 30.65
N ILE C 128 80.63 -3.43 30.35
CA ILE C 128 79.42 -2.72 30.75
C ILE C 128 78.20 -3.29 30.03
N TRP C 129 78.30 -3.49 28.72
CA TRP C 129 77.19 -3.93 27.89
C TRP C 129 76.84 -5.40 28.11
N ASN C 130 77.80 -6.23 28.50
CA ASN C 130 77.55 -7.65 28.69
C ASN C 130 77.26 -8.03 30.14
N ASN C 131 77.18 -7.07 31.06
CA ASN C 131 76.83 -7.36 32.44
C ASN C 131 75.36 -7.76 32.52
N ARG C 132 75.09 -9.00 32.88
CA ARG C 132 73.74 -9.53 32.91
C ARG C 132 72.87 -8.81 33.95
N TRP C 133 73.51 -8.33 35.03
CA TRP C 133 72.75 -7.60 36.04
C TRP C 133 72.16 -6.32 35.47
N LEU C 134 72.94 -5.61 34.65
CA LEU C 134 72.48 -4.42 33.95
C LEU C 134 72.00 -4.72 32.54
N ARG C 135 71.45 -5.92 32.31
CA ARG C 135 71.05 -6.34 30.97
C ARG C 135 69.98 -5.41 30.39
N THR C 136 69.03 -5.02 31.23
CA THR C 136 67.94 -4.15 30.78
C THR C 136 68.45 -2.74 30.48
N ILE C 137 69.52 -2.32 31.16
CA ILE C 137 69.90 -0.92 31.17
C ILE C 137 70.53 -0.53 29.84
N SER C 138 70.00 0.51 29.21
CA SER C 138 70.60 1.09 28.02
C SER C 138 71.76 2.01 28.42
N VAL C 139 72.58 2.39 27.45
CA VAL C 139 73.74 3.23 27.69
C VAL C 139 73.71 4.41 26.72
N ILE C 140 73.90 5.61 27.25
CA ILE C 140 73.99 6.81 26.42
C ILE C 140 75.47 7.11 26.22
N LEU C 141 76.05 6.53 25.17
CA LEU C 141 77.50 6.58 25.00
C LEU C 141 77.93 7.94 24.47
N PHE C 142 79.07 8.43 25.00
CA PHE C 142 79.69 9.67 24.55
C PHE C 142 81.08 9.38 23.98
N LEU C 143 81.25 9.58 22.68
CA LEU C 143 82.59 9.81 22.16
C LEU C 143 82.96 11.24 22.53
N ASN C 144 83.88 11.42 23.47
CA ASN C 144 84.20 12.76 23.94
C ASN C 144 85.56 13.21 23.42
N LYS C 145 85.75 14.54 23.43
CA LYS C 145 87.00 15.17 23.02
C LYS C 145 87.38 14.76 21.60
N GLN C 146 86.38 14.70 20.74
CA GLN C 146 86.58 14.35 19.34
C GLN C 146 87.18 15.48 18.51
N ASP C 147 87.04 16.73 18.97
CA ASP C 147 87.72 17.82 18.30
C ASP C 147 89.24 17.64 18.37
N LEU C 148 89.74 17.26 19.55
CA LEU C 148 91.15 16.94 19.68
C LEU C 148 91.53 15.75 18.80
N LEU C 149 90.60 14.82 18.60
CA LEU C 149 90.84 13.74 17.63
C LEU C 149 91.05 14.31 16.23
N ALA C 150 90.25 15.31 15.85
CA ALA C 150 90.44 15.97 14.57
C ALA C 150 91.80 16.64 14.49
N GLU C 151 92.19 17.33 15.57
CA GLU C 151 93.51 17.97 15.59
C GLU C 151 94.63 16.94 15.45
N LYS C 152 94.48 15.80 16.11
CA LYS C 152 95.47 14.72 15.96
C LYS C 152 95.54 14.23 14.52
N VAL C 153 94.39 13.87 13.95
CA VAL C 153 94.39 13.14 12.69
C VAL C 153 94.75 14.06 11.53
N LEU C 154 94.46 15.36 11.65
CA LEU C 154 94.92 16.28 10.62
C LEU C 154 96.45 16.34 10.58
N ALA C 155 97.09 16.18 11.73
CA ALA C 155 98.53 16.03 11.81
C ALA C 155 98.94 14.63 11.38
N GLY C 156 100.24 14.44 11.17
CA GLY C 156 100.75 13.18 10.67
C GLY C 156 101.18 12.19 11.73
N LYS C 157 101.40 12.66 12.96
CA LYS C 157 101.87 11.79 14.03
C LYS C 157 100.85 10.70 14.34
N SER C 158 99.60 11.09 14.55
CA SER C 158 98.56 10.14 14.92
C SER C 158 98.30 9.16 13.80
N LYS C 159 98.65 7.89 14.03
CA LYS C 159 98.42 6.81 13.07
C LYS C 159 97.62 5.72 13.75
N ILE C 160 96.39 5.50 13.27
CA ILE C 160 95.55 4.44 13.82
C ILE C 160 96.01 3.08 13.33
N GLU C 161 96.72 3.05 12.19
CA GLU C 161 97.15 1.77 11.62
C GLU C 161 98.03 0.98 12.59
N ASP C 162 98.75 1.65 13.48
CA ASP C 162 99.58 0.95 14.45
C ASP C 162 98.72 0.24 15.49
N TYR C 163 97.75 0.96 16.07
CA TYR C 163 96.96 0.44 17.18
C TYR C 163 95.80 -0.41 16.70
N PHE C 164 94.88 0.18 15.94
CA PHE C 164 93.85 -0.57 15.24
C PHE C 164 94.22 -0.65 13.76
N PRO C 165 94.90 -1.71 13.33
CA PRO C 165 95.31 -1.78 11.93
C PRO C 165 94.16 -1.81 10.94
N GLU C 166 92.98 -2.23 11.39
CA GLU C 166 91.83 -2.39 10.50
C GLU C 166 91.30 -1.04 10.00
N PHE C 167 91.93 0.06 10.40
CA PHE C 167 91.51 1.37 9.94
C PHE C 167 91.67 1.48 8.43
N ALA C 168 92.76 0.93 7.88
CA ALA C 168 92.94 0.95 6.43
C ALA C 168 91.90 0.10 5.73
N ARG C 169 91.40 -0.94 6.39
CA ARG C 169 90.36 -1.78 5.80
C ARG C 169 88.99 -1.15 5.88
N TYR C 170 88.86 0.01 6.54
CA TYR C 170 87.58 0.65 6.74
C TYR C 170 87.25 1.60 5.59
N THR C 171 85.94 1.79 5.38
CA THR C 171 85.43 2.72 4.39
C THR C 171 84.37 3.59 5.04
N THR C 172 84.36 4.87 4.69
CA THR C 172 83.40 5.79 5.28
C THR C 172 82.00 5.50 4.75
N PRO C 173 81.02 5.25 5.62
CA PRO C 173 79.67 4.93 5.14
C PRO C 173 78.91 6.17 4.71
N GLU C 174 78.38 6.16 3.49
CA GLU C 174 77.46 7.22 3.08
C GLU C 174 76.21 7.23 3.94
N ASP C 175 75.83 6.06 4.47
CA ASP C 175 74.71 6.01 5.40
C ASP C 175 75.03 6.76 6.69
N ALA C 176 76.25 6.61 7.19
CA ALA C 176 76.69 7.34 8.38
C ALA C 176 76.91 8.79 7.98
N THR C 177 75.89 9.61 8.20
CA THR C 177 75.85 10.97 7.72
C THR C 177 76.98 11.79 8.37
N PRO C 178 77.88 12.38 7.59
CA PRO C 178 78.93 13.22 8.17
C PRO C 178 78.47 14.64 8.42
N GLU C 179 79.39 15.51 8.84
CA GLU C 179 79.11 16.92 9.03
C GLU C 179 79.78 17.73 7.93
N PRO C 180 79.10 18.74 7.40
CA PRO C 180 79.71 19.55 6.33
C PRO C 180 80.99 20.23 6.81
N GLY C 181 81.92 20.39 5.88
CA GLY C 181 83.21 20.99 6.20
C GLY C 181 84.05 20.11 7.13
N GLU C 182 84.07 18.81 6.85
CA GLU C 182 84.85 17.87 7.65
C GLU C 182 85.72 17.04 6.74
N ASP C 183 86.94 16.77 7.19
CA ASP C 183 87.90 15.97 6.43
C ASP C 183 87.35 14.56 6.25
N PRO C 184 87.30 14.02 5.03
CA PRO C 184 86.84 12.64 4.86
C PRO C 184 87.65 11.63 5.66
N ARG C 185 88.94 11.88 5.87
CA ARG C 185 89.73 11.01 6.74
C ARG C 185 89.35 11.18 8.21
N VAL C 186 88.99 12.40 8.60
CA VAL C 186 88.49 12.63 9.96
C VAL C 186 87.24 11.80 10.19
N THR C 187 86.31 11.87 9.23
CA THR C 187 85.09 11.08 9.34
C THR C 187 85.40 9.59 9.32
N ARG C 188 86.33 9.16 8.46
CA ARG C 188 86.73 7.76 8.43
C ARG C 188 87.17 7.30 9.81
N ALA C 189 88.07 8.05 10.43
CA ALA C 189 88.57 7.69 11.76
C ALA C 189 87.44 7.68 12.78
N LYS C 190 86.69 8.78 12.86
CA LYS C 190 85.65 8.93 13.88
C LYS C 190 84.60 7.83 13.77
N TYR C 191 84.15 7.56 12.55
CA TYR C 191 83.19 6.49 12.34
C TYR C 191 83.80 5.13 12.65
N PHE C 192 85.11 4.98 12.45
CA PHE C 192 85.78 3.74 12.83
C PHE C 192 85.70 3.54 14.35
N ILE C 193 86.01 4.58 15.12
CA ILE C 193 85.87 4.46 16.57
C ILE C 193 84.43 4.08 16.91
N ARG C 194 83.46 4.83 16.36
CA ARG C 194 82.11 4.64 16.84
C ARG C 194 81.57 3.27 16.47
N ASP C 195 81.90 2.75 15.28
CA ASP C 195 81.30 1.47 14.93
C ASP C 195 82.09 0.33 15.53
N GLU C 196 83.36 0.57 15.92
CA GLU C 196 84.01 -0.41 16.78
C GLU C 196 83.29 -0.51 18.12
N PHE C 197 82.82 0.63 18.64
CA PHE C 197 82.00 0.58 19.84
C PHE C 197 80.63 -0.05 19.57
N LEU C 198 80.04 0.25 18.41
CA LEU C 198 78.69 -0.21 18.10
C LEU C 198 78.66 -1.67 17.67
N ARG C 199 79.82 -2.25 17.35
CA ARG C 199 79.89 -3.69 17.16
C ARG C 199 79.44 -4.40 18.43
N ILE C 200 79.74 -3.81 19.58
CA ILE C 200 79.33 -4.36 20.86
C ILE C 200 77.81 -4.36 20.98
N SER C 201 77.19 -3.24 20.60
CA SER C 201 75.73 -3.12 20.74
C SER C 201 75.00 -3.97 19.71
N THR C 202 75.44 -3.92 18.45
CA THR C 202 74.75 -4.66 17.40
C THR C 202 74.97 -6.17 17.54
N ALA C 203 76.16 -6.58 18.00
CA ALA C 203 76.40 -7.99 18.24
C ALA C 203 75.45 -8.54 19.30
N SER C 204 75.27 -7.80 20.39
CA SER C 204 74.32 -8.17 21.43
C SER C 204 73.02 -7.38 21.22
N GLY C 205 72.35 -7.69 20.12
CA GLY C 205 71.08 -7.08 19.80
C GLY C 205 69.96 -7.63 20.65
N ASP C 206 70.08 -7.48 21.97
CA ASP C 206 69.09 -8.02 22.88
C ASP C 206 67.76 -7.27 22.81
N GLY C 207 67.77 -6.01 22.37
CA GLY C 207 66.55 -5.25 22.27
C GLY C 207 66.13 -4.62 23.58
N ARG C 208 66.37 -5.33 24.68
CA ARG C 208 66.04 -4.80 26.00
C ARG C 208 66.85 -3.56 26.33
N HIS C 209 67.98 -3.36 25.65
CA HIS C 209 68.82 -2.19 25.86
C HIS C 209 69.54 -1.84 24.57
N TYR C 210 69.48 -0.57 24.18
CA TYR C 210 70.10 -0.08 22.95
C TYR C 210 71.13 0.97 23.31
N CYS C 211 72.21 1.03 22.54
CA CYS C 211 73.24 2.05 22.74
C CYS C 211 73.07 3.19 21.75
N TYR C 212 73.07 4.42 22.26
CA TYR C 212 72.98 5.61 21.43
C TYR C 212 74.27 6.42 21.55
N PRO C 213 75.15 6.35 20.57
CA PRO C 213 76.39 7.14 20.64
C PRO C 213 76.16 8.58 20.23
N HIS C 214 76.96 9.47 20.83
CA HIS C 214 76.91 10.89 20.51
C HIS C 214 78.31 11.47 20.62
N PHE C 215 78.75 12.17 19.57
CA PHE C 215 80.02 12.86 19.63
C PHE C 215 79.98 13.98 20.66
N THR C 216 81.03 14.08 21.46
CA THR C 216 81.07 15.01 22.58
C THR C 216 82.39 15.77 22.56
N CYS C 217 82.35 17.03 22.99
CA CYS C 217 83.51 17.88 23.06
C CYS C 217 83.42 18.78 24.29
N ALA C 218 84.57 19.28 24.73
CA ALA C 218 84.63 20.13 25.90
C ALA C 218 84.01 21.50 25.60
N VAL C 219 83.56 22.16 26.67
CA VAL C 219 82.92 23.47 26.61
C VAL C 219 81.75 23.38 25.65
N ASP C 220 80.85 22.44 25.90
CA ASP C 220 79.66 22.21 25.08
C ASP C 220 78.45 22.16 25.99
N THR C 221 77.65 23.23 25.98
CA THR C 221 76.43 23.26 26.78
C THR C 221 75.33 22.37 26.20
N GLU C 222 75.48 21.94 24.95
CA GLU C 222 74.43 21.15 24.31
C GLU C 222 74.37 19.73 24.86
N ASN C 223 75.48 19.22 25.39
CA ASN C 223 75.54 17.82 25.80
C ASN C 223 74.35 17.44 26.67
N ALA C 224 74.03 18.29 27.64
CA ALA C 224 72.95 17.99 28.57
C ALA C 224 71.66 17.63 27.83
N ARG C 225 71.24 18.47 26.88
CA ARG C 225 69.94 18.21 26.26
C ARG C 225 69.93 16.86 25.55
N ARG C 226 71.07 16.49 24.95
CA ARG C 226 71.16 15.18 24.31
C ARG C 226 70.72 14.10 25.28
N ILE C 227 71.31 14.10 26.47
CA ILE C 227 70.93 13.12 27.48
C ILE C 227 69.43 13.12 27.68
N PHE C 228 68.85 14.30 27.94
CA PHE C 228 67.42 14.38 28.14
C PHE C 228 66.69 13.74 26.97
N ASN C 229 67.03 14.17 25.74
CA ASN C 229 66.43 13.55 24.56
C ASN C 229 66.55 12.05 24.65
N ASP C 230 67.78 11.55 24.74
CA ASP C 230 68.00 10.12 24.80
C ASP C 230 67.18 9.50 25.90
N CYS C 231 67.21 10.11 27.09
CA CYS C 231 66.48 9.53 28.22
C CYS C 231 65.03 9.28 27.85
N ARG C 232 64.36 10.31 27.33
CA ARG C 232 62.96 10.17 26.97
C ARG C 232 62.76 8.99 26.03
N ASP C 233 63.64 8.87 25.03
CA ASP C 233 63.56 7.76 24.09
C ASP C 233 63.51 6.43 24.81
N ILE C 234 64.46 6.17 25.71
CA ILE C 234 64.47 4.86 26.38
C ILE C 234 63.13 4.62 27.06
N ILE C 235 62.60 5.64 27.75
CA ILE C 235 61.34 5.45 28.47
C ILE C 235 60.27 4.97 27.51
N GLN C 236 60.18 5.60 26.34
CA GLN C 236 59.15 5.22 25.38
C GLN C 236 59.31 3.75 25.01
N ARG C 237 60.54 3.32 24.74
CA ARG C 237 60.76 1.93 24.38
C ARG C 237 60.29 1.02 25.51
N MET C 238 60.57 1.40 26.75
CA MET C 238 60.12 0.59 27.88
C MET C 238 58.61 0.44 27.86
N HIS C 239 57.90 1.54 27.59
CA HIS C 239 56.46 1.44 27.46
C HIS C 239 56.09 0.55 26.29
N LEU C 240 56.79 0.72 25.16
CA LEU C 240 56.56 -0.15 24.01
C LEU C 240 56.84 -1.60 24.37
N ARG C 241 57.62 -1.84 25.41
CA ARG C 241 57.88 -3.21 25.85
C ARG C 241 56.80 -3.70 26.79
N GLN C 242 56.26 -2.81 27.63
CA GLN C 242 55.22 -3.24 28.57
C GLN C 242 53.91 -3.52 27.83
N TYR C 243 53.62 -2.72 26.80
CA TYR C 243 52.40 -2.90 26.02
C TYR C 243 52.63 -3.75 24.77
N GLU C 244 53.81 -4.31 24.60
CA GLU C 244 54.20 -5.26 23.56
C GLU C 244 54.17 -4.66 22.17
N LEU C 245 54.01 -3.33 22.02
CA LEU C 245 53.90 -2.75 20.69
C LEU C 245 55.16 -2.93 19.87
N LEU C 246 56.33 -2.74 20.49
CA LEU C 246 57.58 -2.77 19.75
C LEU C 246 57.90 -4.18 19.27
N LEU D 12 111.45 -12.60 49.86
CA LEU D 12 110.06 -12.73 49.45
C LEU D 12 109.72 -14.18 49.14
N ASP D 13 110.59 -14.84 48.38
CA ASP D 13 110.40 -16.26 48.08
C ASP D 13 110.46 -17.11 49.34
N GLN D 14 111.42 -16.82 50.22
CA GLN D 14 111.48 -17.52 51.50
C GLN D 14 110.23 -17.23 52.32
N LEU D 15 109.72 -16.00 52.26
CA LEU D 15 108.48 -15.68 52.93
C LEU D 15 107.33 -16.51 52.37
N ARG D 16 107.29 -16.69 51.05
CA ARG D 16 106.25 -17.51 50.45
C ARG D 16 106.35 -18.96 50.91
N GLN D 17 107.57 -19.50 50.97
CA GLN D 17 107.76 -20.88 51.41
C GLN D 17 107.31 -21.06 52.85
N GLU D 18 107.72 -20.14 53.73
CA GLU D 18 107.37 -20.28 55.14
C GLU D 18 105.86 -20.08 55.34
N ALA D 19 105.25 -19.17 54.57
CA ALA D 19 103.81 -18.99 54.65
C ALA D 19 103.09 -20.26 54.22
N GLU D 20 103.53 -20.88 53.12
CA GLU D 20 102.91 -22.11 52.65
C GLU D 20 103.01 -23.21 53.70
N GLN D 21 104.21 -23.42 54.23
CA GLN D 21 104.36 -24.50 55.21
C GLN D 21 103.61 -24.20 56.50
N LEU D 22 103.55 -22.93 56.90
CA LEU D 22 102.83 -22.60 58.13
C LEU D 22 101.33 -22.81 57.95
N LYS D 23 100.80 -22.44 56.78
CA LYS D 23 99.41 -22.77 56.48
C LYS D 23 99.20 -24.28 56.50
N ASN D 24 100.20 -25.04 56.05
CA ASN D 24 100.09 -26.50 56.13
C ASN D 24 100.02 -26.99 57.57
N GLN D 25 100.83 -26.41 58.47
CA GLN D 25 100.69 -26.76 59.88
C GLN D 25 99.31 -26.41 60.41
N ILE D 26 98.78 -25.24 60.01
CA ILE D 26 97.43 -24.87 60.46
C ILE D 26 96.40 -25.89 59.99
N ARG D 27 96.48 -26.27 58.71
CA ARG D 27 95.51 -27.21 58.16
C ARG D 27 95.61 -28.57 58.83
N ASP D 28 96.84 -29.05 59.07
CA ASP D 28 96.95 -30.37 59.70
C ASP D 28 96.54 -30.34 61.15
N ALA D 29 96.77 -29.22 61.84
CA ALA D 29 96.27 -29.07 63.21
C ALA D 29 94.74 -29.13 63.23
N ARG D 30 94.10 -28.41 62.30
CA ARG D 30 92.64 -28.48 62.22
C ARG D 30 92.16 -29.88 61.89
N LYS D 31 92.84 -30.56 60.97
CA LYS D 31 92.46 -31.93 60.61
C LYS D 31 92.56 -32.86 61.80
N ALA D 32 93.63 -32.72 62.59
CA ALA D 32 93.75 -33.50 63.82
C ALA D 32 92.62 -33.16 64.78
N CYS D 33 92.23 -31.89 64.85
CA CYS D 33 91.12 -31.52 65.70
C CYS D 33 89.77 -31.88 65.12
N ALA D 34 89.70 -32.18 63.81
CA ALA D 34 88.43 -32.49 63.15
C ALA D 34 88.19 -34.00 63.21
N ASP D 35 87.60 -34.44 64.33
CA ASP D 35 87.30 -35.86 64.49
C ASP D 35 86.09 -36.27 63.64
N ALA D 36 85.05 -35.45 63.61
CA ALA D 36 83.83 -35.79 62.89
C ALA D 36 83.04 -34.52 62.64
N THR D 37 82.07 -34.62 61.73
CA THR D 37 81.23 -33.48 61.39
C THR D 37 80.11 -33.32 62.43
N LEU D 38 79.45 -32.16 62.38
CA LEU D 38 78.37 -31.88 63.32
C LEU D 38 77.21 -32.86 63.13
N SER D 39 76.85 -33.12 61.87
CA SER D 39 75.75 -34.04 61.59
C SER D 39 76.10 -35.46 62.00
N GLN D 40 77.35 -35.87 61.78
CA GLN D 40 77.77 -37.21 62.18
C GLN D 40 77.68 -37.39 63.68
N ILE D 41 77.88 -36.33 64.45
CA ILE D 41 77.89 -36.43 65.91
C ILE D 41 76.50 -36.23 66.52
N THR D 42 75.65 -35.40 65.92
CA THR D 42 74.35 -35.07 66.50
C THR D 42 73.19 -35.75 65.76
N ASN D 43 73.44 -36.91 65.15
CA ASN D 43 72.37 -37.62 64.46
C ASN D 43 71.31 -38.14 65.43
N ASN D 44 71.67 -38.26 66.71
CA ASN D 44 70.69 -38.70 67.70
C ASN D 44 69.58 -37.67 67.90
N ILE D 45 69.84 -36.41 67.52
CA ILE D 45 68.86 -35.35 67.72
C ILE D 45 67.68 -35.53 66.79
N ASP D 46 66.48 -35.39 67.34
CA ASP D 46 65.24 -35.42 66.59
C ASP D 46 65.13 -34.20 65.68
N PRO D 47 64.45 -34.33 64.54
CA PRO D 47 64.31 -33.17 63.66
C PRO D 47 63.44 -32.10 64.30
N VAL D 48 63.72 -30.85 63.93
CA VAL D 48 63.05 -29.71 64.56
C VAL D 48 61.56 -29.73 64.25
N GLY D 49 61.19 -30.16 63.05
CA GLY D 49 59.80 -30.20 62.66
C GLY D 49 59.47 -29.23 61.56
N ARG D 50 58.20 -28.85 61.46
CA ARG D 50 57.75 -27.92 60.42
C ARG D 50 57.66 -26.52 61.04
N ILE D 51 58.59 -25.66 60.66
CA ILE D 51 58.61 -24.29 61.15
C ILE D 51 57.69 -23.45 60.28
N GLN D 52 56.47 -23.22 60.75
CA GLN D 52 55.45 -22.50 60.00
C GLN D 52 55.47 -21.03 60.40
N MET D 53 55.77 -20.16 59.44
CA MET D 53 55.80 -18.73 59.67
C MET D 53 54.98 -18.03 58.59
N ARG D 54 54.36 -16.92 58.97
CA ARG D 54 53.53 -16.15 58.05
C ARG D 54 53.75 -14.67 58.30
N THR D 55 53.39 -13.87 57.30
CA THR D 55 53.58 -12.42 57.36
C THR D 55 52.52 -11.82 58.28
N ARG D 56 52.88 -11.71 59.56
CA ARG D 56 51.97 -11.09 60.53
C ARG D 56 51.73 -9.64 60.19
N ARG D 57 52.79 -8.90 59.86
CA ARG D 57 52.68 -7.50 59.48
C ARG D 57 53.62 -7.22 58.32
N THR D 58 53.32 -6.16 57.57
CA THR D 58 54.12 -5.74 56.43
C THR D 58 54.36 -4.24 56.52
N LEU D 59 55.54 -3.85 56.97
CA LEU D 59 55.94 -2.45 56.93
C LEU D 59 56.14 -2.03 55.48
N ARG D 60 55.24 -1.17 55.01
CA ARG D 60 55.22 -0.70 53.63
C ARG D 60 55.14 0.81 53.62
N GLY D 61 55.79 1.41 52.63
CA GLY D 61 55.83 2.86 52.54
C GLY D 61 57.15 3.37 52.01
N HIS D 62 58.13 2.48 51.86
CA HIS D 62 59.38 2.88 51.24
C HIS D 62 59.18 3.18 49.77
N LEU D 63 60.23 3.72 49.15
CA LEU D 63 60.15 4.18 47.77
C LEU D 63 61.14 3.46 46.86
N ALA D 64 61.99 2.61 47.41
CA ALA D 64 63.03 1.94 46.63
C ALA D 64 63.49 0.70 47.41
N LYS D 65 64.56 0.09 46.93
CA LYS D 65 65.07 -1.14 47.53
C LYS D 65 65.50 -0.90 48.97
N ILE D 66 65.09 -1.80 49.86
CA ILE D 66 65.50 -1.78 51.26
C ILE D 66 66.78 -2.59 51.35
N TYR D 67 67.91 -1.92 51.58
CA TYR D 67 69.19 -2.61 51.60
C TYR D 67 69.40 -3.36 52.90
N ALA D 68 69.41 -2.64 54.02
CA ALA D 68 69.75 -3.24 55.31
C ALA D 68 68.76 -2.81 56.37
N MET D 69 68.58 -3.67 57.37
CA MET D 69 67.76 -3.38 58.55
C MET D 69 68.51 -3.83 59.79
N HIS D 70 68.15 -3.27 60.93
CA HIS D 70 68.72 -3.66 62.22
C HIS D 70 67.62 -3.59 63.28
N TRP D 71 67.24 -4.74 63.82
CA TRP D 71 66.26 -4.76 64.90
C TRP D 71 66.82 -4.06 66.13
N GLY D 72 65.98 -3.29 66.81
CA GLY D 72 66.40 -2.59 67.98
C GLY D 72 66.47 -3.47 69.21
N THR D 73 67.16 -2.96 70.23
CA THR D 73 67.22 -3.68 71.50
C THR D 73 65.84 -3.80 72.13
N ASP D 74 64.95 -2.84 71.88
CA ASP D 74 63.59 -2.92 72.39
C ASP D 74 62.84 -4.10 71.78
N SER D 75 63.26 -4.54 70.60
CA SER D 75 62.58 -5.55 69.77
C SER D 75 61.22 -5.03 69.32
N ARG D 76 60.99 -3.73 69.37
CA ARG D 76 59.73 -3.13 68.95
C ARG D 76 59.98 -2.13 67.83
N LEU D 77 61.15 -1.49 67.85
CA LEU D 77 61.51 -0.49 66.87
C LEU D 77 62.64 -1.03 66.00
N LEU D 78 62.48 -0.90 64.68
CA LEU D 78 63.43 -1.45 63.72
C LEU D 78 63.74 -0.43 62.64
N VAL D 79 65.03 -0.22 62.37
CA VAL D 79 65.44 0.70 61.32
C VAL D 79 65.44 -0.02 59.99
N SER D 80 65.12 0.70 58.92
CA SER D 80 65.26 0.17 57.57
C SER D 80 65.90 1.24 56.69
N ALA D 81 67.01 0.89 56.05
CA ALA D 81 67.68 1.80 55.14
C ALA D 81 67.26 1.49 53.70
N SER D 82 66.91 2.54 52.97
CA SER D 82 66.31 2.35 51.65
C SER D 82 66.96 3.29 50.65
N GLN D 83 67.14 2.74 49.43
CA GLN D 83 67.88 3.41 48.37
C GLN D 83 67.21 4.69 47.92
N ASP D 84 65.94 4.88 48.26
CA ASP D 84 65.29 6.17 48.01
C ASP D 84 66.00 7.26 48.81
N GLY D 85 66.81 6.84 49.78
CA GLY D 85 67.54 7.75 50.63
C GLY D 85 66.82 7.93 51.95
N LYS D 86 66.40 6.84 52.58
CA LYS D 86 65.60 6.95 53.79
C LYS D 86 66.09 6.00 54.88
N LEU D 87 65.96 6.44 56.13
CA LEU D 87 66.01 5.56 57.29
C LEU D 87 64.72 5.74 58.08
N ILE D 88 63.79 4.81 57.90
CA ILE D 88 62.57 4.82 58.69
C ILE D 88 62.72 3.90 59.88
N ILE D 89 62.39 4.41 61.06
CA ILE D 89 62.23 3.60 62.27
C ILE D 89 60.77 3.20 62.36
N TRP D 90 60.52 1.91 62.18
CA TRP D 90 59.18 1.34 62.22
C TRP D 90 58.91 0.76 63.60
N ASP D 91 57.66 0.82 64.02
CA ASP D 91 57.21 0.21 65.27
C ASP D 91 56.36 -1.01 64.90
N SER D 92 56.97 -2.18 64.94
CA SER D 92 56.26 -3.40 64.55
C SER D 92 55.06 -3.68 65.45
N TYR D 93 55.12 -3.25 66.71
CA TYR D 93 53.97 -3.43 67.60
C TYR D 93 52.77 -2.60 67.17
N THR D 94 52.97 -1.54 66.38
CA THR D 94 51.87 -0.70 65.93
C THR D 94 51.85 -0.43 64.43
N THR D 95 52.86 -0.87 63.67
CA THR D 95 53.00 -0.68 62.22
C THR D 95 53.23 0.79 61.88
N ASN D 96 53.21 1.68 62.88
CA ASN D 96 53.30 3.12 62.66
C ASN D 96 54.76 3.56 62.64
N LYS D 97 55.10 4.39 61.66
CA LYS D 97 56.44 4.93 61.56
C LYS D 97 56.66 6.00 62.63
N VAL D 98 57.90 6.11 63.09
CA VAL D 98 58.25 7.07 64.13
C VAL D 98 59.20 8.15 63.66
N HIS D 99 60.20 7.81 62.84
CA HIS D 99 61.08 8.80 62.22
C HIS D 99 61.35 8.35 60.79
N ALA D 100 61.50 9.34 59.92
CA ALA D 100 61.71 9.15 58.48
C ALA D 100 62.97 9.91 58.06
N ILE D 101 64.05 9.68 58.80
CA ILE D 101 65.34 10.35 58.60
C ILE D 101 65.73 10.39 57.13
N PRO D 102 65.79 11.57 56.52
CA PRO D 102 66.26 11.68 55.14
C PRO D 102 67.75 11.47 55.05
N LEU D 103 68.23 11.27 53.83
CA LEU D 103 69.64 10.99 53.57
C LEU D 103 70.18 11.94 52.52
N ARG D 104 71.36 12.51 52.80
CA ARG D 104 72.09 13.24 51.77
C ARG D 104 72.60 12.28 50.70
N SER D 105 72.99 11.07 51.09
CA SER D 105 73.46 10.05 50.16
C SER D 105 72.37 9.00 49.97
N SER D 106 71.97 8.79 48.72
CA SER D 106 70.91 7.81 48.45
C SER D 106 71.42 6.39 48.61
N TRP D 107 72.73 6.18 48.49
CA TRP D 107 73.30 4.83 48.53
C TRP D 107 73.77 4.47 49.93
N VAL D 108 72.87 3.85 50.69
CA VAL D 108 73.20 3.31 52.00
C VAL D 108 73.04 1.80 51.96
N MET D 109 74.13 1.08 52.23
CA MET D 109 74.09 -0.37 52.33
C MET D 109 74.33 -0.86 53.75
N THR D 110 74.32 0.04 54.73
CA THR D 110 74.37 -0.42 56.11
C THR D 110 73.58 0.54 56.97
N CYS D 111 72.75 -0.04 57.85
CA CYS D 111 72.06 0.72 58.89
C CYS D 111 72.12 -0.10 60.17
N ALA D 112 72.32 0.58 61.29
CA ALA D 112 72.50 -0.08 62.57
C ALA D 112 71.81 0.71 63.66
N TYR D 113 71.34 -0.03 64.68
CA TYR D 113 70.63 0.53 65.80
C TYR D 113 71.46 0.36 67.06
N ALA D 114 71.69 1.45 67.78
CA ALA D 114 72.53 1.39 68.96
C ALA D 114 71.84 0.59 70.07
N PRO D 115 72.61 -0.12 70.90
CA PRO D 115 71.98 -0.91 71.97
C PRO D 115 71.19 -0.07 72.95
N SER D 116 71.62 1.17 73.19
CA SER D 116 70.85 2.06 74.06
C SER D 116 69.63 2.62 73.33
N GLY D 117 69.62 2.57 72.01
CA GLY D 117 68.51 3.08 71.23
C GLY D 117 68.54 4.57 70.98
N ASN D 118 69.65 5.23 71.26
CA ASN D 118 69.72 6.69 71.14
C ASN D 118 70.19 7.16 69.77
N TYR D 119 70.92 6.32 69.02
CA TYR D 119 71.49 6.74 67.75
C TYR D 119 71.28 5.65 66.71
N VAL D 120 71.28 6.05 65.43
CA VAL D 120 71.19 5.12 64.31
C VAL D 120 72.27 5.45 63.31
N ALA D 121 72.99 4.43 62.84
CA ALA D 121 74.08 4.61 61.90
C ALA D 121 73.65 4.22 60.49
N CYS D 122 74.12 5.00 59.52
CA CYS D 122 73.88 4.65 58.13
C CYS D 122 75.15 4.88 57.33
N GLY D 123 75.30 4.12 56.25
CA GLY D 123 76.48 4.27 55.41
C GLY D 123 76.36 3.51 54.11
N GLY D 124 77.18 3.92 53.16
CA GLY D 124 77.20 3.33 51.83
C GLY D 124 78.23 3.93 50.90
N LEU D 125 77.85 4.21 49.66
CA LEU D 125 78.79 4.73 48.67
C LEU D 125 79.31 6.11 49.00
N ASP D 126 78.70 6.82 49.95
CA ASP D 126 79.17 8.14 50.33
C ASP D 126 80.52 8.09 51.05
N ASN D 127 80.98 6.90 51.45
CA ASN D 127 82.24 6.71 52.16
C ASN D 127 82.22 7.37 53.53
N ILE D 128 81.03 7.52 54.11
CA ILE D 128 80.86 8.18 55.40
C ILE D 128 79.86 7.40 56.22
N CYS D 129 80.17 7.20 57.50
CA CYS D 129 79.26 6.57 58.45
C CYS D 129 78.59 7.67 59.25
N SER D 130 77.34 7.99 58.90
CA SER D 130 76.63 9.07 59.55
C SER D 130 75.81 8.54 60.72
N ILE D 131 75.99 9.16 61.88
CA ILE D 131 75.31 8.76 63.11
C ILE D 131 74.18 9.73 63.39
N TYR D 132 72.98 9.43 62.90
CA TYR D 132 71.82 10.26 63.18
C TYR D 132 71.35 10.04 64.61
N ASN D 133 70.83 11.10 65.22
CA ASN D 133 70.39 11.07 66.60
C ASN D 133 68.88 10.91 66.67
N LEU D 134 68.43 9.89 67.42
CA LEU D 134 67.00 9.63 67.57
C LEU D 134 66.37 10.52 68.62
N LYS D 135 66.83 10.41 69.86
CA LYS D 135 66.23 11.15 70.97
C LYS D 135 66.85 12.54 71.04
N THR D 136 66.08 13.55 70.62
CA THR D 136 66.50 14.95 70.66
C THR D 136 65.44 15.77 71.38
N ARG D 137 65.88 16.85 72.02
CA ARG D 137 64.95 17.73 72.71
C ARG D 137 63.96 18.36 71.73
N GLU D 138 64.46 18.82 70.58
CA GLU D 138 63.59 19.42 69.57
C GLU D 138 62.64 18.40 68.96
N GLY D 139 63.11 17.17 68.74
CA GLY D 139 62.32 16.16 68.07
C GLY D 139 62.67 15.94 66.62
N ASN D 140 63.66 16.67 66.09
CA ASN D 140 64.09 16.53 64.71
C ASN D 140 65.44 15.83 64.66
N VAL D 141 65.56 14.85 63.78
CA VAL D 141 66.79 14.07 63.67
C VAL D 141 67.82 14.86 62.87
N ARG D 142 69.05 14.89 63.39
CA ARG D 142 70.15 15.55 62.70
C ARG D 142 71.43 14.76 62.94
N VAL D 143 72.43 15.00 62.09
CA VAL D 143 73.68 14.26 62.14
C VAL D 143 74.43 14.61 63.42
N SER D 144 74.63 13.62 64.30
CA SER D 144 75.47 13.84 65.46
C SER D 144 76.94 13.84 65.09
N ARG D 145 77.34 12.95 64.17
CA ARG D 145 78.74 12.83 63.78
C ARG D 145 78.82 12.09 62.44
N GLU D 146 79.54 12.70 61.49
CA GLU D 146 79.77 12.06 60.20
C GLU D 146 81.16 11.42 60.16
N LEU D 147 81.30 10.24 60.74
CA LEU D 147 82.55 9.51 60.70
C LEU D 147 83.00 9.25 59.28
N ALA D 148 84.23 9.61 58.96
CA ALA D 148 84.73 9.49 57.60
C ALA D 148 86.24 9.37 57.62
N GLY D 149 86.78 8.89 56.51
CA GLY D 149 88.21 8.66 56.40
C GLY D 149 88.52 7.43 55.57
N HIS D 150 87.49 6.65 55.25
CA HIS D 150 87.67 5.50 54.39
C HIS D 150 87.78 5.93 52.93
N THR D 151 88.25 5.01 52.09
CA THR D 151 88.31 5.22 50.65
C THR D 151 87.42 4.23 49.91
N GLY D 152 86.37 3.73 50.56
CA GLY D 152 85.47 2.78 49.95
C GLY D 152 84.14 2.77 50.68
N TYR D 153 83.17 2.09 50.06
CA TYR D 153 81.83 2.04 50.62
C TYR D 153 81.80 1.25 51.91
N LEU D 154 81.04 1.73 52.90
CA LEU D 154 80.86 1.02 54.16
C LEU D 154 79.76 -0.01 53.98
N SER D 155 80.18 -1.27 53.89
CA SER D 155 79.22 -2.35 53.66
C SER D 155 78.39 -2.64 54.90
N CYS D 156 79.02 -2.62 56.08
CA CYS D 156 78.34 -2.95 57.31
C CYS D 156 78.93 -2.16 58.48
N CYS D 157 78.07 -1.76 59.41
CA CYS D 157 78.49 -1.07 60.62
C CYS D 157 77.55 -1.46 61.76
N ARG D 158 78.11 -1.61 62.96
CA ARG D 158 77.35 -1.99 64.14
C ARG D 158 77.87 -1.24 65.36
N PHE D 159 77.03 -1.16 66.39
CA PHE D 159 77.34 -0.44 67.61
C PHE D 159 77.77 -1.42 68.70
N LEU D 160 78.96 -1.21 69.27
CA LEU D 160 79.31 -1.89 70.51
C LEU D 160 78.59 -1.25 71.69
N ASP D 161 78.54 0.08 71.72
CA ASP D 161 77.86 0.83 72.76
C ASP D 161 77.32 2.13 72.19
N ASP D 162 77.01 3.10 73.04
CA ASP D 162 76.49 4.38 72.59
C ASP D 162 77.58 5.34 72.14
N ASN D 163 78.86 4.93 72.19
CA ASN D 163 79.94 5.84 71.86
C ASN D 163 81.00 5.20 70.98
N GLN D 164 80.87 3.93 70.62
CA GLN D 164 81.80 3.26 69.72
C GLN D 164 81.03 2.60 68.59
N ILE D 165 81.69 2.41 67.45
CA ILE D 165 81.05 1.73 66.33
C ILE D 165 82.08 1.03 65.45
N VAL D 166 81.88 -0.27 65.20
CA VAL D 166 82.75 -0.98 64.28
C VAL D 166 82.14 -0.94 62.89
N THR D 167 82.90 -0.45 61.92
CA THR D 167 82.43 -0.26 60.57
C THR D 167 83.28 -1.06 59.60
N SER D 168 82.62 -1.87 58.76
CA SER D 168 83.27 -2.40 57.58
C SER D 168 83.36 -1.32 56.52
N SER D 169 84.15 -1.59 55.47
CA SER D 169 84.34 -0.60 54.42
C SER D 169 84.84 -1.30 53.17
N GLY D 170 85.06 -0.52 52.12
CA GLY D 170 85.50 -1.05 50.84
C GLY D 170 86.99 -0.92 50.62
N ASP D 171 87.68 -0.24 51.53
CA ASP D 171 89.14 -0.17 51.46
C ASP D 171 89.82 -1.36 52.09
N THR D 172 89.10 -2.48 52.23
CA THR D 172 89.62 -3.73 52.80
C THR D 172 89.99 -3.58 54.27
N THR D 173 89.55 -2.49 54.91
CA THR D 173 89.92 -2.19 56.29
C THR D 173 88.65 -1.98 57.11
N CYS D 174 88.49 -2.78 58.16
CA CYS D 174 87.51 -2.49 59.18
C CYS D 174 88.05 -1.43 60.13
N ALA D 175 87.16 -0.74 60.84
CA ALA D 175 87.58 0.30 61.76
C ALA D 175 86.74 0.28 63.02
N LEU D 176 87.32 0.75 64.13
CA LEU D 176 86.59 0.93 65.38
C LEU D 176 86.54 2.44 65.66
N TRP D 177 85.51 3.09 65.13
CA TRP D 177 85.36 4.52 65.28
C TRP D 177 84.88 4.88 66.68
N ASP D 178 85.38 6.01 67.17
CA ASP D 178 84.94 6.60 68.44
C ASP D 178 83.99 7.75 68.10
N ILE D 179 82.76 7.68 68.61
CA ILE D 179 81.75 8.69 68.29
C ILE D 179 82.15 10.06 68.85
N GLU D 180 82.64 10.08 70.09
CA GLU D 180 82.89 11.36 70.76
C GLU D 180 83.95 12.17 70.03
N THR D 181 85.01 11.51 69.55
CA THR D 181 86.10 12.20 68.87
C THR D 181 85.99 12.12 67.35
N GLY D 182 85.94 10.92 66.79
CA GLY D 182 85.82 10.73 65.36
C GLY D 182 87.04 10.17 64.65
N GLN D 183 87.98 9.55 65.36
CA GLN D 183 89.16 8.95 64.77
C GLN D 183 89.10 7.44 64.89
N GLN D 184 89.76 6.75 63.97
CA GLN D 184 89.87 5.29 64.02
C GLN D 184 90.78 4.93 65.19
N THR D 185 90.19 4.51 66.31
CA THR D 185 91.00 4.07 67.44
C THR D 185 91.81 2.84 67.07
N THR D 186 91.21 1.91 66.33
CA THR D 186 91.91 0.72 65.88
C THR D 186 91.45 0.37 64.47
N THR D 187 92.40 0.00 63.61
CA THR D 187 92.14 -0.32 62.22
C THR D 187 92.52 -1.77 61.95
N PHE D 188 91.68 -2.47 61.19
CA PHE D 188 91.83 -3.90 60.95
C PHE D 188 92.05 -4.12 59.46
N THR D 189 93.26 -4.52 59.09
CA THR D 189 93.63 -4.74 57.69
C THR D 189 94.18 -6.15 57.51
N GLY D 190 94.10 -6.64 56.27
CA GLY D 190 94.58 -7.96 55.97
C GLY D 190 93.77 -8.69 54.92
N HIS D 191 92.55 -8.24 54.69
CA HIS D 191 91.74 -8.80 53.62
C HIS D 191 92.23 -8.31 52.26
N THR D 192 92.16 -9.18 51.26
CA THR D 192 92.51 -8.83 49.90
C THR D 192 91.32 -8.41 49.06
N GLY D 193 90.21 -8.05 49.70
CA GLY D 193 89.03 -7.61 48.98
C GLY D 193 88.07 -6.88 49.90
N ASP D 194 86.96 -6.45 49.31
CA ASP D 194 85.98 -5.67 50.05
C ASP D 194 85.38 -6.47 51.19
N VAL D 195 85.29 -5.85 52.37
CA VAL D 195 84.75 -6.51 53.56
C VAL D 195 83.24 -6.32 53.55
N MET D 196 82.51 -7.38 53.18
CA MET D 196 81.08 -7.23 52.93
C MET D 196 80.28 -7.17 54.22
N SER D 197 80.65 -7.92 55.26
CA SER D 197 79.81 -7.94 56.44
C SER D 197 80.63 -8.15 57.70
N LEU D 198 80.05 -7.79 58.83
CA LEU D 198 80.65 -8.07 60.13
C LEU D 198 79.54 -8.14 61.17
N SER D 199 79.84 -8.84 62.26
CA SER D 199 78.90 -8.97 63.38
C SER D 199 79.67 -8.92 64.68
N LEU D 200 79.01 -8.40 65.72
CA LEU D 200 79.61 -8.27 67.04
C LEU D 200 79.10 -9.37 67.97
N ALA D 201 80.01 -9.96 68.74
CA ALA D 201 79.65 -11.00 69.68
C ALA D 201 78.80 -10.41 70.81
N PRO D 202 78.00 -11.24 71.48
CA PRO D 202 77.14 -10.72 72.56
C PRO D 202 77.92 -10.05 73.68
N ASP D 203 79.14 -10.49 73.97
CA ASP D 203 79.95 -9.85 75.00
C ASP D 203 80.61 -8.56 74.52
N THR D 204 80.48 -8.23 73.24
CA THR D 204 81.02 -7.00 72.65
C THR D 204 82.54 -6.91 72.82
N ARG D 205 83.21 -8.05 72.87
CA ARG D 205 84.66 -8.10 72.95
C ARG D 205 85.31 -8.64 71.70
N LEU D 206 84.67 -9.60 71.02
CA LEU D 206 85.14 -10.14 69.76
C LEU D 206 84.11 -9.82 68.69
N PHE D 207 84.53 -9.88 67.43
CA PHE D 207 83.59 -9.70 66.33
C PHE D 207 84.15 -10.36 65.08
N VAL D 208 83.25 -10.92 64.27
CA VAL D 208 83.64 -11.59 63.03
C VAL D 208 83.38 -10.68 61.85
N SER D 209 84.08 -10.94 60.74
CA SER D 209 83.90 -10.15 59.53
C SER D 209 84.24 -11.01 58.32
N GLY D 210 83.35 -10.99 57.33
CA GLY D 210 83.57 -11.70 56.08
C GLY D 210 83.71 -10.75 54.91
N ALA D 211 84.65 -11.05 54.01
CA ALA D 211 85.03 -10.12 52.96
C ALA D 211 84.96 -10.77 51.58
N CYS D 212 85.20 -9.96 50.56
CA CYS D 212 85.21 -10.42 49.17
C CYS D 212 86.43 -11.27 48.87
N ASP D 213 87.39 -11.31 49.79
CA ASP D 213 88.56 -12.15 49.62
C ASP D 213 88.27 -13.62 49.86
N ALA D 214 86.99 -13.98 49.92
CA ALA D 214 86.54 -15.33 50.26
C ALA D 214 87.03 -15.75 51.64
N SER D 215 87.22 -14.80 52.54
CA SER D 215 87.80 -15.07 53.84
C SER D 215 87.00 -14.38 54.94
N ALA D 216 86.95 -15.04 56.09
CA ALA D 216 86.33 -14.51 57.28
C ALA D 216 87.34 -14.50 58.41
N LYS D 217 87.19 -13.53 59.30
CA LYS D 217 88.16 -13.31 60.38
C LYS D 217 87.43 -13.03 61.67
N LEU D 218 88.15 -13.19 62.78
CA LEU D 218 87.63 -13.03 64.13
C LEU D 218 88.30 -11.83 64.79
N TRP D 219 88.34 -10.71 64.08
CA TRP D 219 89.02 -9.50 64.53
C TRP D 219 88.67 -9.15 65.96
N ASP D 220 89.71 -8.81 66.73
CA ASP D 220 89.57 -8.42 68.14
C ASP D 220 89.63 -6.91 68.26
N VAL D 221 88.74 -6.36 69.11
CA VAL D 221 88.68 -4.92 69.29
C VAL D 221 89.67 -4.40 70.30
N ARG D 222 90.33 -5.27 71.07
CA ARG D 222 91.28 -4.82 72.07
C ARG D 222 92.70 -4.79 71.56
N GLU D 223 93.22 -5.94 71.13
CA GLU D 223 94.58 -6.00 70.61
C GLU D 223 94.66 -5.68 69.12
N GLY D 224 93.52 -5.48 68.47
CA GLY D 224 93.51 -5.05 67.08
C GLY D 224 94.15 -6.01 66.11
N MET D 225 94.13 -7.29 66.42
CA MET D 225 94.75 -8.30 65.58
C MET D 225 93.74 -9.38 65.22
N CYS D 226 93.95 -9.99 64.06
CA CYS D 226 93.11 -11.10 63.60
C CYS D 226 93.41 -12.29 64.49
N ARG D 227 92.53 -12.54 65.46
CA ARG D 227 92.74 -13.65 66.39
C ARG D 227 92.77 -14.99 65.66
N GLN D 228 91.78 -15.23 64.80
CA GLN D 228 91.72 -16.44 64.01
C GLN D 228 91.19 -16.11 62.62
N THR D 229 91.58 -16.91 61.64
CA THR D 229 91.17 -16.73 60.25
C THR D 229 90.46 -18.00 59.79
N PHE D 230 89.21 -17.86 59.40
CA PHE D 230 88.42 -18.98 58.90
C PHE D 230 88.14 -18.80 57.42
N THR D 231 88.36 -19.88 56.66
CA THR D 231 88.16 -19.85 55.21
C THR D 231 87.32 -21.07 54.82
N GLY D 232 87.15 -21.25 53.51
CA GLY D 232 86.43 -22.39 53.00
C GLY D 232 85.42 -22.03 51.92
N HIS D 233 84.86 -20.83 52.01
CA HIS D 233 83.88 -20.38 51.03
C HIS D 233 84.54 -20.21 49.67
N GLU D 234 83.76 -20.44 48.61
CA GLU D 234 84.24 -20.35 47.25
C GLU D 234 83.76 -19.09 46.53
N SER D 235 83.22 -18.13 47.29
CA SER D 235 82.79 -16.86 46.71
C SER D 235 82.73 -15.83 47.81
N ASP D 236 82.33 -14.62 47.44
CA ASP D 236 82.26 -13.51 48.39
C ASP D 236 81.27 -13.81 49.51
N ILE D 237 81.69 -13.54 50.74
CA ILE D 237 80.85 -13.78 51.92
C ILE D 237 79.98 -12.55 52.15
N ASN D 238 78.72 -12.63 51.74
CA ASN D 238 77.84 -11.47 51.83
C ASN D 238 77.32 -11.27 53.24
N ALA D 239 77.07 -12.36 53.96
CA ALA D 239 76.43 -12.29 55.26
C ALA D 239 77.25 -13.03 56.30
N ILE D 240 77.08 -12.64 57.56
CA ILE D 240 77.77 -13.27 58.69
C ILE D 240 77.02 -12.92 59.96
N CYS D 241 77.10 -13.79 60.94
CA CYS D 241 76.32 -13.66 62.17
C CYS D 241 77.10 -14.28 63.32
N PHE D 242 76.39 -14.60 64.41
CA PHE D 242 76.92 -15.42 65.50
C PHE D 242 75.89 -16.43 65.96
N PHE D 243 76.39 -17.50 66.57
CA PHE D 243 75.57 -18.32 67.44
C PHE D 243 75.17 -17.49 68.65
N PRO D 244 74.01 -17.73 69.25
CA PRO D 244 73.57 -16.89 70.38
C PRO D 244 74.57 -16.85 71.55
N ASN D 245 75.30 -17.94 71.77
CA ASN D 245 76.30 -17.93 72.84
C ASN D 245 77.51 -17.08 72.47
N GLY D 246 77.70 -16.80 71.18
CA GLY D 246 78.87 -16.08 70.72
C GLY D 246 80.10 -16.94 70.52
N ASN D 247 80.01 -18.24 70.77
CA ASN D 247 81.14 -19.14 70.60
C ASN D 247 81.29 -19.66 69.19
N ALA D 248 80.29 -19.47 68.33
CA ALA D 248 80.35 -19.94 66.96
C ALA D 248 79.53 -18.99 66.10
N PHE D 249 79.63 -19.17 64.78
CA PHE D 249 78.96 -18.26 63.86
C PHE D 249 78.73 -18.96 62.53
N ALA D 250 77.93 -18.30 61.68
CA ALA D 250 77.58 -18.82 60.37
C ALA D 250 77.80 -17.74 59.32
N THR D 251 78.22 -18.17 58.14
CA THR D 251 78.49 -17.27 57.03
C THR D 251 77.68 -17.69 55.82
N GLY D 252 77.26 -16.70 55.04
CA GLY D 252 76.54 -16.96 53.81
C GLY D 252 77.27 -16.38 52.61
N SER D 253 77.51 -17.21 51.59
CA SER D 253 78.32 -16.79 50.46
C SER D 253 77.46 -16.73 49.19
N ASP D 254 78.04 -16.15 48.15
CA ASP D 254 77.43 -16.16 46.83
C ASP D 254 77.52 -17.55 46.23
N ASP D 255 78.26 -18.43 46.90
CA ASP D 255 78.36 -19.84 46.54
C ASP D 255 77.09 -20.62 46.89
N ALA D 256 76.02 -19.93 47.29
CA ALA D 256 74.76 -20.56 47.67
C ALA D 256 74.96 -21.52 48.85
N THR D 257 75.94 -21.21 49.70
CA THR D 257 76.25 -22.04 50.84
C THR D 257 76.30 -21.20 52.11
N CYS D 258 75.78 -21.74 53.19
CA CYS D 258 75.97 -21.19 54.53
C CYS D 258 76.84 -22.17 55.30
N ARG D 259 77.95 -21.71 55.83
CA ARG D 259 78.87 -22.58 56.57
C ARG D 259 78.97 -22.13 58.01
N LEU D 260 78.88 -23.08 58.94
CA LEU D 260 79.00 -22.77 60.35
C LEU D 260 80.44 -23.02 60.80
N PHE D 261 81.11 -21.96 61.25
CA PHE D 261 82.47 -22.05 61.76
C PHE D 261 82.43 -21.78 63.27
N ASP D 262 83.15 -22.60 64.03
CA ASP D 262 83.20 -22.43 65.48
C ASP D 262 84.51 -21.75 65.88
N LEU D 263 84.41 -20.76 66.75
CA LEU D 263 85.59 -20.06 67.23
C LEU D 263 86.54 -21.01 67.96
N ARG D 264 86.00 -21.87 68.82
CA ARG D 264 86.85 -22.75 69.63
C ARG D 264 87.47 -23.84 68.78
N ALA D 265 86.72 -24.40 67.83
CA ALA D 265 87.19 -25.51 67.03
C ALA D 265 88.07 -25.08 65.86
N ASP D 266 88.00 -23.82 65.44
CA ASP D 266 88.85 -23.28 64.38
C ASP D 266 88.66 -24.06 63.08
N GLN D 267 87.41 -24.37 62.75
CA GLN D 267 87.06 -25.06 61.52
C GLN D 267 85.54 -25.09 61.38
N GLU D 268 85.08 -25.42 60.18
CA GLU D 268 83.66 -25.45 59.91
C GLU D 268 83.00 -26.66 60.59
N LEU D 269 81.75 -26.49 60.99
CA LEU D 269 80.98 -27.55 61.64
C LEU D 269 79.94 -28.18 60.73
N MET D 270 79.22 -27.38 59.93
CA MET D 270 78.25 -27.96 59.01
C MET D 270 78.02 -27.00 57.86
N THR D 271 77.70 -27.56 56.70
CA THR D 271 77.49 -26.79 55.47
C THR D 271 76.03 -26.93 55.05
N TYR D 272 75.27 -25.86 55.23
CA TYR D 272 73.90 -25.76 54.76
C TYR D 272 73.94 -25.41 53.27
N SER D 273 73.64 -26.40 52.44
CA SER D 273 73.62 -26.25 50.99
C SER D 273 72.85 -27.42 50.41
N HIS D 274 72.36 -27.25 49.19
CA HIS D 274 71.51 -28.25 48.56
C HIS D 274 71.42 -27.95 47.07
N ASP D 275 71.14 -29.00 46.29
CA ASP D 275 71.07 -28.85 44.84
C ASP D 275 69.93 -27.91 44.43
N ASN D 276 68.78 -28.03 45.09
CA ASN D 276 67.65 -27.17 44.77
C ASN D 276 67.98 -25.72 45.05
N ILE D 277 68.75 -25.47 46.11
CA ILE D 277 69.06 -24.10 46.52
C ILE D 277 70.34 -23.70 45.80
N ILE D 278 70.17 -22.97 44.69
CA ILE D 278 71.32 -22.40 43.99
C ILE D 278 71.11 -20.91 43.79
N CYS D 279 71.57 -20.11 44.76
CA CYS D 279 71.50 -18.66 44.70
C CYS D 279 72.22 -18.10 45.91
N GLY D 280 72.86 -16.95 45.73
CA GLY D 280 73.69 -16.40 46.79
C GLY D 280 72.88 -15.99 48.00
N ILE D 281 73.45 -16.20 49.18
CA ILE D 281 72.82 -15.74 50.42
C ILE D 281 73.05 -14.23 50.55
N THR D 282 72.04 -13.52 51.03
CA THR D 282 72.16 -12.09 51.20
C THR D 282 72.14 -11.66 52.66
N SER D 283 71.54 -12.44 53.55
CA SER D 283 71.57 -12.13 54.98
C SER D 283 71.35 -13.39 55.82
N VAL D 284 72.07 -13.50 56.93
CA VAL D 284 72.04 -14.68 57.79
C VAL D 284 71.77 -14.26 59.22
N SER D 285 70.87 -14.97 59.89
CA SER D 285 70.63 -14.76 61.31
C SER D 285 70.11 -16.04 61.93
N PHE D 286 70.27 -16.16 63.25
CA PHE D 286 69.84 -17.32 64.01
C PHE D 286 68.53 -17.03 64.72
N SER D 287 68.10 -17.96 65.57
CA SER D 287 66.95 -17.80 66.42
C SER D 287 67.42 -17.47 67.84
N LYS D 288 66.47 -17.41 68.78
CA LYS D 288 66.84 -17.08 70.16
C LYS D 288 67.73 -18.14 70.78
N SER D 289 67.38 -19.42 70.59
CA SER D 289 68.13 -20.51 71.18
C SER D 289 69.19 -21.09 70.25
N GLY D 290 69.23 -20.64 69.00
CA GLY D 290 70.24 -21.11 68.08
C GLY D 290 69.96 -22.46 67.44
N ARG D 291 68.80 -23.05 67.68
CA ARG D 291 68.48 -24.32 67.03
C ARG D 291 68.37 -24.15 65.52
N LEU D 292 67.75 -23.07 65.07
CA LEU D 292 67.47 -22.87 63.66
C LEU D 292 68.54 -21.99 63.03
N LEU D 293 68.42 -21.77 61.72
CA LEU D 293 69.25 -20.83 60.99
C LEU D 293 68.41 -20.17 59.91
N LEU D 294 68.16 -18.87 60.07
CA LEU D 294 67.31 -18.13 59.16
C LEU D 294 68.18 -17.44 58.13
N ALA D 295 68.13 -17.84 56.86
CA ALA D 295 68.98 -17.24 55.85
C ALA D 295 68.15 -16.80 54.65
N GLY D 296 68.22 -15.50 54.33
CA GLY D 296 67.53 -15.02 53.14
C GLY D 296 68.40 -15.17 51.91
N TYR D 297 67.80 -15.66 50.82
CA TYR D 297 68.57 -15.99 49.63
C TYR D 297 68.14 -15.11 48.46
N ASP D 298 68.87 -15.25 47.35
CA ASP D 298 68.57 -14.53 46.12
C ASP D 298 67.38 -15.10 45.37
N ASP D 299 66.81 -16.21 45.83
CA ASP D 299 65.68 -16.84 45.15
C ASP D 299 64.38 -16.12 45.49
N PHE D 300 64.49 -14.89 45.97
CA PHE D 300 63.36 -14.04 46.34
C PHE D 300 62.68 -14.59 47.59
N ASN D 301 63.34 -15.49 48.31
CA ASN D 301 62.74 -16.16 49.45
C ASN D 301 63.74 -16.23 50.59
N CYS D 302 63.30 -16.86 51.69
CA CYS D 302 64.17 -17.18 52.81
C CYS D 302 64.07 -18.66 53.10
N ASN D 303 65.17 -19.24 53.58
CA ASN D 303 65.22 -20.64 53.94
C ASN D 303 65.49 -20.73 55.45
N VAL D 304 64.65 -21.47 56.14
CA VAL D 304 64.82 -21.73 57.57
C VAL D 304 65.42 -23.13 57.68
N TRP D 305 66.72 -23.20 57.92
CA TRP D 305 67.41 -24.48 58.09
C TRP D 305 67.45 -24.84 59.56
N ASP D 306 67.84 -26.08 59.83
CA ASP D 306 68.15 -26.52 61.18
C ASP D 306 69.67 -26.45 61.35
N ALA D 307 70.12 -25.73 62.37
CA ALA D 307 71.54 -25.45 62.52
C ALA D 307 72.35 -26.74 62.72
N LEU D 308 71.80 -27.68 63.47
CA LEU D 308 72.50 -28.90 63.82
C LEU D 308 72.34 -30.02 62.79
N LYS D 309 71.54 -29.81 61.74
CA LYS D 309 71.28 -30.88 60.77
C LYS D 309 71.40 -30.48 59.32
N ALA D 310 71.34 -29.20 58.97
CA ALA D 310 71.38 -28.74 57.58
C ALA D 310 70.25 -29.35 56.76
N ASP D 311 69.02 -29.02 57.17
CA ASP D 311 67.81 -29.43 56.48
C ASP D 311 66.86 -28.26 56.37
N ARG D 312 66.11 -28.20 55.27
CA ARG D 312 65.12 -27.13 55.08
C ARG D 312 63.96 -27.38 56.03
N ALA D 313 64.08 -26.80 57.23
CA ALA D 313 62.98 -26.88 58.17
C ALA D 313 61.76 -26.10 57.67
N GLY D 314 61.99 -25.06 56.88
CA GLY D 314 60.89 -24.30 56.33
C GLY D 314 61.36 -23.34 55.27
N VAL D 315 60.40 -22.72 54.59
CA VAL D 315 60.67 -21.72 53.57
C VAL D 315 59.75 -20.53 53.83
N LEU D 316 60.33 -19.33 53.84
CA LEU D 316 59.53 -18.11 53.93
C LEU D 316 59.39 -17.50 52.54
N ALA D 317 58.15 -17.37 52.08
CA ALA D 317 57.85 -16.90 50.73
C ALA D 317 56.82 -15.79 50.80
N GLY D 318 56.91 -14.83 49.89
CA GLY D 318 56.06 -13.65 49.94
C GLY D 318 56.73 -12.40 49.44
N HIS D 319 58.06 -12.40 49.34
CA HIS D 319 58.78 -11.33 48.68
C HIS D 319 58.97 -11.66 47.21
N ASP D 320 58.65 -10.70 46.33
CA ASP D 320 58.81 -10.96 44.91
C ASP D 320 60.23 -10.66 44.44
N ASN D 321 60.92 -9.76 45.11
CA ASN D 321 62.30 -9.45 44.77
C ASN D 321 63.22 -10.07 45.83
N ARG D 322 64.53 -9.84 45.72
CA ARG D 322 65.50 -10.52 46.57
C ARG D 322 65.38 -10.03 48.01
N VAL D 323 65.58 -10.97 48.95
CA VAL D 323 65.56 -10.63 50.37
C VAL D 323 66.90 -10.01 50.75
N SER D 324 66.95 -8.69 50.77
CA SER D 324 68.22 -7.99 50.98
C SER D 324 68.66 -8.05 52.43
N CYS D 325 67.74 -7.88 53.36
CA CYS D 325 68.11 -7.79 54.76
C CYS D 325 67.23 -8.70 55.62
N LEU D 326 67.82 -9.17 56.71
CA LEU D 326 67.18 -10.14 57.60
C LEU D 326 67.55 -9.80 59.03
N GLY D 327 66.61 -10.03 59.93
CA GLY D 327 66.89 -9.76 61.33
C GLY D 327 65.94 -10.38 62.33
N VAL D 328 66.47 -11.06 63.32
CA VAL D 328 65.68 -11.61 64.41
C VAL D 328 65.59 -10.56 65.51
N THR D 329 64.46 -10.51 66.20
CA THR D 329 64.29 -9.55 67.29
C THR D 329 65.29 -9.83 68.40
N ASP D 330 65.67 -8.78 69.13
CA ASP D 330 66.72 -8.91 70.13
C ASP D 330 66.34 -9.93 71.21
N ASP D 331 65.09 -9.90 71.67
CA ASP D 331 64.63 -10.93 72.58
C ASP D 331 64.42 -12.25 71.86
N GLY D 332 63.89 -12.21 70.64
CA GLY D 332 63.65 -13.40 69.85
C GLY D 332 62.21 -13.65 69.44
N MET D 333 61.33 -12.66 69.57
CA MET D 333 59.91 -12.89 69.26
C MET D 333 59.70 -13.28 67.81
N ALA D 334 60.23 -12.50 66.87
CA ALA D 334 59.90 -12.70 65.46
C ALA D 334 61.09 -12.31 64.59
N VAL D 335 61.05 -12.79 63.36
CA VAL D 335 62.08 -12.49 62.37
C VAL D 335 61.49 -11.57 61.31
N ALA D 336 62.34 -10.75 60.71
CA ALA D 336 61.92 -9.77 59.74
C ALA D 336 62.79 -9.85 58.49
N THR D 337 62.17 -9.63 57.34
CA THR D 337 62.84 -9.68 56.06
C THR D 337 62.50 -8.45 55.24
N GLY D 338 63.52 -7.69 54.86
CA GLY D 338 63.29 -6.54 54.00
C GLY D 338 63.84 -6.81 52.62
N SER D 339 63.03 -6.59 51.59
CA SER D 339 63.41 -6.98 50.25
C SER D 339 63.59 -5.75 49.35
N TRP D 340 64.06 -6.02 48.13
CA TRP D 340 64.21 -4.97 47.13
C TRP D 340 62.83 -4.59 46.58
N ASP D 341 61.80 -5.30 47.01
CA ASP D 341 60.43 -4.96 46.64
C ASP D 341 59.96 -3.65 47.24
N SER D 342 60.81 -2.99 48.03
CA SER D 342 60.51 -1.77 48.77
C SER D 342 59.56 -2.03 49.93
N PHE D 343 59.51 -3.26 50.43
CA PHE D 343 58.68 -3.60 51.58
C PHE D 343 59.49 -4.46 52.55
N LEU D 344 59.08 -4.44 53.82
CA LEU D 344 59.77 -5.17 54.87
C LEU D 344 58.71 -5.95 55.66
N LYS D 345 58.67 -7.26 55.49
CA LYS D 345 57.71 -8.08 56.18
C LYS D 345 58.24 -8.54 57.54
N ILE D 346 57.33 -8.89 58.42
CA ILE D 346 57.66 -9.33 59.78
C ILE D 346 57.16 -10.76 59.90
N TRP D 347 58.02 -11.73 59.62
CA TRP D 347 57.62 -13.12 59.76
C TRP D 347 57.60 -13.54 61.22
N ASN D 348 56.79 -14.55 61.52
CA ASN D 348 56.71 -15.08 62.87
C ASN D 348 55.97 -16.42 62.84
N SER E 8 107.33 -5.14 48.55
CA SER E 8 106.44 -5.38 49.68
C SER E 8 106.96 -6.53 50.54
N ILE E 9 108.28 -6.61 50.66
CA ILE E 9 108.88 -7.69 51.45
C ILE E 9 108.55 -7.52 52.93
N ALA E 10 108.63 -6.29 53.43
CA ALA E 10 108.34 -6.04 54.85
C ALA E 10 106.88 -6.32 55.17
N GLN E 11 105.97 -5.89 54.30
CA GLN E 11 104.55 -6.16 54.52
C GLN E 11 104.25 -7.65 54.39
N ALA E 12 104.92 -8.33 53.47
CA ALA E 12 104.76 -9.77 53.37
C ALA E 12 105.23 -10.47 54.63
N ARG E 13 106.34 -10.02 55.21
CA ARG E 13 106.83 -10.62 56.44
C ARG E 13 105.89 -10.32 57.61
N LYS E 14 105.30 -9.13 57.63
CA LYS E 14 104.29 -8.83 58.64
C LYS E 14 103.09 -9.75 58.51
N LEU E 15 102.66 -10.00 57.27
CA LEU E 15 101.59 -10.97 57.05
C LEU E 15 102.00 -12.35 57.52
N VAL E 16 103.26 -12.74 57.28
CA VAL E 16 103.74 -14.05 57.69
C VAL E 16 103.71 -14.18 59.22
N GLU E 17 104.15 -13.14 59.92
CA GLU E 17 104.14 -13.21 61.38
C GLU E 17 102.70 -13.19 61.91
N GLN E 18 101.78 -12.54 61.19
CA GLN E 18 100.38 -12.63 61.55
C GLN E 18 99.87 -14.07 61.41
N LEU E 19 100.30 -14.75 60.34
CA LEU E 19 99.98 -16.18 60.20
C LEU E 19 100.57 -16.98 61.35
N LYS E 20 101.79 -16.66 61.78
CA LYS E 20 102.37 -17.34 62.94
C LYS E 20 101.49 -17.15 64.17
N MET E 21 101.04 -15.91 64.40
CA MET E 21 100.19 -15.65 65.56
C MET E 21 98.89 -16.42 65.46
N GLU E 22 98.33 -16.53 64.26
CA GLU E 22 97.11 -17.32 64.08
C GLU E 22 97.37 -18.80 64.36
N ALA E 23 98.54 -19.30 63.97
CA ALA E 23 98.85 -20.71 64.18
C ALA E 23 99.11 -21.02 65.65
N ASN E 24 99.63 -20.05 66.39
CA ASN E 24 100.06 -20.31 67.77
C ASN E 24 98.90 -20.62 68.70
N ILE E 25 97.66 -20.38 68.26
CA ILE E 25 96.52 -20.58 69.15
C ILE E 25 96.38 -22.06 69.48
N ASP E 26 95.79 -22.34 70.63
CA ASP E 26 95.54 -23.71 71.08
C ASP E 26 94.11 -24.08 70.70
N ARG E 27 93.98 -25.03 69.79
CA ARG E 27 92.66 -25.44 69.29
C ARG E 27 92.03 -26.46 70.24
N ILE E 28 90.81 -26.89 69.89
CA ILE E 28 90.08 -27.87 70.68
C ILE E 28 89.47 -28.88 69.72
N LYS E 29 88.92 -29.96 70.24
CA LYS E 29 88.32 -31.01 69.43
C LYS E 29 86.88 -30.65 69.07
N VAL E 30 86.42 -31.13 67.92
CA VAL E 30 85.10 -30.79 67.41
C VAL E 30 84.00 -31.34 68.31
N SER E 31 84.23 -32.52 68.91
CA SER E 31 83.17 -33.20 69.66
C SER E 31 82.68 -32.37 70.83
N LYS E 32 83.61 -31.78 71.59
CA LYS E 32 83.20 -30.95 72.72
C LYS E 32 82.45 -29.71 72.26
N ALA E 33 82.89 -29.11 71.15
CA ALA E 33 82.20 -27.95 70.61
C ALA E 33 80.78 -28.29 70.19
N ALA E 34 80.61 -29.43 69.53
CA ALA E 34 79.27 -29.86 69.15
C ALA E 34 78.42 -30.14 70.38
N ALA E 35 79.02 -30.71 71.42
CA ALA E 35 78.28 -30.94 72.66
C ALA E 35 77.83 -29.64 73.29
N ASP E 36 78.69 -28.62 73.28
CA ASP E 36 78.31 -27.32 73.83
C ASP E 36 77.19 -26.69 73.01
N LEU E 37 77.28 -26.77 71.69
CA LEU E 37 76.21 -26.27 70.84
C LEU E 37 74.90 -26.98 71.15
N MET E 38 74.94 -28.30 71.27
CA MET E 38 73.75 -29.08 71.58
C MET E 38 73.17 -28.68 72.93
N ALA E 39 74.03 -28.50 73.93
CA ALA E 39 73.56 -28.10 75.25
C ALA E 39 72.90 -26.73 75.20
N TYR E 40 73.48 -25.79 74.46
CA TYR E 40 72.88 -24.47 74.34
C TYR E 40 71.53 -24.55 73.63
N CYS E 41 71.42 -25.40 72.62
CA CYS E 41 70.17 -25.50 71.86
C CYS E 41 69.02 -25.94 72.75
N GLU E 42 69.24 -26.94 73.60
CA GLU E 42 68.17 -27.45 74.44
C GLU E 42 68.06 -26.74 75.78
N ALA E 43 69.05 -25.92 76.15
CA ALA E 43 68.98 -25.21 77.42
C ALA E 43 67.93 -24.10 77.40
N HIS E 44 67.83 -23.39 76.28
CA HIS E 44 66.88 -22.29 76.13
C HIS E 44 65.75 -22.63 75.18
N ALA E 45 65.36 -23.91 75.12
CA ALA E 45 64.30 -24.33 74.22
C ALA E 45 62.98 -23.68 74.58
N LYS E 46 62.64 -23.67 75.88
CA LYS E 46 61.38 -23.06 76.31
C LYS E 46 61.36 -21.56 76.06
N GLU E 47 62.48 -20.88 76.31
CA GLU E 47 62.52 -19.43 76.15
C GLU E 47 62.37 -19.03 74.69
N ASP E 48 62.90 -19.84 73.76
CA ASP E 48 62.84 -19.51 72.35
C ASP E 48 61.40 -19.56 71.86
N PRO E 49 60.86 -18.44 71.36
CA PRO E 49 59.47 -18.40 70.91
C PRO E 49 59.26 -18.66 69.41
N LEU E 50 60.30 -19.06 68.68
CA LEU E 50 60.16 -19.37 67.27
C LEU E 50 60.24 -20.85 66.96
N LEU E 51 60.87 -21.65 67.83
CA LEU E 51 60.82 -23.10 67.66
C LEU E 51 59.42 -23.63 67.86
N THR E 52 58.78 -23.25 68.96
CA THR E 52 57.39 -23.61 69.24
C THR E 52 56.59 -22.33 69.34
N PRO E 53 55.63 -22.09 68.44
CA PRO E 53 54.82 -20.87 68.51
C PRO E 53 54.20 -20.66 69.89
N VAL E 54 54.38 -19.46 70.44
CA VAL E 54 53.91 -19.14 71.78
C VAL E 54 52.39 -19.07 71.78
N PRO E 55 51.73 -19.17 72.95
CA PRO E 55 50.27 -19.00 72.99
C PRO E 55 49.80 -17.75 72.25
N ALA E 56 48.63 -17.86 71.61
CA ALA E 56 48.13 -16.78 70.76
C ALA E 56 48.03 -15.46 71.50
N SER E 57 47.60 -15.51 72.76
CA SER E 57 47.53 -14.29 73.56
C SER E 57 48.91 -13.83 73.99
N GLU E 58 49.83 -14.78 74.24
CA GLU E 58 51.17 -14.41 74.67
C GLU E 58 51.91 -13.62 73.60
N ASN E 59 51.77 -14.02 72.34
CA ASN E 59 52.42 -13.32 71.23
C ASN E 59 51.80 -11.93 71.08
N PRO E 60 52.58 -10.86 71.26
CA PRO E 60 52.01 -9.51 71.10
C PRO E 60 51.85 -9.10 69.64
N PHE E 61 52.29 -9.91 68.69
CA PHE E 61 52.17 -9.57 67.28
C PHE E 61 50.82 -9.94 66.70
N ARG E 62 49.95 -10.57 67.48
CA ARG E 62 48.59 -10.89 67.05
C ARG E 62 47.78 -9.62 66.83
#